data_6IK4
# 
_entry.id   6IK4 
# 
_audit_conform.dict_name       mmcif_pdbx.dic 
_audit_conform.dict_version    5.397 
_audit_conform.dict_location   http://mmcif.pdb.org/dictionaries/ascii/mmcif_pdbx.dic 
# 
loop_
_database_2.database_id 
_database_2.database_code 
_database_2.pdbx_database_accession 
_database_2.pdbx_DOI 
PDB   6IK4         pdb_00006ik4 10.2210/pdb6ik4/pdb 
WWPDB D_1300009110 ?            ?                   
# 
loop_
_pdbx_audit_revision_history.ordinal 
_pdbx_audit_revision_history.data_content_type 
_pdbx_audit_revision_history.major_revision 
_pdbx_audit_revision_history.minor_revision 
_pdbx_audit_revision_history.revision_date 
1 'Structure model' 1 0 2019-10-16 
2 'Structure model' 1 1 2020-04-29 
3 'Structure model' 1 2 2023-11-22 
4 'Structure model' 1 3 2024-10-09 
# 
_pdbx_audit_revision_details.ordinal             1 
_pdbx_audit_revision_details.revision_ordinal    1 
_pdbx_audit_revision_details.data_content_type   'Structure model' 
_pdbx_audit_revision_details.provider            repository 
_pdbx_audit_revision_details.type                'Initial release' 
_pdbx_audit_revision_details.description         ? 
_pdbx_audit_revision_details.details             ? 
# 
loop_
_pdbx_audit_revision_group.ordinal 
_pdbx_audit_revision_group.revision_ordinal 
_pdbx_audit_revision_group.data_content_type 
_pdbx_audit_revision_group.group 
1 2 'Structure model' 'Database references'    
2 3 'Structure model' 'Data collection'        
3 3 'Structure model' 'Database references'    
4 3 'Structure model' 'Refinement description' 
5 4 'Structure model' 'Structure summary'      
# 
loop_
_pdbx_audit_revision_category.ordinal 
_pdbx_audit_revision_category.revision_ordinal 
_pdbx_audit_revision_category.data_content_type 
_pdbx_audit_revision_category.category 
1 2 'Structure model' citation                      
2 2 'Structure model' citation_author               
3 3 'Structure model' chem_comp_atom                
4 3 'Structure model' chem_comp_bond                
5 3 'Structure model' database_2                    
6 3 'Structure model' pdbx_initial_refinement_model 
7 4 'Structure model' pdbx_entry_details            
8 4 'Structure model' pdbx_modification_feature     
# 
loop_
_pdbx_audit_revision_item.ordinal 
_pdbx_audit_revision_item.revision_ordinal 
_pdbx_audit_revision_item.data_content_type 
_pdbx_audit_revision_item.item 
1  2 'Structure model' '_citation.country'                   
2  2 'Structure model' '_citation.journal_abbrev'            
3  2 'Structure model' '_citation.journal_id_CSD'            
4  2 'Structure model' '_citation.journal_id_ISSN'           
5  2 'Structure model' '_citation.journal_volume'            
6  2 'Structure model' '_citation.page_first'                
7  2 'Structure model' '_citation.page_last'                 
8  2 'Structure model' '_citation.pdbx_database_id_DOI'      
9  2 'Structure model' '_citation.pdbx_database_id_PubMed'   
10 2 'Structure model' '_citation.title'                     
11 2 'Structure model' '_citation.year'                      
12 3 'Structure model' '_database_2.pdbx_DOI'                
13 3 'Structure model' '_database_2.pdbx_database_accession' 
# 
_pdbx_database_status.status_code                     REL 
_pdbx_database_status.status_code_sf                  REL 
_pdbx_database_status.status_code_mr                  ? 
_pdbx_database_status.entry_id                        6IK4 
_pdbx_database_status.recvd_initial_deposition_date   2018-10-14 
_pdbx_database_status.SG_entry                        N 
_pdbx_database_status.deposit_site                    PDBJ 
_pdbx_database_status.process_site                    PDBJ 
_pdbx_database_status.status_code_cs                  ? 
_pdbx_database_status.methods_development_category    ? 
_pdbx_database_status.pdb_format_compatible           Y 
_pdbx_database_status.status_code_nmr_data            ? 
# 
loop_
_audit_author.name 
_audit_author.pdbx_ordinal 
_audit_author.identifier_ORCID 
'Zhao, H.L.'  1 0000-0003-0311-2991 
'Tang, B.L.'  2 0000-0002-1809-846X 
'Yang, J.'    3 0000-0001-9785-5117 
'Chen, X.L.'  4 0000-0003-2991-3631 
'Zhang, Y.Z.' 5 0000-0002-2017-1005 
# 
_citation.abstract                  ? 
_citation.abstract_id_CAS           ? 
_citation.book_id_ISBN              ? 
_citation.book_publisher            ? 
_citation.book_publisher_city       ? 
_citation.book_title                ? 
_citation.coordinate_linkage        ? 
_citation.country                   UK 
_citation.database_id_Medline       ? 
_citation.details                   ? 
_citation.id                        primary 
_citation.journal_abbrev            'Nat Commun' 
_citation.journal_id_ASTM           ? 
_citation.journal_id_CSD            ? 
_citation.journal_id_ISSN           2041-1723 
_citation.journal_full              ? 
_citation.journal_issue             ? 
_citation.journal_volume            11 
_citation.language                  ? 
_citation.page_first                285 
_citation.page_last                 285 
_citation.title                     
'A predator-prey interaction between a marine Pseudoalteromonas sp. and Gram-positive bacteria.' 
_citation.year                      2020 
_citation.database_id_CSD           ? 
_citation.pdbx_database_id_DOI      10.1038/s41467-019-14133-x 
_citation.pdbx_database_id_PubMed   31941905 
_citation.unpublished_flag          ? 
# 
loop_
_citation_author.citation_id 
_citation_author.name 
_citation_author.ordinal 
_citation_author.identifier_ORCID 
primary 'Tang, B.L.'  1  ?                   
primary 'Yang, J.'    2  ?                   
primary 'Chen, X.L.'  3  ?                   
primary 'Wang, P.'    4  ?                   
primary 'Zhao, H.L.'  5  ?                   
primary 'Su, H.N.'    6  ?                   
primary 'Li, C.Y.'    7  ?                   
primary 'Yu, Y.'      8  ?                   
primary 'Zhong, S.'   9  ?                   
primary 'Wang, L.'    10 ?                   
primary 'Lidbury, I.' 11 ?                   
primary 'Ding, H.'    12 ?                   
primary 'Wang, M.'    13 ?                   
primary 'McMinn, A.'  14 ?                   
primary 'Zhang, X.Y.' 15 ?                   
primary 'Chen, Y.'    16 0000-0002-0367-4276 
primary 'Zhang, Y.Z.' 17 ?                   
# 
loop_
_entity.id 
_entity.type 
_entity.src_method 
_entity.pdbx_description 
_entity.formula_weight 
_entity.pdbx_number_of_molecules 
_entity.pdbx_ec 
_entity.pdbx_mutation 
_entity.pdbx_fragment 
_entity.details 
1 polymer     nat 'Elastinolytic metalloprotease' 19389.939 1   ? ? 'UNP residues 231-403' ? 
2 non-polymer syn 'ZINC ION'                      65.409    1   ? ? ?                      ? 
3 non-polymer syn GLYCEROL                        92.094    1   ? ? ?                      ? 
4 water       nat water                           18.015    168 ? ? ?                      ? 
# 
_entity_poly.entity_id                      1 
_entity_poly.type                           'polypeptide(L)' 
_entity_poly.nstd_linkage                   no 
_entity_poly.nstd_monomer                   no 
_entity_poly.pdbx_seq_one_letter_code       
;ATFTMNLPWSQGYYWYSGGAHSNTGSGYPYSSLDFNNGSGGWGSNTPWVQAAHGGVITRFSSCNIRVTHSSGFATNYYHM
SNLQYNNGDTVQPGTLLGRYANSYNQALCEGGQSSGPHVHFTLLQNGQQVSLHNRYISNYRIDVGNSNYDSNCNNFYFER
NGRRTCAWRPLYR
;
_entity_poly.pdbx_seq_one_letter_code_can   
;ATFTMNLPWSQGYYWYSGGAHSNTGSGYPYSSLDFNNGSGGWGSNTPWVQAAHGGVITRFSSCNIRVTHSSGFATNYYHM
SNLQYNNGDTVQPGTLLGRYANSYNQALCEGGQSSGPHVHFTLLQNGQQVSLHNRYISNYRIDVGNSNYDSNCNNFYFER
NGRRTCAWRPLYR
;
_entity_poly.pdbx_strand_id                 A 
_entity_poly.pdbx_target_identifier         ? 
# 
loop_
_pdbx_entity_nonpoly.entity_id 
_pdbx_entity_nonpoly.name 
_pdbx_entity_nonpoly.comp_id 
2 'ZINC ION' ZN  
3 GLYCEROL   GOL 
4 water      HOH 
# 
loop_
_entity_poly_seq.entity_id 
_entity_poly_seq.num 
_entity_poly_seq.mon_id 
_entity_poly_seq.hetero 
1 1   ALA n 
1 2   THR n 
1 3   PHE n 
1 4   THR n 
1 5   MET n 
1 6   ASN n 
1 7   LEU n 
1 8   PRO n 
1 9   TRP n 
1 10  SER n 
1 11  GLN n 
1 12  GLY n 
1 13  TYR n 
1 14  TYR n 
1 15  TRP n 
1 16  TYR n 
1 17  SER n 
1 18  GLY n 
1 19  GLY n 
1 20  ALA n 
1 21  HIS n 
1 22  SER n 
1 23  ASN n 
1 24  THR n 
1 25  GLY n 
1 26  SER n 
1 27  GLY n 
1 28  TYR n 
1 29  PRO n 
1 30  TYR n 
1 31  SER n 
1 32  SER n 
1 33  LEU n 
1 34  ASP n 
1 35  PHE n 
1 36  ASN n 
1 37  ASN n 
1 38  GLY n 
1 39  SER n 
1 40  GLY n 
1 41  GLY n 
1 42  TRP n 
1 43  GLY n 
1 44  SER n 
1 45  ASN n 
1 46  THR n 
1 47  PRO n 
1 48  TRP n 
1 49  VAL n 
1 50  GLN n 
1 51  ALA n 
1 52  ALA n 
1 53  HIS n 
1 54  GLY n 
1 55  GLY n 
1 56  VAL n 
1 57  ILE n 
1 58  THR n 
1 59  ARG n 
1 60  PHE n 
1 61  SER n 
1 62  SER n 
1 63  CYS n 
1 64  ASN n 
1 65  ILE n 
1 66  ARG n 
1 67  VAL n 
1 68  THR n 
1 69  HIS n 
1 70  SER n 
1 71  SER n 
1 72  GLY n 
1 73  PHE n 
1 74  ALA n 
1 75  THR n 
1 76  ASN n 
1 77  TYR n 
1 78  TYR n 
1 79  HIS n 
1 80  MET n 
1 81  SER n 
1 82  ASN n 
1 83  LEU n 
1 84  GLN n 
1 85  TYR n 
1 86  ASN n 
1 87  ASN n 
1 88  GLY n 
1 89  ASP n 
1 90  THR n 
1 91  VAL n 
1 92  GLN n 
1 93  PRO n 
1 94  GLY n 
1 95  THR n 
1 96  LEU n 
1 97  LEU n 
1 98  GLY n 
1 99  ARG n 
1 100 TYR n 
1 101 ALA n 
1 102 ASN n 
1 103 SER n 
1 104 TYR n 
1 105 ASN n 
1 106 GLN n 
1 107 ALA n 
1 108 LEU n 
1 109 CYS n 
1 110 GLU n 
1 111 GLY n 
1 112 GLY n 
1 113 GLN n 
1 114 SER n 
1 115 SER n 
1 116 GLY n 
1 117 PRO n 
1 118 HIS n 
1 119 VAL n 
1 120 HIS n 
1 121 PHE n 
1 122 THR n 
1 123 LEU n 
1 124 LEU n 
1 125 GLN n 
1 126 ASN n 
1 127 GLY n 
1 128 GLN n 
1 129 GLN n 
1 130 VAL n 
1 131 SER n 
1 132 LEU n 
1 133 HIS n 
1 134 ASN n 
1 135 ARG n 
1 136 TYR n 
1 137 ILE n 
1 138 SER n 
1 139 ASN n 
1 140 TYR n 
1 141 ARG n 
1 142 ILE n 
1 143 ASP n 
1 144 VAL n 
1 145 GLY n 
1 146 ASN n 
1 147 SER n 
1 148 ASN n 
1 149 TYR n 
1 150 ASP n 
1 151 SER n 
1 152 ASN n 
1 153 CYS n 
1 154 ASN n 
1 155 ASN n 
1 156 PHE n 
1 157 TYR n 
1 158 PHE n 
1 159 GLU n 
1 160 ARG n 
1 161 ASN n 
1 162 GLY n 
1 163 ARG n 
1 164 ARG n 
1 165 THR n 
1 166 CYS n 
1 167 ALA n 
1 168 TRP n 
1 169 ARG n 
1 170 PRO n 
1 171 LEU n 
1 172 TYR n 
1 173 ARG n 
# 
_entity_src_nat.entity_id                  1 
_entity_src_nat.pdbx_src_id                1 
_entity_src_nat.pdbx_alt_source_flag       sample 
_entity_src_nat.pdbx_beg_seq_num           1 
_entity_src_nat.pdbx_end_seq_num           173 
_entity_src_nat.common_name                ? 
_entity_src_nat.pdbx_organism_scientific   'Pseudoalteromonas sp. CF6-2' 
_entity_src_nat.pdbx_ncbi_taxonomy_id      562716 
_entity_src_nat.genus                      ? 
_entity_src_nat.species                    ? 
_entity_src_nat.strain                     ? 
_entity_src_nat.tissue                     ? 
_entity_src_nat.tissue_fraction            ? 
_entity_src_nat.pdbx_secretion             ? 
_entity_src_nat.pdbx_fragment              ? 
_entity_src_nat.pdbx_variant               ? 
_entity_src_nat.pdbx_cell_line             ? 
_entity_src_nat.pdbx_atcc                  ? 
_entity_src_nat.pdbx_cellular_location     ? 
_entity_src_nat.pdbx_organ                 ? 
_entity_src_nat.pdbx_organelle             ? 
_entity_src_nat.pdbx_cell                  ? 
_entity_src_nat.pdbx_plasmid_name          ? 
_entity_src_nat.pdbx_plasmid_details       ? 
_entity_src_nat.details                    ? 
# 
loop_
_chem_comp.id 
_chem_comp.type 
_chem_comp.mon_nstd_flag 
_chem_comp.name 
_chem_comp.pdbx_synonyms 
_chem_comp.formula 
_chem_comp.formula_weight 
ALA 'L-peptide linking' y ALANINE         ?                               'C3 H7 N O2'     89.093  
ARG 'L-peptide linking' y ARGININE        ?                               'C6 H15 N4 O2 1' 175.209 
ASN 'L-peptide linking' y ASPARAGINE      ?                               'C4 H8 N2 O3'    132.118 
ASP 'L-peptide linking' y 'ASPARTIC ACID' ?                               'C4 H7 N O4'     133.103 
CYS 'L-peptide linking' y CYSTEINE        ?                               'C3 H7 N O2 S'   121.158 
GLN 'L-peptide linking' y GLUTAMINE       ?                               'C5 H10 N2 O3'   146.144 
GLU 'L-peptide linking' y 'GLUTAMIC ACID' ?                               'C5 H9 N O4'     147.129 
GLY 'peptide linking'   y GLYCINE         ?                               'C2 H5 N O2'     75.067  
GOL non-polymer         . GLYCEROL        'GLYCERIN; PROPANE-1,2,3-TRIOL' 'C3 H8 O3'       92.094  
HIS 'L-peptide linking' y HISTIDINE       ?                               'C6 H10 N3 O2 1' 156.162 
HOH non-polymer         . WATER           ?                               'H2 O'           18.015  
ILE 'L-peptide linking' y ISOLEUCINE      ?                               'C6 H13 N O2'    131.173 
LEU 'L-peptide linking' y LEUCINE         ?                               'C6 H13 N O2'    131.173 
MET 'L-peptide linking' y METHIONINE      ?                               'C5 H11 N O2 S'  149.211 
PHE 'L-peptide linking' y PHENYLALANINE   ?                               'C9 H11 N O2'    165.189 
PRO 'L-peptide linking' y PROLINE         ?                               'C5 H9 N O2'     115.130 
SER 'L-peptide linking' y SERINE          ?                               'C3 H7 N O3'     105.093 
THR 'L-peptide linking' y THREONINE       ?                               'C4 H9 N O3'     119.119 
TRP 'L-peptide linking' y TRYPTOPHAN      ?                               'C11 H12 N2 O2'  204.225 
TYR 'L-peptide linking' y TYROSINE        ?                               'C9 H11 N O3'    181.189 
VAL 'L-peptide linking' y VALINE          ?                               'C5 H11 N O2'    117.146 
ZN  non-polymer         . 'ZINC ION'      ?                               'Zn 2'           65.409  
# 
loop_
_pdbx_poly_seq_scheme.asym_id 
_pdbx_poly_seq_scheme.entity_id 
_pdbx_poly_seq_scheme.seq_id 
_pdbx_poly_seq_scheme.mon_id 
_pdbx_poly_seq_scheme.ndb_seq_num 
_pdbx_poly_seq_scheme.pdb_seq_num 
_pdbx_poly_seq_scheme.auth_seq_num 
_pdbx_poly_seq_scheme.pdb_mon_id 
_pdbx_poly_seq_scheme.auth_mon_id 
_pdbx_poly_seq_scheme.pdb_strand_id 
_pdbx_poly_seq_scheme.pdb_ins_code 
_pdbx_poly_seq_scheme.hetero 
A 1 1   ALA 1   1   1   ALA ALA A . n 
A 1 2   THR 2   2   2   THR THR A . n 
A 1 3   PHE 3   3   3   PHE PHE A . n 
A 1 4   THR 4   4   4   THR THR A . n 
A 1 5   MET 5   5   5   MET MET A . n 
A 1 6   ASN 6   6   6   ASN ASN A . n 
A 1 7   LEU 7   7   7   LEU LEU A . n 
A 1 8   PRO 8   8   8   PRO PRO A . n 
A 1 9   TRP 9   9   9   TRP TRP A . n 
A 1 10  SER 10  10  10  SER SER A . n 
A 1 11  GLN 11  11  11  GLN GLN A . n 
A 1 12  GLY 12  12  12  GLY GLY A . n 
A 1 13  TYR 13  13  13  TYR TYR A . n 
A 1 14  TYR 14  14  14  TYR TYR A . n 
A 1 15  TRP 15  15  15  TRP TRP A . n 
A 1 16  TYR 16  16  16  TYR TYR A . n 
A 1 17  SER 17  17  17  SER SER A . n 
A 1 18  GLY 18  18  18  GLY GLY A . n 
A 1 19  GLY 19  19  19  GLY GLY A . n 
A 1 20  ALA 20  20  20  ALA ALA A . n 
A 1 21  HIS 21  21  21  HIS HIS A . n 
A 1 22  SER 22  22  22  SER SER A . n 
A 1 23  ASN 23  23  23  ASN ASN A . n 
A 1 24  THR 24  24  24  THR THR A . n 
A 1 25  GLY 25  25  25  GLY GLY A . n 
A 1 26  SER 26  26  26  SER SER A . n 
A 1 27  GLY 27  27  27  GLY GLY A . n 
A 1 28  TYR 28  28  28  TYR TYR A . n 
A 1 29  PRO 29  29  29  PRO PRO A . n 
A 1 30  TYR 30  30  30  TYR TYR A . n 
A 1 31  SER 31  31  31  SER SER A . n 
A 1 32  SER 32  32  32  SER SER A . n 
A 1 33  LEU 33  33  33  LEU LEU A . n 
A 1 34  ASP 34  34  34  ASP ASP A . n 
A 1 35  PHE 35  35  35  PHE PHE A . n 
A 1 36  ASN 36  36  36  ASN ASN A . n 
A 1 37  ASN 37  37  37  ASN ASN A . n 
A 1 38  GLY 38  38  38  GLY GLY A . n 
A 1 39  SER 39  39  39  SER SER A . n 
A 1 40  GLY 40  40  40  GLY GLY A . n 
A 1 41  GLY 41  41  41  GLY GLY A . n 
A 1 42  TRP 42  42  42  TRP TRP A . n 
A 1 43  GLY 43  43  43  GLY GLY A . n 
A 1 44  SER 44  44  44  SER SER A . n 
A 1 45  ASN 45  45  45  ASN ASN A . n 
A 1 46  THR 46  46  46  THR THR A . n 
A 1 47  PRO 47  47  47  PRO PRO A . n 
A 1 48  TRP 48  48  48  TRP TRP A . n 
A 1 49  VAL 49  49  49  VAL VAL A . n 
A 1 50  GLN 50  50  50  GLN GLN A . n 
A 1 51  ALA 51  51  51  ALA ALA A . n 
A 1 52  ALA 52  52  52  ALA ALA A . n 
A 1 53  HIS 53  53  53  HIS HIS A . n 
A 1 54  GLY 54  54  54  GLY GLY A . n 
A 1 55  GLY 55  55  55  GLY GLY A . n 
A 1 56  VAL 56  56  56  VAL VAL A . n 
A 1 57  ILE 57  57  57  ILE ILE A . n 
A 1 58  THR 58  58  58  THR THR A . n 
A 1 59  ARG 59  59  59  ARG ARG A . n 
A 1 60  PHE 60  60  60  PHE PHE A . n 
A 1 61  SER 61  61  61  SER SER A . n 
A 1 62  SER 62  62  62  SER SER A . n 
A 1 63  CYS 63  63  63  CYS CYS A . n 
A 1 64  ASN 64  64  64  ASN ASN A . n 
A 1 65  ILE 65  65  65  ILE ILE A . n 
A 1 66  ARG 66  66  66  ARG ARG A . n 
A 1 67  VAL 67  67  67  VAL VAL A . n 
A 1 68  THR 68  68  68  THR THR A . n 
A 1 69  HIS 69  69  69  HIS HIS A . n 
A 1 70  SER 70  70  70  SER SER A . n 
A 1 71  SER 71  71  71  SER SER A . n 
A 1 72  GLY 72  72  72  GLY GLY A . n 
A 1 73  PHE 73  73  73  PHE PHE A . n 
A 1 74  ALA 74  74  74  ALA ALA A . n 
A 1 75  THR 75  75  75  THR THR A . n 
A 1 76  ASN 76  76  76  ASN ASN A . n 
A 1 77  TYR 77  77  77  TYR TYR A . n 
A 1 78  TYR 78  78  78  TYR TYR A . n 
A 1 79  HIS 79  79  79  HIS HIS A . n 
A 1 80  MET 80  80  80  MET MET A . n 
A 1 81  SER 81  81  81  SER SER A . n 
A 1 82  ASN 82  82  82  ASN ASN A . n 
A 1 83  LEU 83  83  83  LEU LEU A . n 
A 1 84  GLN 84  84  84  GLN GLN A . n 
A 1 85  TYR 85  85  85  TYR TYR A . n 
A 1 86  ASN 86  86  86  ASN ASN A . n 
A 1 87  ASN 87  87  87  ASN ASN A . n 
A 1 88  GLY 88  88  88  GLY GLY A . n 
A 1 89  ASP 89  89  89  ASP ASP A . n 
A 1 90  THR 90  90  90  THR THR A . n 
A 1 91  VAL 91  91  91  VAL VAL A . n 
A 1 92  GLN 92  92  92  GLN GLN A . n 
A 1 93  PRO 93  93  93  PRO PRO A . n 
A 1 94  GLY 94  94  94  GLY GLY A . n 
A 1 95  THR 95  95  95  THR THR A . n 
A 1 96  LEU 96  96  96  LEU LEU A . n 
A 1 97  LEU 97  97  97  LEU LEU A . n 
A 1 98  GLY 98  98  98  GLY GLY A . n 
A 1 99  ARG 99  99  99  ARG ARG A . n 
A 1 100 TYR 100 100 100 TYR TYR A . n 
A 1 101 ALA 101 101 101 ALA ALA A . n 
A 1 102 ASN 102 102 102 ASN ASN A . n 
A 1 103 SER 103 103 103 SER SER A . n 
A 1 104 TYR 104 104 104 TYR TYR A . n 
A 1 105 ASN 105 105 105 ASN ASN A . n 
A 1 106 GLN 106 106 106 GLN GLN A . n 
A 1 107 ALA 107 107 107 ALA ALA A . n 
A 1 108 LEU 108 108 108 LEU LEU A . n 
A 1 109 CYS 109 109 109 CYS CYS A . n 
A 1 110 GLU 110 110 110 GLU GLU A . n 
A 1 111 GLY 111 111 111 GLY GLY A . n 
A 1 112 GLY 112 112 112 GLY GLY A . n 
A 1 113 GLN 113 113 113 GLN GLN A . n 
A 1 114 SER 114 114 114 SER SER A . n 
A 1 115 SER 115 115 115 SER SER A . n 
A 1 116 GLY 116 116 116 GLY GLY A . n 
A 1 117 PRO 117 117 117 PRO PRO A . n 
A 1 118 HIS 118 118 118 HIS HIS A . n 
A 1 119 VAL 119 119 119 VAL VAL A . n 
A 1 120 HIS 120 120 120 HIS HIS A . n 
A 1 121 PHE 121 121 121 PHE PHE A . n 
A 1 122 THR 122 122 122 THR THR A . n 
A 1 123 LEU 123 123 123 LEU LEU A . n 
A 1 124 LEU 124 124 124 LEU LEU A . n 
A 1 125 GLN 125 125 125 GLN GLN A . n 
A 1 126 ASN 126 126 126 ASN ASN A . n 
A 1 127 GLY 127 127 127 GLY GLY A . n 
A 1 128 GLN 128 128 128 GLN GLN A . n 
A 1 129 GLN 129 129 129 GLN GLN A . n 
A 1 130 VAL 130 130 130 VAL VAL A . n 
A 1 131 SER 131 131 131 SER SER A . n 
A 1 132 LEU 132 132 132 LEU LEU A . n 
A 1 133 HIS 133 133 133 HIS HIS A . n 
A 1 134 ASN 134 134 134 ASN ASN A . n 
A 1 135 ARG 135 135 135 ARG ARG A . n 
A 1 136 TYR 136 136 136 TYR TYR A . n 
A 1 137 ILE 137 137 137 ILE ILE A . n 
A 1 138 SER 138 138 138 SER SER A . n 
A 1 139 ASN 139 139 139 ASN ASN A . n 
A 1 140 TYR 140 140 140 TYR TYR A . n 
A 1 141 ARG 141 141 141 ARG ARG A . n 
A 1 142 ILE 142 142 142 ILE ILE A . n 
A 1 143 ASP 143 143 143 ASP ASP A . n 
A 1 144 VAL 144 144 144 VAL VAL A . n 
A 1 145 GLY 145 145 145 GLY GLY A . n 
A 1 146 ASN 146 146 146 ASN ASN A . n 
A 1 147 SER 147 147 147 SER SER A . n 
A 1 148 ASN 148 148 148 ASN ASN A . n 
A 1 149 TYR 149 149 149 TYR TYR A . n 
A 1 150 ASP 150 150 150 ASP ASP A . n 
A 1 151 SER 151 151 151 SER SER A . n 
A 1 152 ASN 152 152 152 ASN ASN A . n 
A 1 153 CYS 153 153 153 CYS CYS A . n 
A 1 154 ASN 154 154 154 ASN ASN A . n 
A 1 155 ASN 155 155 155 ASN ASN A . n 
A 1 156 PHE 156 156 156 PHE PHE A . n 
A 1 157 TYR 157 157 157 TYR TYR A . n 
A 1 158 PHE 158 158 158 PHE PHE A . n 
A 1 159 GLU 159 159 159 GLU GLU A . n 
A 1 160 ARG 160 160 160 ARG ARG A . n 
A 1 161 ASN 161 161 161 ASN ASN A . n 
A 1 162 GLY 162 162 162 GLY GLY A . n 
A 1 163 ARG 163 163 163 ARG ARG A . n 
A 1 164 ARG 164 164 164 ARG ARG A . n 
A 1 165 THR 165 165 165 THR THR A . n 
A 1 166 CYS 166 166 166 CYS CYS A . n 
A 1 167 ALA 167 167 167 ALA ALA A . n 
A 1 168 TRP 168 168 168 TRP TRP A . n 
A 1 169 ARG 169 169 169 ARG ARG A . n 
A 1 170 PRO 170 170 170 PRO PRO A . n 
A 1 171 LEU 171 171 171 LEU LEU A . n 
A 1 172 TYR 172 172 172 TYR TYR A . n 
A 1 173 ARG 173 173 173 ARG ARG A . n 
# 
loop_
_pdbx_nonpoly_scheme.asym_id 
_pdbx_nonpoly_scheme.entity_id 
_pdbx_nonpoly_scheme.mon_id 
_pdbx_nonpoly_scheme.ndb_seq_num 
_pdbx_nonpoly_scheme.pdb_seq_num 
_pdbx_nonpoly_scheme.auth_seq_num 
_pdbx_nonpoly_scheme.pdb_mon_id 
_pdbx_nonpoly_scheme.auth_mon_id 
_pdbx_nonpoly_scheme.pdb_strand_id 
_pdbx_nonpoly_scheme.pdb_ins_code 
B 2 ZN  1   201 1   ZN  ZN  A . 
C 3 GOL 1   202 184 GOL GOL A . 
D 4 HOH 1   301 78  HOH HOH A . 
D 4 HOH 2   302 16  HOH HOH A . 
D 4 HOH 3   303 54  HOH HOH A . 
D 4 HOH 4   304 26  HOH HOH A . 
D 4 HOH 5   305 9   HOH HOH A . 
D 4 HOH 6   306 131 HOH HOH A . 
D 4 HOH 7   307 56  HOH HOH A . 
D 4 HOH 8   308 40  HOH HOH A . 
D 4 HOH 9   309 53  HOH HOH A . 
D 4 HOH 10  310 18  HOH HOH A . 
D 4 HOH 11  311 110 HOH HOH A . 
D 4 HOH 12  312 22  HOH HOH A . 
D 4 HOH 13  313 93  HOH HOH A . 
D 4 HOH 14  314 62  HOH HOH A . 
D 4 HOH 15  315 69  HOH HOH A . 
D 4 HOH 16  316 11  HOH HOH A . 
D 4 HOH 17  317 99  HOH HOH A . 
D 4 HOH 18  318 5   HOH HOH A . 
D 4 HOH 19  319 117 HOH HOH A . 
D 4 HOH 20  320 133 HOH HOH A . 
D 4 HOH 21  321 7   HOH HOH A . 
D 4 HOH 22  322 64  HOH HOH A . 
D 4 HOH 23  323 128 HOH HOH A . 
D 4 HOH 24  324 109 HOH HOH A . 
D 4 HOH 25  325 4   HOH HOH A . 
D 4 HOH 26  326 77  HOH HOH A . 
D 4 HOH 27  327 32  HOH HOH A . 
D 4 HOH 28  328 45  HOH HOH A . 
D 4 HOH 29  329 167 HOH HOH A . 
D 4 HOH 30  330 39  HOH HOH A . 
D 4 HOH 31  331 20  HOH HOH A . 
D 4 HOH 32  332 14  HOH HOH A . 
D 4 HOH 33  333 149 HOH HOH A . 
D 4 HOH 34  334 12  HOH HOH A . 
D 4 HOH 35  335 86  HOH HOH A . 
D 4 HOH 36  336 8   HOH HOH A . 
D 4 HOH 37  337 15  HOH HOH A . 
D 4 HOH 38  338 25  HOH HOH A . 
D 4 HOH 39  339 60  HOH HOH A . 
D 4 HOH 40  340 111 HOH HOH A . 
D 4 HOH 41  341 112 HOH HOH A . 
D 4 HOH 42  342 103 HOH HOH A . 
D 4 HOH 43  343 51  HOH HOH A . 
D 4 HOH 44  344 30  HOH HOH A . 
D 4 HOH 45  345 121 HOH HOH A . 
D 4 HOH 46  346 3   HOH HOH A . 
D 4 HOH 47  347 119 HOH HOH A . 
D 4 HOH 48  348 130 HOH HOH A . 
D 4 HOH 49  349 175 HOH HOH A . 
D 4 HOH 50  350 36  HOH HOH A . 
D 4 HOH 51  351 68  HOH HOH A . 
D 4 HOH 52  352 34  HOH HOH A . 
D 4 HOH 53  353 42  HOH HOH A . 
D 4 HOH 54  354 49  HOH HOH A . 
D 4 HOH 55  355 172 HOH HOH A . 
D 4 HOH 56  356 10  HOH HOH A . 
D 4 HOH 57  357 29  HOH HOH A . 
D 4 HOH 58  358 83  HOH HOH A . 
D 4 HOH 59  359 76  HOH HOH A . 
D 4 HOH 60  360 90  HOH HOH A . 
D 4 HOH 61  361 164 HOH HOH A . 
D 4 HOH 62  362 120 HOH HOH A . 
D 4 HOH 63  363 55  HOH HOH A . 
D 4 HOH 64  364 71  HOH HOH A . 
D 4 HOH 65  365 124 HOH HOH A . 
D 4 HOH 66  366 27  HOH HOH A . 
D 4 HOH 67  367 154 HOH HOH A . 
D 4 HOH 68  368 127 HOH HOH A . 
D 4 HOH 69  369 44  HOH HOH A . 
D 4 HOH 70  370 38  HOH HOH A . 
D 4 HOH 71  371 126 HOH HOH A . 
D 4 HOH 72  372 118 HOH HOH A . 
D 4 HOH 73  373 113 HOH HOH A . 
D 4 HOH 74  374 59  HOH HOH A . 
D 4 HOH 75  375 150 HOH HOH A . 
D 4 HOH 76  376 46  HOH HOH A . 
D 4 HOH 77  377 108 HOH HOH A . 
D 4 HOH 78  378 129 HOH HOH A . 
D 4 HOH 79  379 23  HOH HOH A . 
D 4 HOH 80  380 28  HOH HOH A . 
D 4 HOH 81  381 6   HOH HOH A . 
D 4 HOH 82  382 24  HOH HOH A . 
D 4 HOH 83  383 144 HOH HOH A . 
D 4 HOH 84  384 2   HOH HOH A . 
D 4 HOH 85  385 35  HOH HOH A . 
D 4 HOH 86  386 81  HOH HOH A . 
D 4 HOH 87  387 139 HOH HOH A . 
D 4 HOH 88  388 75  HOH HOH A . 
D 4 HOH 89  389 57  HOH HOH A . 
D 4 HOH 90  390 72  HOH HOH A . 
D 4 HOH 91  391 17  HOH HOH A . 
D 4 HOH 92  392 147 HOH HOH A . 
D 4 HOH 93  393 31  HOH HOH A . 
D 4 HOH 94  394 19  HOH HOH A . 
D 4 HOH 95  395 94  HOH HOH A . 
D 4 HOH 96  396 33  HOH HOH A . 
D 4 HOH 97  397 115 HOH HOH A . 
D 4 HOH 98  398 70  HOH HOH A . 
D 4 HOH 99  399 66  HOH HOH A . 
D 4 HOH 100 400 80  HOH HOH A . 
D 4 HOH 101 401 13  HOH HOH A . 
D 4 HOH 102 402 67  HOH HOH A . 
D 4 HOH 103 403 171 HOH HOH A . 
D 4 HOH 104 404 58  HOH HOH A . 
D 4 HOH 105 405 85  HOH HOH A . 
D 4 HOH 106 406 148 HOH HOH A . 
D 4 HOH 107 407 82  HOH HOH A . 
D 4 HOH 108 408 61  HOH HOH A . 
D 4 HOH 109 409 166 HOH HOH A . 
D 4 HOH 110 410 91  HOH HOH A . 
D 4 HOH 111 411 21  HOH HOH A . 
D 4 HOH 112 412 37  HOH HOH A . 
D 4 HOH 113 413 123 HOH HOH A . 
D 4 HOH 114 414 88  HOH HOH A . 
D 4 HOH 115 415 96  HOH HOH A . 
D 4 HOH 116 416 47  HOH HOH A . 
D 4 HOH 117 417 105 HOH HOH A . 
D 4 HOH 118 418 74  HOH HOH A . 
D 4 HOH 119 419 165 HOH HOH A . 
D 4 HOH 120 420 101 HOH HOH A . 
D 4 HOH 121 421 114 HOH HOH A . 
D 4 HOH 122 422 143 HOH HOH A . 
D 4 HOH 123 423 65  HOH HOH A . 
D 4 HOH 124 424 63  HOH HOH A . 
D 4 HOH 125 425 116 HOH HOH A . 
D 4 HOH 126 426 162 HOH HOH A . 
D 4 HOH 127 427 168 HOH HOH A . 
D 4 HOH 128 428 41  HOH HOH A . 
D 4 HOH 129 429 102 HOH HOH A . 
D 4 HOH 130 430 97  HOH HOH A . 
D 4 HOH 131 431 84  HOH HOH A . 
D 4 HOH 132 432 157 HOH HOH A . 
D 4 HOH 133 433 79  HOH HOH A . 
D 4 HOH 134 434 48  HOH HOH A . 
D 4 HOH 135 435 73  HOH HOH A . 
D 4 HOH 136 436 107 HOH HOH A . 
D 4 HOH 137 437 43  HOH HOH A . 
D 4 HOH 138 438 158 HOH HOH A . 
D 4 HOH 139 439 50  HOH HOH A . 
D 4 HOH 140 440 146 HOH HOH A . 
D 4 HOH 141 441 98  HOH HOH A . 
D 4 HOH 142 442 161 HOH HOH A . 
D 4 HOH 143 443 155 HOH HOH A . 
D 4 HOH 144 444 136 HOH HOH A . 
D 4 HOH 145 445 52  HOH HOH A . 
D 4 HOH 146 446 142 HOH HOH A . 
D 4 HOH 147 447 153 HOH HOH A . 
D 4 HOH 148 448 140 HOH HOH A . 
D 4 HOH 149 449 122 HOH HOH A . 
D 4 HOH 150 450 87  HOH HOH A . 
D 4 HOH 151 451 106 HOH HOH A . 
D 4 HOH 152 452 160 HOH HOH A . 
D 4 HOH 153 453 104 HOH HOH A . 
D 4 HOH 154 454 89  HOH HOH A . 
D 4 HOH 155 455 135 HOH HOH A . 
D 4 HOH 156 456 152 HOH HOH A . 
D 4 HOH 157 457 156 HOH HOH A . 
D 4 HOH 158 458 159 HOH HOH A . 
D 4 HOH 159 459 176 HOH HOH A . 
D 4 HOH 160 460 145 HOH HOH A . 
D 4 HOH 161 461 137 HOH HOH A . 
D 4 HOH 162 462 151 HOH HOH A . 
D 4 HOH 163 463 163 HOH HOH A . 
D 4 HOH 164 464 125 HOH HOH A . 
D 4 HOH 165 465 173 HOH HOH A . 
D 4 HOH 166 466 92  HOH HOH A . 
D 4 HOH 167 467 134 HOH HOH A . 
D 4 HOH 168 468 174 HOH HOH A . 
# 
loop_
_software.citation_id 
_software.classification 
_software.compiler_name 
_software.compiler_version 
_software.contact_author 
_software.contact_author_email 
_software.date 
_software.description 
_software.dependencies 
_software.hardware 
_software.language 
_software.location 
_software.mods 
_software.name 
_software.os 
_software.os_version 
_software.type 
_software.version 
_software.pdbx_ordinal 
? refinement       ? ? ? ? ? ? ? ? ? ? ? PHENIX   ? ? ? '(1.10.1_2155: ???)' 1 
? 'data reduction' ? ? ? ? ? ? ? ? ? ? ? HKL-2000 ? ? ? .                    2 
? 'data scaling'   ? ? ? ? ? ? ? ? ? ? ? HKL-2000 ? ? ? .                    3 
? phasing          ? ? ? ? ? ? ? ? ? ? ? PHASER   ? ? ? .                    4 
# 
_cell.angle_alpha                  90.00 
_cell.angle_alpha_esd              ? 
_cell.angle_beta                   90.00 
_cell.angle_beta_esd               ? 
_cell.angle_gamma                  90.00 
_cell.angle_gamma_esd              ? 
_cell.entry_id                     6IK4 
_cell.details                      ? 
_cell.formula_units_Z              ? 
_cell.length_a                     62.841 
_cell.length_a_esd                 ? 
_cell.length_b                     82.443 
_cell.length_b_esd                 ? 
_cell.length_c                     73.419 
_cell.length_c_esd                 ? 
_cell.volume                       ? 
_cell.volume_esd                   ? 
_cell.Z_PDB                        8 
_cell.reciprocal_angle_alpha       ? 
_cell.reciprocal_angle_beta        ? 
_cell.reciprocal_angle_gamma       ? 
_cell.reciprocal_angle_alpha_esd   ? 
_cell.reciprocal_angle_beta_esd    ? 
_cell.reciprocal_angle_gamma_esd   ? 
_cell.reciprocal_length_a          ? 
_cell.reciprocal_length_b          ? 
_cell.reciprocal_length_c          ? 
_cell.reciprocal_length_a_esd      ? 
_cell.reciprocal_length_b_esd      ? 
_cell.reciprocal_length_c_esd      ? 
_cell.pdbx_unique_axis             ? 
# 
_symmetry.entry_id                         6IK4 
_symmetry.cell_setting                     ? 
_symmetry.Int_Tables_number                20 
_symmetry.space_group_name_Hall            ? 
_symmetry.space_group_name_H-M             'C 2 2 21' 
_symmetry.pdbx_full_space_group_name_H-M   ? 
# 
_exptl.absorpt_coefficient_mu     ? 
_exptl.absorpt_correction_T_max   ? 
_exptl.absorpt_correction_T_min   ? 
_exptl.absorpt_correction_type    ? 
_exptl.absorpt_process_details    ? 
_exptl.entry_id                   6IK4 
_exptl.crystals_number            1 
_exptl.details                    ? 
_exptl.method                     'X-RAY DIFFRACTION' 
_exptl.method_details             ? 
# 
_exptl_crystal.colour                      ? 
_exptl_crystal.density_diffrn              ? 
_exptl_crystal.density_Matthews            2.45 
_exptl_crystal.density_method              ? 
_exptl_crystal.density_percent_sol         49.84 
_exptl_crystal.description                 ? 
_exptl_crystal.F_000                       ? 
_exptl_crystal.id                          1 
_exptl_crystal.preparation                 ? 
_exptl_crystal.size_max                    ? 
_exptl_crystal.size_mid                    ? 
_exptl_crystal.size_min                    ? 
_exptl_crystal.size_rad                    ? 
_exptl_crystal.colour_lustre               ? 
_exptl_crystal.colour_modifier             ? 
_exptl_crystal.colour_primary              ? 
_exptl_crystal.density_meas                ? 
_exptl_crystal.density_meas_esd            ? 
_exptl_crystal.density_meas_gt             ? 
_exptl_crystal.density_meas_lt             ? 
_exptl_crystal.density_meas_temp           ? 
_exptl_crystal.density_meas_temp_esd       ? 
_exptl_crystal.density_meas_temp_gt        ? 
_exptl_crystal.density_meas_temp_lt        ? 
_exptl_crystal.pdbx_crystal_image_url      ? 
_exptl_crystal.pdbx_crystal_image_format   ? 
_exptl_crystal.pdbx_mosaicity              ? 
_exptl_crystal.pdbx_mosaicity_esd          ? 
# 
_exptl_crystal_grow.apparatus       ? 
_exptl_crystal_grow.atmosphere      ? 
_exptl_crystal_grow.crystal_id      1 
_exptl_crystal_grow.details         ? 
_exptl_crystal_grow.method          'VAPOR DIFFUSION, HANGING DROP' 
_exptl_crystal_grow.method_ref      ? 
_exptl_crystal_grow.pH              ? 
_exptl_crystal_grow.pressure        ? 
_exptl_crystal_grow.pressure_esd    ? 
_exptl_crystal_grow.seeding         ? 
_exptl_crystal_grow.seeding_ref     ? 
_exptl_crystal_grow.temp            277 
_exptl_crystal_grow.temp_details    ? 
_exptl_crystal_grow.temp_esd        ? 
_exptl_crystal_grow.time            ? 
_exptl_crystal_grow.pdbx_details    '0.1M Bis-Tris (pH 7.1), 0.6M magnesium formate dehydrate' 
_exptl_crystal_grow.pdbx_pH_range   ? 
# 
_diffrn.ambient_environment              ? 
_diffrn.ambient_temp                     100 
_diffrn.ambient_temp_details             ? 
_diffrn.ambient_temp_esd                 ? 
_diffrn.crystal_id                       1 
_diffrn.crystal_support                  ? 
_diffrn.crystal_treatment                ? 
_diffrn.details                          ? 
_diffrn.id                               1 
_diffrn.ambient_pressure                 ? 
_diffrn.ambient_pressure_esd             ? 
_diffrn.ambient_pressure_gt              ? 
_diffrn.ambient_pressure_lt              ? 
_diffrn.ambient_temp_gt                  ? 
_diffrn.ambient_temp_lt                  ? 
_diffrn.pdbx_serial_crystal_experiment   N 
# 
_diffrn_detector.details                      ? 
_diffrn_detector.detector                     CCD 
_diffrn_detector.diffrn_id                    1 
_diffrn_detector.type                         'ADSC QUANTUM 315r' 
_diffrn_detector.area_resol_mean              ? 
_diffrn_detector.dtime                        ? 
_diffrn_detector.pdbx_frames_total            ? 
_diffrn_detector.pdbx_collection_time_total   ? 
_diffrn_detector.pdbx_collection_date         2018-10-01 
_diffrn_detector.pdbx_frequency               ? 
# 
_diffrn_radiation.collimation                      ? 
_diffrn_radiation.diffrn_id                        1 
_diffrn_radiation.filter_edge                      ? 
_diffrn_radiation.inhomogeneity                    ? 
_diffrn_radiation.monochromator                    ? 
_diffrn_radiation.polarisn_norm                    ? 
_diffrn_radiation.polarisn_ratio                   ? 
_diffrn_radiation.probe                            ? 
_diffrn_radiation.type                             ? 
_diffrn_radiation.xray_symbol                      ? 
_diffrn_radiation.wavelength_id                    1 
_diffrn_radiation.pdbx_monochromatic_or_laue_m_l   M 
_diffrn_radiation.pdbx_wavelength_list             ? 
_diffrn_radiation.pdbx_wavelength                  ? 
_diffrn_radiation.pdbx_diffrn_protocol             'SINGLE WAVELENGTH' 
_diffrn_radiation.pdbx_analyzer                    ? 
_diffrn_radiation.pdbx_scattering_type             x-ray 
# 
_diffrn_radiation_wavelength.id           1 
_diffrn_radiation_wavelength.wavelength   0.9791 
_diffrn_radiation_wavelength.wt           1.0 
# 
_diffrn_source.current                     ? 
_diffrn_source.details                     ? 
_diffrn_source.diffrn_id                   1 
_diffrn_source.power                       ? 
_diffrn_source.size                        ? 
_diffrn_source.source                      SYNCHROTRON 
_diffrn_source.target                      ? 
_diffrn_source.type                        'SSRF BEAMLINE BL17U1' 
_diffrn_source.voltage                     ? 
_diffrn_source.take-off_angle              ? 
_diffrn_source.pdbx_wavelength_list        0.9791 
_diffrn_source.pdbx_wavelength             ? 
_diffrn_source.pdbx_synchrotron_beamline   BL17U1 
_diffrn_source.pdbx_synchrotron_site       SSRF 
# 
_reflns.B_iso_Wilson_estimate            ? 
_reflns.entry_id                         6IK4 
_reflns.data_reduction_details           ? 
_reflns.data_reduction_method            ? 
_reflns.d_resolution_high                1.9 
_reflns.d_resolution_low                 50 
_reflns.details                          ? 
_reflns.limit_h_max                      ? 
_reflns.limit_h_min                      ? 
_reflns.limit_k_max                      ? 
_reflns.limit_k_min                      ? 
_reflns.limit_l_max                      ? 
_reflns.limit_l_min                      ? 
_reflns.number_all                       ? 
_reflns.number_obs                       15332 
_reflns.observed_criterion               ? 
_reflns.observed_criterion_F_max         ? 
_reflns.observed_criterion_F_min         ? 
_reflns.observed_criterion_I_max         ? 
_reflns.observed_criterion_I_min         ? 
_reflns.observed_criterion_sigma_F       ? 
_reflns.observed_criterion_sigma_I       ? 
_reflns.percent_possible_obs             99.9 
_reflns.R_free_details                   ? 
_reflns.Rmerge_F_all                     ? 
_reflns.Rmerge_F_obs                     ? 
_reflns.Friedel_coverage                 ? 
_reflns.number_gt                        ? 
_reflns.threshold_expression             ? 
_reflns.pdbx_redundancy                  7.1 
_reflns.pdbx_Rmerge_I_obs                0.107 
_reflns.pdbx_Rmerge_I_all                ? 
_reflns.pdbx_Rsym_value                  ? 
_reflns.pdbx_netI_over_av_sigmaI         ? 
_reflns.pdbx_netI_over_sigmaI            29.49 
_reflns.pdbx_res_netI_over_av_sigmaI_2   ? 
_reflns.pdbx_res_netI_over_sigmaI_2      ? 
_reflns.pdbx_chi_squared                 ? 
_reflns.pdbx_scaling_rejects             ? 
_reflns.pdbx_d_res_high_opt              ? 
_reflns.pdbx_d_res_low_opt               ? 
_reflns.pdbx_d_res_opt_method            ? 
_reflns.phase_calculation_details        ? 
_reflns.pdbx_Rrim_I_all                  ? 
_reflns.pdbx_Rpim_I_all                  ? 
_reflns.pdbx_d_opt                       ? 
_reflns.pdbx_number_measured_all         ? 
_reflns.pdbx_diffrn_id                   1 
_reflns.pdbx_ordinal                     1 
_reflns.pdbx_CC_half                     ? 
_reflns.pdbx_R_split                     ? 
# 
_reflns_shell.d_res_high                  1.90 
_reflns_shell.d_res_low                   1.968 
_reflns_shell.meanI_over_sigI_all         ? 
_reflns_shell.meanI_over_sigI_obs         ? 
_reflns_shell.number_measured_all         ? 
_reflns_shell.number_measured_obs         ? 
_reflns_shell.number_possible             ? 
_reflns_shell.number_unique_all           ? 
_reflns_shell.number_unique_obs           1484 
_reflns_shell.percent_possible_all        ? 
_reflns_shell.percent_possible_obs        ? 
_reflns_shell.Rmerge_F_all                ? 
_reflns_shell.Rmerge_F_obs                ? 
_reflns_shell.Rmerge_I_all                ? 
_reflns_shell.Rmerge_I_obs                ? 
_reflns_shell.meanI_over_sigI_gt          ? 
_reflns_shell.meanI_over_uI_all           ? 
_reflns_shell.meanI_over_uI_gt            ? 
_reflns_shell.number_measured_gt          ? 
_reflns_shell.number_unique_gt            ? 
_reflns_shell.percent_possible_gt         ? 
_reflns_shell.Rmerge_F_gt                 ? 
_reflns_shell.Rmerge_I_gt                 ? 
_reflns_shell.pdbx_redundancy             ? 
_reflns_shell.pdbx_Rsym_value             ? 
_reflns_shell.pdbx_chi_squared            ? 
_reflns_shell.pdbx_netI_over_sigmaI_all   ? 
_reflns_shell.pdbx_netI_over_sigmaI_obs   ? 
_reflns_shell.pdbx_Rrim_I_all             ? 
_reflns_shell.pdbx_Rpim_I_all             0.170 
_reflns_shell.pdbx_rejects                ? 
_reflns_shell.pdbx_ordinal                1 
_reflns_shell.pdbx_diffrn_id              1 
_reflns_shell.pdbx_CC_half                0.945 
_reflns_shell.pdbx_R_split                ? 
# 
_refine.aniso_B[1][1]                            ? 
_refine.aniso_B[1][2]                            ? 
_refine.aniso_B[1][3]                            ? 
_refine.aniso_B[2][2]                            ? 
_refine.aniso_B[2][3]                            ? 
_refine.aniso_B[3][3]                            ? 
_refine.B_iso_max                                ? 
_refine.B_iso_mean                               ? 
_refine.B_iso_min                                ? 
_refine.correlation_coeff_Fo_to_Fc               ? 
_refine.correlation_coeff_Fo_to_Fc_free          ? 
_refine.details                                  ? 
_refine.diff_density_max                         ? 
_refine.diff_density_max_esd                     ? 
_refine.diff_density_min                         ? 
_refine.diff_density_min_esd                     ? 
_refine.diff_density_rms                         ? 
_refine.diff_density_rms_esd                     ? 
_refine.entry_id                                 6IK4 
_refine.pdbx_refine_id                           'X-RAY DIFFRACTION' 
_refine.ls_abs_structure_details                 ? 
_refine.ls_abs_structure_Flack                   ? 
_refine.ls_abs_structure_Flack_esd               ? 
_refine.ls_abs_structure_Rogers                  ? 
_refine.ls_abs_structure_Rogers_esd              ? 
_refine.ls_d_res_high                            1.900 
_refine.ls_d_res_low                             41.314 
_refine.ls_extinction_coef                       ? 
_refine.ls_extinction_coef_esd                   ? 
_refine.ls_extinction_expression                 ? 
_refine.ls_extinction_method                     ? 
_refine.ls_goodness_of_fit_all                   ? 
_refine.ls_goodness_of_fit_all_esd               ? 
_refine.ls_goodness_of_fit_obs                   ? 
_refine.ls_goodness_of_fit_obs_esd               ? 
_refine.ls_hydrogen_treatment                    ? 
_refine.ls_matrix_type                           ? 
_refine.ls_number_constraints                    ? 
_refine.ls_number_parameters                     ? 
_refine.ls_number_reflns_all                     ? 
_refine.ls_number_reflns_obs                     15332 
_refine.ls_number_reflns_R_free                  747 
_refine.ls_number_reflns_R_work                  ? 
_refine.ls_number_restraints                     ? 
_refine.ls_percent_reflns_obs                    99.79 
_refine.ls_percent_reflns_R_free                 4.87 
_refine.ls_R_factor_all                          ? 
_refine.ls_R_factor_obs                          0.1499 
_refine.ls_R_factor_R_free                       0.1716 
_refine.ls_R_factor_R_free_error                 ? 
_refine.ls_R_factor_R_free_error_details         ? 
_refine.ls_R_factor_R_work                       0.1488 
_refine.ls_R_Fsqd_factor_obs                     ? 
_refine.ls_R_I_factor_obs                        ? 
_refine.ls_redundancy_reflns_all                 ? 
_refine.ls_redundancy_reflns_obs                 ? 
_refine.ls_restrained_S_all                      ? 
_refine.ls_restrained_S_obs                      ? 
_refine.ls_shift_over_esd_max                    ? 
_refine.ls_shift_over_esd_mean                   ? 
_refine.ls_structure_factor_coef                 ? 
_refine.ls_weighting_details                     ? 
_refine.ls_weighting_scheme                      ? 
_refine.ls_wR_factor_all                         ? 
_refine.ls_wR_factor_obs                         ? 
_refine.ls_wR_factor_R_free                      ? 
_refine.ls_wR_factor_R_work                      ? 
_refine.occupancy_max                            ? 
_refine.occupancy_min                            ? 
_refine.solvent_model_details                    ? 
_refine.solvent_model_param_bsol                 ? 
_refine.solvent_model_param_ksol                 ? 
_refine.ls_R_factor_gt                           ? 
_refine.ls_goodness_of_fit_gt                    ? 
_refine.ls_goodness_of_fit_ref                   ? 
_refine.ls_shift_over_su_max                     ? 
_refine.ls_shift_over_su_max_lt                  ? 
_refine.ls_shift_over_su_mean                    ? 
_refine.ls_shift_over_su_mean_lt                 ? 
_refine.pdbx_ls_sigma_I                          ? 
_refine.pdbx_ls_sigma_F                          1.35 
_refine.pdbx_ls_sigma_Fsqd                       ? 
_refine.pdbx_data_cutoff_high_absF               ? 
_refine.pdbx_data_cutoff_high_rms_absF           ? 
_refine.pdbx_data_cutoff_low_absF                ? 
_refine.pdbx_isotropic_thermal_model             ? 
_refine.pdbx_ls_cross_valid_method               THROUGHOUT 
_refine.pdbx_method_to_determine_struct          'MOLECULAR REPLACEMENT' 
_refine.pdbx_starting_model                      3IT5 
_refine.pdbx_stereochemistry_target_values       ? 
_refine.pdbx_R_Free_selection_details            ? 
_refine.pdbx_stereochem_target_val_spec_case     ? 
_refine.pdbx_overall_ESU_R                       ? 
_refine.pdbx_overall_ESU_R_Free                  ? 
_refine.pdbx_solvent_vdw_probe_radii             1.11 
_refine.pdbx_solvent_ion_probe_radii             ? 
_refine.pdbx_solvent_shrinkage_radii             0.90 
_refine.pdbx_real_space_R                        ? 
_refine.pdbx_density_correlation                 ? 
_refine.pdbx_pd_number_of_powder_patterns        ? 
_refine.pdbx_pd_number_of_points                 ? 
_refine.pdbx_pd_meas_number_of_points            ? 
_refine.pdbx_pd_proc_ls_prof_R_factor            ? 
_refine.pdbx_pd_proc_ls_prof_wR_factor           ? 
_refine.pdbx_pd_Marquardt_correlation_coeff      ? 
_refine.pdbx_pd_Fsqrd_R_factor                   ? 
_refine.pdbx_pd_ls_matrix_band_width             ? 
_refine.pdbx_overall_phase_error                 16.02 
_refine.pdbx_overall_SU_R_free_Cruickshank_DPI   ? 
_refine.pdbx_overall_SU_R_free_Blow_DPI          ? 
_refine.pdbx_overall_SU_R_Blow_DPI               ? 
_refine.pdbx_TLS_residual_ADP_flag               ? 
_refine.pdbx_diffrn_id                           1 
_refine.overall_SU_B                             ? 
_refine.overall_SU_ML                            0.14 
_refine.overall_SU_R_Cruickshank_DPI             ? 
_refine.overall_SU_R_free                        ? 
_refine.overall_FOM_free_R_set                   ? 
_refine.overall_FOM_work_R_set                   ? 
_refine.pdbx_average_fsc_overall                 ? 
_refine.pdbx_average_fsc_work                    ? 
_refine.pdbx_average_fsc_free                    ? 
# 
_refine_hist.pdbx_refine_id                   'X-RAY DIFFRACTION' 
_refine_hist.cycle_id                         LAST 
_refine_hist.pdbx_number_atoms_protein        1370 
_refine_hist.pdbx_number_atoms_nucleic_acid   0 
_refine_hist.pdbx_number_atoms_ligand         7 
_refine_hist.number_atoms_solvent             168 
_refine_hist.number_atoms_total               1545 
_refine_hist.d_res_high                       1.900 
_refine_hist.d_res_low                        41.314 
# 
loop_
_refine_ls_restr.pdbx_refine_id 
_refine_ls_restr.criterion 
_refine_ls_restr.dev_ideal 
_refine_ls_restr.dev_ideal_target 
_refine_ls_restr.number 
_refine_ls_restr.rejects 
_refine_ls_restr.type 
_refine_ls_restr.weight 
_refine_ls_restr.pdbx_restraint_function 
'X-RAY DIFFRACTION' ? 0.006  ? 1435 ? f_bond_d           ? ? 
'X-RAY DIFFRACTION' ? 0.901  ? 1956 ? f_angle_d          ? ? 
'X-RAY DIFFRACTION' ? 11.641 ? 808  ? f_dihedral_angle_d ? ? 
'X-RAY DIFFRACTION' ? 0.056  ? 187  ? f_chiral_restr     ? ? 
'X-RAY DIFFRACTION' ? 0.005  ? 261  ? f_plane_restr      ? ? 
# 
loop_
_refine_ls_shell.pdbx_refine_id 
_refine_ls_shell.d_res_high 
_refine_ls_shell.d_res_low 
_refine_ls_shell.number_reflns_all 
_refine_ls_shell.number_reflns_obs 
_refine_ls_shell.number_reflns_R_free 
_refine_ls_shell.number_reflns_R_work 
_refine_ls_shell.percent_reflns_obs 
_refine_ls_shell.percent_reflns_R_free 
_refine_ls_shell.R_factor_all 
_refine_ls_shell.R_factor_obs 
_refine_ls_shell.R_factor_R_free 
_refine_ls_shell.R_factor_R_free_error 
_refine_ls_shell.R_factor_R_work 
_refine_ls_shell.redundancy_reflns_all 
_refine_ls_shell.redundancy_reflns_obs 
_refine_ls_shell.wR_factor_all 
_refine_ls_shell.wR_factor_obs 
_refine_ls_shell.wR_factor_R_free 
_refine_ls_shell.wR_factor_R_work 
_refine_ls_shell.pdbx_total_number_of_bins_used 
_refine_ls_shell.pdbx_phase_error 
_refine_ls_shell.pdbx_fsc_work 
_refine_ls_shell.pdbx_fsc_free 
'X-RAY DIFFRACTION' 1.9004 2.0472  . . 130 2867 99.00  . . . 0.1865 . 0.1478 . . . . . . . . . . 
'X-RAY DIFFRACTION' 2.0472 2.2532  . . 135 2901 100.00 . . . 0.2086 . 0.1465 . . . . . . . . . . 
'X-RAY DIFFRACTION' 2.2532 2.5791  . . 169 2870 100.00 . . . 0.1950 . 0.1546 . . . . . . . . . . 
'X-RAY DIFFRACTION' 2.5791 3.2493  . . 182 2890 100.00 . . . 0.1835 . 0.1539 . . . . . . . . . . 
'X-RAY DIFFRACTION' 3.2493 41.3238 . . 131 3057 100.00 . . . 0.1371 . 0.1446 . . . . . . . . . . 
# 
_struct.entry_id                     6IK4 
_struct.title                        'A Novel M23 Metalloprotease Pseudoalterin from Deep-sea' 
_struct.pdbx_model_details           ? 
_struct.pdbx_formula_weight          ? 
_struct.pdbx_formula_weight_method   ? 
_struct.pdbx_model_type_details      ? 
_struct.pdbx_CASP_flag               N 
# 
_struct_keywords.entry_id        6IK4 
_struct_keywords.text            'M23 family, elastase, peptidoglycan, HYDROLASE' 
_struct_keywords.pdbx_keywords   HYDROLASE 
# 
loop_
_struct_asym.id 
_struct_asym.pdbx_blank_PDB_chainid_flag 
_struct_asym.pdbx_modified 
_struct_asym.entity_id 
_struct_asym.details 
A N N 1 ? 
B N N 2 ? 
C N N 3 ? 
D N N 4 ? 
# 
_struct_ref.id                         1 
_struct_ref.db_name                    UNP 
_struct_ref.db_code                    E7D102_9GAMM 
_struct_ref.pdbx_db_accession          E7D102 
_struct_ref.pdbx_db_isoform            ? 
_struct_ref.entity_id                  1 
_struct_ref.pdbx_seq_one_letter_code   
;ATFTMNLPWSQGYYWYSGGAHSNTGSGYPYSSLDFNNGSGGWGSNTPWVQAAHGGVITRFSSCNIRVTHSSGFATNYYHM
SNLQYNNGDTVQPGTLLGRYANSYNQALCEGGQSSGPHVHFTLLQNGQQVSLHNRYISNYRIDVGNSNYDSNCNNFYFER
NGRRTCAWRPLYR
;
_struct_ref.pdbx_align_begin           231 
# 
_struct_ref_seq.align_id                      1 
_struct_ref_seq.ref_id                        1 
_struct_ref_seq.pdbx_PDB_id_code              6IK4 
_struct_ref_seq.pdbx_strand_id                A 
_struct_ref_seq.seq_align_beg                 1 
_struct_ref_seq.pdbx_seq_align_beg_ins_code   ? 
_struct_ref_seq.seq_align_end                 173 
_struct_ref_seq.pdbx_seq_align_end_ins_code   ? 
_struct_ref_seq.pdbx_db_accession             E7D102 
_struct_ref_seq.db_align_beg                  231 
_struct_ref_seq.pdbx_db_align_beg_ins_code    ? 
_struct_ref_seq.db_align_end                  403 
_struct_ref_seq.pdbx_db_align_end_ins_code    ? 
_struct_ref_seq.pdbx_auth_seq_align_beg       1 
_struct_ref_seq.pdbx_auth_seq_align_end       173 
# 
_pdbx_struct_assembly.id                   1 
_pdbx_struct_assembly.details              author_and_software_defined_assembly 
_pdbx_struct_assembly.method_details       PISA 
_pdbx_struct_assembly.oligomeric_details   monomeric 
_pdbx_struct_assembly.oligomeric_count     1 
# 
loop_
_pdbx_struct_assembly_prop.biol_id 
_pdbx_struct_assembly_prop.type 
_pdbx_struct_assembly_prop.value 
_pdbx_struct_assembly_prop.details 
1 'ABSA (A^2)' 70   ? 
1 MORE         -26  ? 
1 'SSA (A^2)'  8110 ? 
# 
_pdbx_struct_assembly_gen.assembly_id       1 
_pdbx_struct_assembly_gen.oper_expression   1 
_pdbx_struct_assembly_gen.asym_id_list      A,B,C,D 
# 
_pdbx_struct_assembly_auth_evidence.id                     1 
_pdbx_struct_assembly_auth_evidence.assembly_id            1 
_pdbx_struct_assembly_auth_evidence.experimental_support   'gel filtration' 
_pdbx_struct_assembly_auth_evidence.details                ? 
# 
_pdbx_struct_oper_list.id                   1 
_pdbx_struct_oper_list.type                 'identity operation' 
_pdbx_struct_oper_list.name                 1_555 
_pdbx_struct_oper_list.symmetry_operation   x,y,z 
_pdbx_struct_oper_list.matrix[1][1]         1.0000000000 
_pdbx_struct_oper_list.matrix[1][2]         0.0000000000 
_pdbx_struct_oper_list.matrix[1][3]         0.0000000000 
_pdbx_struct_oper_list.vector[1]            0.0000000000 
_pdbx_struct_oper_list.matrix[2][1]         0.0000000000 
_pdbx_struct_oper_list.matrix[2][2]         1.0000000000 
_pdbx_struct_oper_list.matrix[2][3]         0.0000000000 
_pdbx_struct_oper_list.vector[2]            0.0000000000 
_pdbx_struct_oper_list.matrix[3][1]         0.0000000000 
_pdbx_struct_oper_list.matrix[3][2]         0.0000000000 
_pdbx_struct_oper_list.matrix[3][3]         1.0000000000 
_pdbx_struct_oper_list.vector[3]            0.0000000000 
# 
_struct_conf.conf_type_id            HELX_P 
_struct_conf.id                      HELX_P1 
_struct_conf.pdbx_PDB_helix_id       AA1 
_struct_conf.beg_label_comp_id       SER 
_struct_conf.beg_label_asym_id       A 
_struct_conf.beg_label_seq_id        103 
_struct_conf.pdbx_beg_PDB_ins_code   ? 
_struct_conf.end_label_comp_id       LEU 
_struct_conf.end_label_asym_id       A 
_struct_conf.end_label_seq_id        108 
_struct_conf.pdbx_end_PDB_ins_code   ? 
_struct_conf.beg_auth_comp_id        SER 
_struct_conf.beg_auth_asym_id        A 
_struct_conf.beg_auth_seq_id         103 
_struct_conf.end_auth_comp_id        LEU 
_struct_conf.end_auth_asym_id        A 
_struct_conf.end_auth_seq_id         108 
_struct_conf.pdbx_PDB_helix_class    1 
_struct_conf.details                 ? 
_struct_conf.pdbx_PDB_helix_length   6 
# 
_struct_conf_type.id          HELX_P 
_struct_conf_type.criteria    ? 
_struct_conf_type.reference   ? 
# 
loop_
_struct_conn.id 
_struct_conn.conn_type_id 
_struct_conn.pdbx_leaving_atom_flag 
_struct_conn.pdbx_PDB_id 
_struct_conn.ptnr1_label_asym_id 
_struct_conn.ptnr1_label_comp_id 
_struct_conn.ptnr1_label_seq_id 
_struct_conn.ptnr1_label_atom_id 
_struct_conn.pdbx_ptnr1_label_alt_id 
_struct_conn.pdbx_ptnr1_PDB_ins_code 
_struct_conn.pdbx_ptnr1_standard_comp_id 
_struct_conn.ptnr1_symmetry 
_struct_conn.ptnr2_label_asym_id 
_struct_conn.ptnr2_label_comp_id 
_struct_conn.ptnr2_label_seq_id 
_struct_conn.ptnr2_label_atom_id 
_struct_conn.pdbx_ptnr2_label_alt_id 
_struct_conn.pdbx_ptnr2_PDB_ins_code 
_struct_conn.ptnr1_auth_asym_id 
_struct_conn.ptnr1_auth_comp_id 
_struct_conn.ptnr1_auth_seq_id 
_struct_conn.ptnr2_auth_asym_id 
_struct_conn.ptnr2_auth_comp_id 
_struct_conn.ptnr2_auth_seq_id 
_struct_conn.ptnr2_symmetry 
_struct_conn.pdbx_ptnr3_label_atom_id 
_struct_conn.pdbx_ptnr3_label_seq_id 
_struct_conn.pdbx_ptnr3_label_comp_id 
_struct_conn.pdbx_ptnr3_label_asym_id 
_struct_conn.pdbx_ptnr3_label_alt_id 
_struct_conn.pdbx_ptnr3_PDB_ins_code 
_struct_conn.details 
_struct_conn.pdbx_dist_value 
_struct_conn.pdbx_value_order 
_struct_conn.pdbx_role 
disulf1 disulf ? ? A CYS 63  SG  ? ? ? 1_555 A CYS 109 SG ? ? A CYS 63  A CYS 109 1_555 ? ? ? ? ? ? ? 2.047 ? ? 
disulf2 disulf ? ? A CYS 153 SG  ? ? ? 1_555 A CYS 166 SG ? ? A CYS 153 A CYS 166 1_555 ? ? ? ? ? ? ? 2.025 ? ? 
metalc1 metalc ? ? A HIS 21  NE2 ? ? ? 1_555 B ZN  .   ZN ? ? A HIS 21  A ZN  201 1_555 ? ? ? ? ? ? ? 2.100 ? ? 
metalc2 metalc ? ? A ASP 34  OD1 ? ? ? 1_555 B ZN  .   ZN ? ? A ASP 34  A ZN  201 1_555 ? ? ? ? ? ? ? 2.027 ? ? 
metalc3 metalc ? ? A HIS 120 ND1 ? ? ? 1_555 B ZN  .   ZN ? ? A HIS 120 A ZN  201 1_555 ? ? ? ? ? ? ? 2.047 ? ? 
metalc4 metalc ? ? B ZN  .   ZN  ? ? ? 1_555 C GOL .   O2 ? ? A ZN  201 A GOL 202 1_555 ? ? ? ? ? ? ? 2.214 ? ? 
# 
loop_
_struct_conn_type.id 
_struct_conn_type.criteria 
_struct_conn_type.reference 
disulf ? ? 
metalc ? ? 
# 
loop_
_pdbx_struct_conn_angle.id 
_pdbx_struct_conn_angle.ptnr1_label_atom_id 
_pdbx_struct_conn_angle.ptnr1_label_alt_id 
_pdbx_struct_conn_angle.ptnr1_label_asym_id 
_pdbx_struct_conn_angle.ptnr1_label_comp_id 
_pdbx_struct_conn_angle.ptnr1_label_seq_id 
_pdbx_struct_conn_angle.ptnr1_auth_atom_id 
_pdbx_struct_conn_angle.ptnr1_auth_asym_id 
_pdbx_struct_conn_angle.ptnr1_auth_comp_id 
_pdbx_struct_conn_angle.ptnr1_auth_seq_id 
_pdbx_struct_conn_angle.ptnr1_PDB_ins_code 
_pdbx_struct_conn_angle.ptnr1_symmetry 
_pdbx_struct_conn_angle.ptnr2_label_atom_id 
_pdbx_struct_conn_angle.ptnr2_label_alt_id 
_pdbx_struct_conn_angle.ptnr2_label_asym_id 
_pdbx_struct_conn_angle.ptnr2_label_comp_id 
_pdbx_struct_conn_angle.ptnr2_label_seq_id 
_pdbx_struct_conn_angle.ptnr2_auth_atom_id 
_pdbx_struct_conn_angle.ptnr2_auth_asym_id 
_pdbx_struct_conn_angle.ptnr2_auth_comp_id 
_pdbx_struct_conn_angle.ptnr2_auth_seq_id 
_pdbx_struct_conn_angle.ptnr2_PDB_ins_code 
_pdbx_struct_conn_angle.ptnr2_symmetry 
_pdbx_struct_conn_angle.ptnr3_label_atom_id 
_pdbx_struct_conn_angle.ptnr3_label_alt_id 
_pdbx_struct_conn_angle.ptnr3_label_asym_id 
_pdbx_struct_conn_angle.ptnr3_label_comp_id 
_pdbx_struct_conn_angle.ptnr3_label_seq_id 
_pdbx_struct_conn_angle.ptnr3_auth_atom_id 
_pdbx_struct_conn_angle.ptnr3_auth_asym_id 
_pdbx_struct_conn_angle.ptnr3_auth_comp_id 
_pdbx_struct_conn_angle.ptnr3_auth_seq_id 
_pdbx_struct_conn_angle.ptnr3_PDB_ins_code 
_pdbx_struct_conn_angle.ptnr3_symmetry 
_pdbx_struct_conn_angle.value 
_pdbx_struct_conn_angle.value_esd 
1 NE2 ? A HIS 21  ? A HIS 21  ? 1_555 ZN ? B ZN . ? A ZN 201 ? 1_555 OD1 ? A ASP 34  ? A ASP 34  ? 1_555 100.5 ? 
2 NE2 ? A HIS 21  ? A HIS 21  ? 1_555 ZN ? B ZN . ? A ZN 201 ? 1_555 ND1 ? A HIS 120 ? A HIS 120 ? 1_555 107.7 ? 
3 OD1 ? A ASP 34  ? A ASP 34  ? 1_555 ZN ? B ZN . ? A ZN 201 ? 1_555 ND1 ? A HIS 120 ? A HIS 120 ? 1_555 107.8 ? 
4 NE2 ? A HIS 21  ? A HIS 21  ? 1_555 ZN ? B ZN . ? A ZN 201 ? 1_555 O2  ? C GOL .   ? A GOL 202 ? 1_555 87.1  ? 
5 OD1 ? A ASP 34  ? A ASP 34  ? 1_555 ZN ? B ZN . ? A ZN 201 ? 1_555 O2  ? C GOL .   ? A GOL 202 ? 1_555 143.7 ? 
6 ND1 ? A HIS 120 ? A HIS 120 ? 1_555 ZN ? B ZN . ? A ZN 201 ? 1_555 O2  ? C GOL .   ? A GOL 202 ? 1_555 103.3 ? 
# 
loop_
_pdbx_modification_feature.ordinal 
_pdbx_modification_feature.label_comp_id 
_pdbx_modification_feature.label_asym_id 
_pdbx_modification_feature.label_seq_id 
_pdbx_modification_feature.label_alt_id 
_pdbx_modification_feature.modified_residue_label_comp_id 
_pdbx_modification_feature.modified_residue_label_asym_id 
_pdbx_modification_feature.modified_residue_label_seq_id 
_pdbx_modification_feature.modified_residue_label_alt_id 
_pdbx_modification_feature.auth_comp_id 
_pdbx_modification_feature.auth_asym_id 
_pdbx_modification_feature.auth_seq_id 
_pdbx_modification_feature.PDB_ins_code 
_pdbx_modification_feature.symmetry 
_pdbx_modification_feature.modified_residue_auth_comp_id 
_pdbx_modification_feature.modified_residue_auth_asym_id 
_pdbx_modification_feature.modified_residue_auth_seq_id 
_pdbx_modification_feature.modified_residue_PDB_ins_code 
_pdbx_modification_feature.modified_residue_symmetry 
_pdbx_modification_feature.comp_id_linking_atom 
_pdbx_modification_feature.modified_residue_id_linking_atom 
_pdbx_modification_feature.modified_residue_id 
_pdbx_modification_feature.ref_pcm_id 
_pdbx_modification_feature.ref_comp_id 
_pdbx_modification_feature.type 
_pdbx_modification_feature.category 
1 CYS A 63  ? CYS A 109 ? CYS A 63  ? 1_555 CYS A 109 ? 1_555 SG SG . . . None 'Disulfide bridge' 
2 CYS A 153 ? CYS A 166 ? CYS A 153 ? 1_555 CYS A 166 ? 1_555 SG SG . . . None 'Disulfide bridge' 
# 
_struct_mon_prot_cis.pdbx_id                1 
_struct_mon_prot_cis.label_comp_id          TYR 
_struct_mon_prot_cis.label_seq_id           28 
_struct_mon_prot_cis.label_asym_id          A 
_struct_mon_prot_cis.label_alt_id           . 
_struct_mon_prot_cis.pdbx_PDB_ins_code      ? 
_struct_mon_prot_cis.auth_comp_id           TYR 
_struct_mon_prot_cis.auth_seq_id            28 
_struct_mon_prot_cis.auth_asym_id           A 
_struct_mon_prot_cis.pdbx_label_comp_id_2   PRO 
_struct_mon_prot_cis.pdbx_label_seq_id_2    29 
_struct_mon_prot_cis.pdbx_label_asym_id_2   A 
_struct_mon_prot_cis.pdbx_PDB_ins_code_2    ? 
_struct_mon_prot_cis.pdbx_auth_comp_id_2    PRO 
_struct_mon_prot_cis.pdbx_auth_seq_id_2     29 
_struct_mon_prot_cis.pdbx_auth_asym_id_2    A 
_struct_mon_prot_cis.pdbx_PDB_model_num     1 
_struct_mon_prot_cis.pdbx_omega_angle       -6.29 
# 
loop_
_struct_sheet.id 
_struct_sheet.type 
_struct_sheet.number_strands 
_struct_sheet.details 
AA1 ? 6 ? 
AA2 ? 8 ? 
AA3 ? 3 ? 
AA4 ? 4 ? 
# 
loop_
_struct_sheet_order.sheet_id 
_struct_sheet_order.range_id_1 
_struct_sheet_order.range_id_2 
_struct_sheet_order.offset 
_struct_sheet_order.sense 
AA1 1 2 ? anti-parallel 
AA1 2 3 ? anti-parallel 
AA1 3 4 ? anti-parallel 
AA1 4 5 ? anti-parallel 
AA1 5 6 ? anti-parallel 
AA2 1 2 ? anti-parallel 
AA2 2 3 ? anti-parallel 
AA2 3 4 ? anti-parallel 
AA2 4 5 ? anti-parallel 
AA2 5 6 ? anti-parallel 
AA2 6 7 ? anti-parallel 
AA2 7 8 ? anti-parallel 
AA3 1 2 ? anti-parallel 
AA3 2 3 ? anti-parallel 
AA4 1 2 ? anti-parallel 
AA4 2 3 ? anti-parallel 
AA4 3 4 ? anti-parallel 
# 
loop_
_struct_sheet_range.sheet_id 
_struct_sheet_range.id 
_struct_sheet_range.beg_label_comp_id 
_struct_sheet_range.beg_label_asym_id 
_struct_sheet_range.beg_label_seq_id 
_struct_sheet_range.pdbx_beg_PDB_ins_code 
_struct_sheet_range.end_label_comp_id 
_struct_sheet_range.end_label_asym_id 
_struct_sheet_range.end_label_seq_id 
_struct_sheet_range.pdbx_end_PDB_ins_code 
_struct_sheet_range.beg_auth_comp_id 
_struct_sheet_range.beg_auth_asym_id 
_struct_sheet_range.beg_auth_seq_id 
_struct_sheet_range.end_auth_comp_id 
_struct_sheet_range.end_auth_asym_id 
_struct_sheet_range.end_auth_seq_id 
AA1 1 THR A 90  ? VAL A 91  ? THR A 90  VAL A 91  
AA1 2 GLY A 55  ? SER A 61  ? GLY A 55  SER A 61  
AA1 3 ASN A 64  ? THR A 68  ? ASN A 64  THR A 68  
AA1 4 PHE A 73  ? TYR A 78  ? PHE A 73  TYR A 78  
AA1 5 VAL A 119 ? GLN A 125 ? VAL A 119 GLN A 125 
AA1 6 GLN A 128 ? GLN A 129 ? GLN A 128 GLN A 129 
AA2 1 THR A 90  ? VAL A 91  ? THR A 90  VAL A 91  
AA2 2 GLY A 55  ? SER A 61  ? GLY A 55  SER A 61  
AA2 3 ASN A 64  ? THR A 68  ? ASN A 64  THR A 68  
AA2 4 PHE A 73  ? TYR A 78  ? PHE A 73  TYR A 78  
AA2 5 VAL A 119 ? GLN A 125 ? VAL A 119 GLN A 125 
AA2 6 SER A 32  ? ASN A 36  ? SER A 32  ASN A 36  
AA2 7 TYR A 14  ? SER A 17  ? TYR A 14  SER A 17  
AA2 8 LEU A 171 ? TYR A 172 ? LEU A 171 TYR A 172 
AA3 1 TRP A 48  ? GLN A 50  ? TRP A 48  GLN A 50  
AA3 2 LEU A 96  ? TYR A 100 ? LEU A 96  TYR A 100 
AA3 3 MET A 80  ? SER A 81  ? MET A 80  SER A 81  
AA4 1 TYR A 136 ? ILE A 137 ? TYR A 136 ILE A 137 
AA4 2 TYR A 140 ? ASP A 143 ? TYR A 140 ASP A 143 
AA4 3 TYR A 157 ? ARG A 160 ? TYR A 157 ARG A 160 
AA4 4 ARG A 163 ? THR A 165 ? ARG A 163 THR A 165 
# 
loop_
_pdbx_struct_sheet_hbond.sheet_id 
_pdbx_struct_sheet_hbond.range_id_1 
_pdbx_struct_sheet_hbond.range_id_2 
_pdbx_struct_sheet_hbond.range_1_label_atom_id 
_pdbx_struct_sheet_hbond.range_1_label_comp_id 
_pdbx_struct_sheet_hbond.range_1_label_asym_id 
_pdbx_struct_sheet_hbond.range_1_label_seq_id 
_pdbx_struct_sheet_hbond.range_1_PDB_ins_code 
_pdbx_struct_sheet_hbond.range_1_auth_atom_id 
_pdbx_struct_sheet_hbond.range_1_auth_comp_id 
_pdbx_struct_sheet_hbond.range_1_auth_asym_id 
_pdbx_struct_sheet_hbond.range_1_auth_seq_id 
_pdbx_struct_sheet_hbond.range_2_label_atom_id 
_pdbx_struct_sheet_hbond.range_2_label_comp_id 
_pdbx_struct_sheet_hbond.range_2_label_asym_id 
_pdbx_struct_sheet_hbond.range_2_label_seq_id 
_pdbx_struct_sheet_hbond.range_2_PDB_ins_code 
_pdbx_struct_sheet_hbond.range_2_auth_atom_id 
_pdbx_struct_sheet_hbond.range_2_auth_comp_id 
_pdbx_struct_sheet_hbond.range_2_auth_asym_id 
_pdbx_struct_sheet_hbond.range_2_auth_seq_id 
AA1 1 2 O VAL A 91  ? O VAL A 91  N GLY A 55  ? N GLY A 55  
AA1 2 3 N VAL A 56  ? N VAL A 56  O THR A 68  ? O THR A 68  
AA1 3 4 N ILE A 65  ? N ILE A 65  O TYR A 77  ? O TYR A 77  
AA1 4 5 N ALA A 74  ? N ALA A 74  O LEU A 124 ? O LEU A 124 
AA1 5 6 N GLN A 125 ? N GLN A 125 O GLN A 128 ? O GLN A 128 
AA2 1 2 O VAL A 91  ? O VAL A 91  N GLY A 55  ? N GLY A 55  
AA2 2 3 N VAL A 56  ? N VAL A 56  O THR A 68  ? O THR A 68  
AA2 3 4 N ILE A 65  ? N ILE A 65  O TYR A 77  ? O TYR A 77  
AA2 4 5 N ALA A 74  ? N ALA A 74  O LEU A 124 ? O LEU A 124 
AA2 5 6 O PHE A 121 ? O PHE A 121 N LEU A 33  ? N LEU A 33  
AA2 6 7 O ASN A 36  ? O ASN A 36  N TYR A 16  ? N TYR A 16  
AA2 7 8 N TRP A 15  ? N TRP A 15  O LEU A 171 ? O LEU A 171 
AA3 1 2 N VAL A 49  ? N VAL A 49  O GLY A 98  ? O GLY A 98  
AA3 2 3 O ARG A 99  ? O ARG A 99  N SER A 81  ? N SER A 81  
AA4 1 2 N ILE A 137 ? N ILE A 137 O TYR A 140 ? O TYR A 140 
AA4 2 3 N ARG A 141 ? N ARG A 141 O GLU A 159 ? O GLU A 159 
AA4 3 4 N PHE A 158 ? N PHE A 158 O THR A 165 ? O THR A 165 
# 
loop_
_struct_site.id 
_struct_site.pdbx_evidence_code 
_struct_site.pdbx_auth_asym_id 
_struct_site.pdbx_auth_comp_id 
_struct_site.pdbx_auth_seq_id 
_struct_site.pdbx_auth_ins_code 
_struct_site.pdbx_num_residues 
_struct_site.details 
AC1 Software A ZN  201 ? 4 'binding site for residue ZN A 201'  
AC2 Software A GOL 202 ? 8 'binding site for residue GOL A 202' 
# 
loop_
_struct_site_gen.id 
_struct_site_gen.site_id 
_struct_site_gen.pdbx_num_res 
_struct_site_gen.label_comp_id 
_struct_site_gen.label_asym_id 
_struct_site_gen.label_seq_id 
_struct_site_gen.pdbx_auth_ins_code 
_struct_site_gen.auth_comp_id 
_struct_site_gen.auth_asym_id 
_struct_site_gen.auth_seq_id 
_struct_site_gen.label_atom_id 
_struct_site_gen.label_alt_id 
_struct_site_gen.symmetry 
_struct_site_gen.details 
1  AC1 4 HIS A 21  ? HIS A 21  . ? 1_555 ? 
2  AC1 4 ASP A 34  ? ASP A 34  . ? 1_555 ? 
3  AC1 4 HIS A 120 ? HIS A 120 . ? 1_555 ? 
4  AC1 4 GOL C .   ? GOL A 202 . ? 1_555 ? 
5  AC2 8 HIS A 21  ? HIS A 21  . ? 1_555 ? 
6  AC2 8 ASP A 34  ? ASP A 34  . ? 1_555 ? 
7  AC2 8 HIS A 79  ? HIS A 79  . ? 1_555 ? 
8  AC2 8 GLN A 113 ? GLN A 113 . ? 1_555 ? 
9  AC2 8 HIS A 118 ? HIS A 118 . ? 1_555 ? 
10 AC2 8 HIS A 120 ? HIS A 120 . ? 1_555 ? 
11 AC2 8 TYR A 149 ? TYR A 149 . ? 1_555 ? 
12 AC2 8 ZN  B .   ? ZN  A 201 . ? 1_555 ? 
# 
_pdbx_entry_details.entry_id                   6IK4 
_pdbx_entry_details.compound_details           ? 
_pdbx_entry_details.source_details             ? 
_pdbx_entry_details.nonpolymer_details         ? 
_pdbx_entry_details.sequence_details           ? 
_pdbx_entry_details.has_ligand_of_interest     ? 
_pdbx_entry_details.has_protein_modification   Y 
# 
loop_
_pdbx_validate_torsion.id 
_pdbx_validate_torsion.PDB_model_num 
_pdbx_validate_torsion.auth_comp_id 
_pdbx_validate_torsion.auth_asym_id 
_pdbx_validate_torsion.auth_seq_id 
_pdbx_validate_torsion.PDB_ins_code 
_pdbx_validate_torsion.label_alt_id 
_pdbx_validate_torsion.phi 
_pdbx_validate_torsion.psi 
1 1 PRO A 8   ? ? -79.73 42.69 
2 1 HIS A 79  ? ? 73.53  37.97 
3 1 ASN A 139 ? ? 70.09  -1.23 
# 
loop_
_chem_comp_atom.comp_id 
_chem_comp_atom.atom_id 
_chem_comp_atom.type_symbol 
_chem_comp_atom.pdbx_aromatic_flag 
_chem_comp_atom.pdbx_stereo_config 
_chem_comp_atom.pdbx_ordinal 
ALA N    N  N N 1   
ALA CA   C  N S 2   
ALA C    C  N N 3   
ALA O    O  N N 4   
ALA CB   C  N N 5   
ALA OXT  O  N N 6   
ALA H    H  N N 7   
ALA H2   H  N N 8   
ALA HA   H  N N 9   
ALA HB1  H  N N 10  
ALA HB2  H  N N 11  
ALA HB3  H  N N 12  
ALA HXT  H  N N 13  
ARG N    N  N N 14  
ARG CA   C  N S 15  
ARG C    C  N N 16  
ARG O    O  N N 17  
ARG CB   C  N N 18  
ARG CG   C  N N 19  
ARG CD   C  N N 20  
ARG NE   N  N N 21  
ARG CZ   C  N N 22  
ARG NH1  N  N N 23  
ARG NH2  N  N N 24  
ARG OXT  O  N N 25  
ARG H    H  N N 26  
ARG H2   H  N N 27  
ARG HA   H  N N 28  
ARG HB2  H  N N 29  
ARG HB3  H  N N 30  
ARG HG2  H  N N 31  
ARG HG3  H  N N 32  
ARG HD2  H  N N 33  
ARG HD3  H  N N 34  
ARG HE   H  N N 35  
ARG HH11 H  N N 36  
ARG HH12 H  N N 37  
ARG HH21 H  N N 38  
ARG HH22 H  N N 39  
ARG HXT  H  N N 40  
ASN N    N  N N 41  
ASN CA   C  N S 42  
ASN C    C  N N 43  
ASN O    O  N N 44  
ASN CB   C  N N 45  
ASN CG   C  N N 46  
ASN OD1  O  N N 47  
ASN ND2  N  N N 48  
ASN OXT  O  N N 49  
ASN H    H  N N 50  
ASN H2   H  N N 51  
ASN HA   H  N N 52  
ASN HB2  H  N N 53  
ASN HB3  H  N N 54  
ASN HD21 H  N N 55  
ASN HD22 H  N N 56  
ASN HXT  H  N N 57  
ASP N    N  N N 58  
ASP CA   C  N S 59  
ASP C    C  N N 60  
ASP O    O  N N 61  
ASP CB   C  N N 62  
ASP CG   C  N N 63  
ASP OD1  O  N N 64  
ASP OD2  O  N N 65  
ASP OXT  O  N N 66  
ASP H    H  N N 67  
ASP H2   H  N N 68  
ASP HA   H  N N 69  
ASP HB2  H  N N 70  
ASP HB3  H  N N 71  
ASP HD2  H  N N 72  
ASP HXT  H  N N 73  
CYS N    N  N N 74  
CYS CA   C  N R 75  
CYS C    C  N N 76  
CYS O    O  N N 77  
CYS CB   C  N N 78  
CYS SG   S  N N 79  
CYS OXT  O  N N 80  
CYS H    H  N N 81  
CYS H2   H  N N 82  
CYS HA   H  N N 83  
CYS HB2  H  N N 84  
CYS HB3  H  N N 85  
CYS HG   H  N N 86  
CYS HXT  H  N N 87  
GLN N    N  N N 88  
GLN CA   C  N S 89  
GLN C    C  N N 90  
GLN O    O  N N 91  
GLN CB   C  N N 92  
GLN CG   C  N N 93  
GLN CD   C  N N 94  
GLN OE1  O  N N 95  
GLN NE2  N  N N 96  
GLN OXT  O  N N 97  
GLN H    H  N N 98  
GLN H2   H  N N 99  
GLN HA   H  N N 100 
GLN HB2  H  N N 101 
GLN HB3  H  N N 102 
GLN HG2  H  N N 103 
GLN HG3  H  N N 104 
GLN HE21 H  N N 105 
GLN HE22 H  N N 106 
GLN HXT  H  N N 107 
GLU N    N  N N 108 
GLU CA   C  N S 109 
GLU C    C  N N 110 
GLU O    O  N N 111 
GLU CB   C  N N 112 
GLU CG   C  N N 113 
GLU CD   C  N N 114 
GLU OE1  O  N N 115 
GLU OE2  O  N N 116 
GLU OXT  O  N N 117 
GLU H    H  N N 118 
GLU H2   H  N N 119 
GLU HA   H  N N 120 
GLU HB2  H  N N 121 
GLU HB3  H  N N 122 
GLU HG2  H  N N 123 
GLU HG3  H  N N 124 
GLU HE2  H  N N 125 
GLU HXT  H  N N 126 
GLY N    N  N N 127 
GLY CA   C  N N 128 
GLY C    C  N N 129 
GLY O    O  N N 130 
GLY OXT  O  N N 131 
GLY H    H  N N 132 
GLY H2   H  N N 133 
GLY HA2  H  N N 134 
GLY HA3  H  N N 135 
GLY HXT  H  N N 136 
GOL C1   C  N N 137 
GOL O1   O  N N 138 
GOL C2   C  N N 139 
GOL O2   O  N N 140 
GOL C3   C  N N 141 
GOL O3   O  N N 142 
GOL H11  H  N N 143 
GOL H12  H  N N 144 
GOL HO1  H  N N 145 
GOL H2   H  N N 146 
GOL HO2  H  N N 147 
GOL H31  H  N N 148 
GOL H32  H  N N 149 
GOL HO3  H  N N 150 
HIS N    N  N N 151 
HIS CA   C  N S 152 
HIS C    C  N N 153 
HIS O    O  N N 154 
HIS CB   C  N N 155 
HIS CG   C  Y N 156 
HIS ND1  N  Y N 157 
HIS CD2  C  Y N 158 
HIS CE1  C  Y N 159 
HIS NE2  N  Y N 160 
HIS OXT  O  N N 161 
HIS H    H  N N 162 
HIS H2   H  N N 163 
HIS HA   H  N N 164 
HIS HB2  H  N N 165 
HIS HB3  H  N N 166 
HIS HD1  H  N N 167 
HIS HD2  H  N N 168 
HIS HE1  H  N N 169 
HIS HE2  H  N N 170 
HIS HXT  H  N N 171 
HOH O    O  N N 172 
HOH H1   H  N N 173 
HOH H2   H  N N 174 
ILE N    N  N N 175 
ILE CA   C  N S 176 
ILE C    C  N N 177 
ILE O    O  N N 178 
ILE CB   C  N S 179 
ILE CG1  C  N N 180 
ILE CG2  C  N N 181 
ILE CD1  C  N N 182 
ILE OXT  O  N N 183 
ILE H    H  N N 184 
ILE H2   H  N N 185 
ILE HA   H  N N 186 
ILE HB   H  N N 187 
ILE HG12 H  N N 188 
ILE HG13 H  N N 189 
ILE HG21 H  N N 190 
ILE HG22 H  N N 191 
ILE HG23 H  N N 192 
ILE HD11 H  N N 193 
ILE HD12 H  N N 194 
ILE HD13 H  N N 195 
ILE HXT  H  N N 196 
LEU N    N  N N 197 
LEU CA   C  N S 198 
LEU C    C  N N 199 
LEU O    O  N N 200 
LEU CB   C  N N 201 
LEU CG   C  N N 202 
LEU CD1  C  N N 203 
LEU CD2  C  N N 204 
LEU OXT  O  N N 205 
LEU H    H  N N 206 
LEU H2   H  N N 207 
LEU HA   H  N N 208 
LEU HB2  H  N N 209 
LEU HB3  H  N N 210 
LEU HG   H  N N 211 
LEU HD11 H  N N 212 
LEU HD12 H  N N 213 
LEU HD13 H  N N 214 
LEU HD21 H  N N 215 
LEU HD22 H  N N 216 
LEU HD23 H  N N 217 
LEU HXT  H  N N 218 
MET N    N  N N 219 
MET CA   C  N S 220 
MET C    C  N N 221 
MET O    O  N N 222 
MET CB   C  N N 223 
MET CG   C  N N 224 
MET SD   S  N N 225 
MET CE   C  N N 226 
MET OXT  O  N N 227 
MET H    H  N N 228 
MET H2   H  N N 229 
MET HA   H  N N 230 
MET HB2  H  N N 231 
MET HB3  H  N N 232 
MET HG2  H  N N 233 
MET HG3  H  N N 234 
MET HE1  H  N N 235 
MET HE2  H  N N 236 
MET HE3  H  N N 237 
MET HXT  H  N N 238 
PHE N    N  N N 239 
PHE CA   C  N S 240 
PHE C    C  N N 241 
PHE O    O  N N 242 
PHE CB   C  N N 243 
PHE CG   C  Y N 244 
PHE CD1  C  Y N 245 
PHE CD2  C  Y N 246 
PHE CE1  C  Y N 247 
PHE CE2  C  Y N 248 
PHE CZ   C  Y N 249 
PHE OXT  O  N N 250 
PHE H    H  N N 251 
PHE H2   H  N N 252 
PHE HA   H  N N 253 
PHE HB2  H  N N 254 
PHE HB3  H  N N 255 
PHE HD1  H  N N 256 
PHE HD2  H  N N 257 
PHE HE1  H  N N 258 
PHE HE2  H  N N 259 
PHE HZ   H  N N 260 
PHE HXT  H  N N 261 
PRO N    N  N N 262 
PRO CA   C  N S 263 
PRO C    C  N N 264 
PRO O    O  N N 265 
PRO CB   C  N N 266 
PRO CG   C  N N 267 
PRO CD   C  N N 268 
PRO OXT  O  N N 269 
PRO H    H  N N 270 
PRO HA   H  N N 271 
PRO HB2  H  N N 272 
PRO HB3  H  N N 273 
PRO HG2  H  N N 274 
PRO HG3  H  N N 275 
PRO HD2  H  N N 276 
PRO HD3  H  N N 277 
PRO HXT  H  N N 278 
SER N    N  N N 279 
SER CA   C  N S 280 
SER C    C  N N 281 
SER O    O  N N 282 
SER CB   C  N N 283 
SER OG   O  N N 284 
SER OXT  O  N N 285 
SER H    H  N N 286 
SER H2   H  N N 287 
SER HA   H  N N 288 
SER HB2  H  N N 289 
SER HB3  H  N N 290 
SER HG   H  N N 291 
SER HXT  H  N N 292 
THR N    N  N N 293 
THR CA   C  N S 294 
THR C    C  N N 295 
THR O    O  N N 296 
THR CB   C  N R 297 
THR OG1  O  N N 298 
THR CG2  C  N N 299 
THR OXT  O  N N 300 
THR H    H  N N 301 
THR H2   H  N N 302 
THR HA   H  N N 303 
THR HB   H  N N 304 
THR HG1  H  N N 305 
THR HG21 H  N N 306 
THR HG22 H  N N 307 
THR HG23 H  N N 308 
THR HXT  H  N N 309 
TRP N    N  N N 310 
TRP CA   C  N S 311 
TRP C    C  N N 312 
TRP O    O  N N 313 
TRP CB   C  N N 314 
TRP CG   C  Y N 315 
TRP CD1  C  Y N 316 
TRP CD2  C  Y N 317 
TRP NE1  N  Y N 318 
TRP CE2  C  Y N 319 
TRP CE3  C  Y N 320 
TRP CZ2  C  Y N 321 
TRP CZ3  C  Y N 322 
TRP CH2  C  Y N 323 
TRP OXT  O  N N 324 
TRP H    H  N N 325 
TRP H2   H  N N 326 
TRP HA   H  N N 327 
TRP HB2  H  N N 328 
TRP HB3  H  N N 329 
TRP HD1  H  N N 330 
TRP HE1  H  N N 331 
TRP HE3  H  N N 332 
TRP HZ2  H  N N 333 
TRP HZ3  H  N N 334 
TRP HH2  H  N N 335 
TRP HXT  H  N N 336 
TYR N    N  N N 337 
TYR CA   C  N S 338 
TYR C    C  N N 339 
TYR O    O  N N 340 
TYR CB   C  N N 341 
TYR CG   C  Y N 342 
TYR CD1  C  Y N 343 
TYR CD2  C  Y N 344 
TYR CE1  C  Y N 345 
TYR CE2  C  Y N 346 
TYR CZ   C  Y N 347 
TYR OH   O  N N 348 
TYR OXT  O  N N 349 
TYR H    H  N N 350 
TYR H2   H  N N 351 
TYR HA   H  N N 352 
TYR HB2  H  N N 353 
TYR HB3  H  N N 354 
TYR HD1  H  N N 355 
TYR HD2  H  N N 356 
TYR HE1  H  N N 357 
TYR HE2  H  N N 358 
TYR HH   H  N N 359 
TYR HXT  H  N N 360 
VAL N    N  N N 361 
VAL CA   C  N S 362 
VAL C    C  N N 363 
VAL O    O  N N 364 
VAL CB   C  N N 365 
VAL CG1  C  N N 366 
VAL CG2  C  N N 367 
VAL OXT  O  N N 368 
VAL H    H  N N 369 
VAL H2   H  N N 370 
VAL HA   H  N N 371 
VAL HB   H  N N 372 
VAL HG11 H  N N 373 
VAL HG12 H  N N 374 
VAL HG13 H  N N 375 
VAL HG21 H  N N 376 
VAL HG22 H  N N 377 
VAL HG23 H  N N 378 
VAL HXT  H  N N 379 
ZN  ZN   ZN N N 380 
# 
loop_
_chem_comp_bond.comp_id 
_chem_comp_bond.atom_id_1 
_chem_comp_bond.atom_id_2 
_chem_comp_bond.value_order 
_chem_comp_bond.pdbx_aromatic_flag 
_chem_comp_bond.pdbx_stereo_config 
_chem_comp_bond.pdbx_ordinal 
ALA N   CA   sing N N 1   
ALA N   H    sing N N 2   
ALA N   H2   sing N N 3   
ALA CA  C    sing N N 4   
ALA CA  CB   sing N N 5   
ALA CA  HA   sing N N 6   
ALA C   O    doub N N 7   
ALA C   OXT  sing N N 8   
ALA CB  HB1  sing N N 9   
ALA CB  HB2  sing N N 10  
ALA CB  HB3  sing N N 11  
ALA OXT HXT  sing N N 12  
ARG N   CA   sing N N 13  
ARG N   H    sing N N 14  
ARG N   H2   sing N N 15  
ARG CA  C    sing N N 16  
ARG CA  CB   sing N N 17  
ARG CA  HA   sing N N 18  
ARG C   O    doub N N 19  
ARG C   OXT  sing N N 20  
ARG CB  CG   sing N N 21  
ARG CB  HB2  sing N N 22  
ARG CB  HB3  sing N N 23  
ARG CG  CD   sing N N 24  
ARG CG  HG2  sing N N 25  
ARG CG  HG3  sing N N 26  
ARG CD  NE   sing N N 27  
ARG CD  HD2  sing N N 28  
ARG CD  HD3  sing N N 29  
ARG NE  CZ   sing N N 30  
ARG NE  HE   sing N N 31  
ARG CZ  NH1  sing N N 32  
ARG CZ  NH2  doub N N 33  
ARG NH1 HH11 sing N N 34  
ARG NH1 HH12 sing N N 35  
ARG NH2 HH21 sing N N 36  
ARG NH2 HH22 sing N N 37  
ARG OXT HXT  sing N N 38  
ASN N   CA   sing N N 39  
ASN N   H    sing N N 40  
ASN N   H2   sing N N 41  
ASN CA  C    sing N N 42  
ASN CA  CB   sing N N 43  
ASN CA  HA   sing N N 44  
ASN C   O    doub N N 45  
ASN C   OXT  sing N N 46  
ASN CB  CG   sing N N 47  
ASN CB  HB2  sing N N 48  
ASN CB  HB3  sing N N 49  
ASN CG  OD1  doub N N 50  
ASN CG  ND2  sing N N 51  
ASN ND2 HD21 sing N N 52  
ASN ND2 HD22 sing N N 53  
ASN OXT HXT  sing N N 54  
ASP N   CA   sing N N 55  
ASP N   H    sing N N 56  
ASP N   H2   sing N N 57  
ASP CA  C    sing N N 58  
ASP CA  CB   sing N N 59  
ASP CA  HA   sing N N 60  
ASP C   O    doub N N 61  
ASP C   OXT  sing N N 62  
ASP CB  CG   sing N N 63  
ASP CB  HB2  sing N N 64  
ASP CB  HB3  sing N N 65  
ASP CG  OD1  doub N N 66  
ASP CG  OD2  sing N N 67  
ASP OD2 HD2  sing N N 68  
ASP OXT HXT  sing N N 69  
CYS N   CA   sing N N 70  
CYS N   H    sing N N 71  
CYS N   H2   sing N N 72  
CYS CA  C    sing N N 73  
CYS CA  CB   sing N N 74  
CYS CA  HA   sing N N 75  
CYS C   O    doub N N 76  
CYS C   OXT  sing N N 77  
CYS CB  SG   sing N N 78  
CYS CB  HB2  sing N N 79  
CYS CB  HB3  sing N N 80  
CYS SG  HG   sing N N 81  
CYS OXT HXT  sing N N 82  
GLN N   CA   sing N N 83  
GLN N   H    sing N N 84  
GLN N   H2   sing N N 85  
GLN CA  C    sing N N 86  
GLN CA  CB   sing N N 87  
GLN CA  HA   sing N N 88  
GLN C   O    doub N N 89  
GLN C   OXT  sing N N 90  
GLN CB  CG   sing N N 91  
GLN CB  HB2  sing N N 92  
GLN CB  HB3  sing N N 93  
GLN CG  CD   sing N N 94  
GLN CG  HG2  sing N N 95  
GLN CG  HG3  sing N N 96  
GLN CD  OE1  doub N N 97  
GLN CD  NE2  sing N N 98  
GLN NE2 HE21 sing N N 99  
GLN NE2 HE22 sing N N 100 
GLN OXT HXT  sing N N 101 
GLU N   CA   sing N N 102 
GLU N   H    sing N N 103 
GLU N   H2   sing N N 104 
GLU CA  C    sing N N 105 
GLU CA  CB   sing N N 106 
GLU CA  HA   sing N N 107 
GLU C   O    doub N N 108 
GLU C   OXT  sing N N 109 
GLU CB  CG   sing N N 110 
GLU CB  HB2  sing N N 111 
GLU CB  HB3  sing N N 112 
GLU CG  CD   sing N N 113 
GLU CG  HG2  sing N N 114 
GLU CG  HG3  sing N N 115 
GLU CD  OE1  doub N N 116 
GLU CD  OE2  sing N N 117 
GLU OE2 HE2  sing N N 118 
GLU OXT HXT  sing N N 119 
GLY N   CA   sing N N 120 
GLY N   H    sing N N 121 
GLY N   H2   sing N N 122 
GLY CA  C    sing N N 123 
GLY CA  HA2  sing N N 124 
GLY CA  HA3  sing N N 125 
GLY C   O    doub N N 126 
GLY C   OXT  sing N N 127 
GLY OXT HXT  sing N N 128 
GOL C1  O1   sing N N 129 
GOL C1  C2   sing N N 130 
GOL C1  H11  sing N N 131 
GOL C1  H12  sing N N 132 
GOL O1  HO1  sing N N 133 
GOL C2  O2   sing N N 134 
GOL C2  C3   sing N N 135 
GOL C2  H2   sing N N 136 
GOL O2  HO2  sing N N 137 
GOL C3  O3   sing N N 138 
GOL C3  H31  sing N N 139 
GOL C3  H32  sing N N 140 
GOL O3  HO3  sing N N 141 
HIS N   CA   sing N N 142 
HIS N   H    sing N N 143 
HIS N   H2   sing N N 144 
HIS CA  C    sing N N 145 
HIS CA  CB   sing N N 146 
HIS CA  HA   sing N N 147 
HIS C   O    doub N N 148 
HIS C   OXT  sing N N 149 
HIS CB  CG   sing N N 150 
HIS CB  HB2  sing N N 151 
HIS CB  HB3  sing N N 152 
HIS CG  ND1  sing Y N 153 
HIS CG  CD2  doub Y N 154 
HIS ND1 CE1  doub Y N 155 
HIS ND1 HD1  sing N N 156 
HIS CD2 NE2  sing Y N 157 
HIS CD2 HD2  sing N N 158 
HIS CE1 NE2  sing Y N 159 
HIS CE1 HE1  sing N N 160 
HIS NE2 HE2  sing N N 161 
HIS OXT HXT  sing N N 162 
HOH O   H1   sing N N 163 
HOH O   H2   sing N N 164 
ILE N   CA   sing N N 165 
ILE N   H    sing N N 166 
ILE N   H2   sing N N 167 
ILE CA  C    sing N N 168 
ILE CA  CB   sing N N 169 
ILE CA  HA   sing N N 170 
ILE C   O    doub N N 171 
ILE C   OXT  sing N N 172 
ILE CB  CG1  sing N N 173 
ILE CB  CG2  sing N N 174 
ILE CB  HB   sing N N 175 
ILE CG1 CD1  sing N N 176 
ILE CG1 HG12 sing N N 177 
ILE CG1 HG13 sing N N 178 
ILE CG2 HG21 sing N N 179 
ILE CG2 HG22 sing N N 180 
ILE CG2 HG23 sing N N 181 
ILE CD1 HD11 sing N N 182 
ILE CD1 HD12 sing N N 183 
ILE CD1 HD13 sing N N 184 
ILE OXT HXT  sing N N 185 
LEU N   CA   sing N N 186 
LEU N   H    sing N N 187 
LEU N   H2   sing N N 188 
LEU CA  C    sing N N 189 
LEU CA  CB   sing N N 190 
LEU CA  HA   sing N N 191 
LEU C   O    doub N N 192 
LEU C   OXT  sing N N 193 
LEU CB  CG   sing N N 194 
LEU CB  HB2  sing N N 195 
LEU CB  HB3  sing N N 196 
LEU CG  CD1  sing N N 197 
LEU CG  CD2  sing N N 198 
LEU CG  HG   sing N N 199 
LEU CD1 HD11 sing N N 200 
LEU CD1 HD12 sing N N 201 
LEU CD1 HD13 sing N N 202 
LEU CD2 HD21 sing N N 203 
LEU CD2 HD22 sing N N 204 
LEU CD2 HD23 sing N N 205 
LEU OXT HXT  sing N N 206 
MET N   CA   sing N N 207 
MET N   H    sing N N 208 
MET N   H2   sing N N 209 
MET CA  C    sing N N 210 
MET CA  CB   sing N N 211 
MET CA  HA   sing N N 212 
MET C   O    doub N N 213 
MET C   OXT  sing N N 214 
MET CB  CG   sing N N 215 
MET CB  HB2  sing N N 216 
MET CB  HB3  sing N N 217 
MET CG  SD   sing N N 218 
MET CG  HG2  sing N N 219 
MET CG  HG3  sing N N 220 
MET SD  CE   sing N N 221 
MET CE  HE1  sing N N 222 
MET CE  HE2  sing N N 223 
MET CE  HE3  sing N N 224 
MET OXT HXT  sing N N 225 
PHE N   CA   sing N N 226 
PHE N   H    sing N N 227 
PHE N   H2   sing N N 228 
PHE CA  C    sing N N 229 
PHE CA  CB   sing N N 230 
PHE CA  HA   sing N N 231 
PHE C   O    doub N N 232 
PHE C   OXT  sing N N 233 
PHE CB  CG   sing N N 234 
PHE CB  HB2  sing N N 235 
PHE CB  HB3  sing N N 236 
PHE CG  CD1  doub Y N 237 
PHE CG  CD2  sing Y N 238 
PHE CD1 CE1  sing Y N 239 
PHE CD1 HD1  sing N N 240 
PHE CD2 CE2  doub Y N 241 
PHE CD2 HD2  sing N N 242 
PHE CE1 CZ   doub Y N 243 
PHE CE1 HE1  sing N N 244 
PHE CE2 CZ   sing Y N 245 
PHE CE2 HE2  sing N N 246 
PHE CZ  HZ   sing N N 247 
PHE OXT HXT  sing N N 248 
PRO N   CA   sing N N 249 
PRO N   CD   sing N N 250 
PRO N   H    sing N N 251 
PRO CA  C    sing N N 252 
PRO CA  CB   sing N N 253 
PRO CA  HA   sing N N 254 
PRO C   O    doub N N 255 
PRO C   OXT  sing N N 256 
PRO CB  CG   sing N N 257 
PRO CB  HB2  sing N N 258 
PRO CB  HB3  sing N N 259 
PRO CG  CD   sing N N 260 
PRO CG  HG2  sing N N 261 
PRO CG  HG3  sing N N 262 
PRO CD  HD2  sing N N 263 
PRO CD  HD3  sing N N 264 
PRO OXT HXT  sing N N 265 
SER N   CA   sing N N 266 
SER N   H    sing N N 267 
SER N   H2   sing N N 268 
SER CA  C    sing N N 269 
SER CA  CB   sing N N 270 
SER CA  HA   sing N N 271 
SER C   O    doub N N 272 
SER C   OXT  sing N N 273 
SER CB  OG   sing N N 274 
SER CB  HB2  sing N N 275 
SER CB  HB3  sing N N 276 
SER OG  HG   sing N N 277 
SER OXT HXT  sing N N 278 
THR N   CA   sing N N 279 
THR N   H    sing N N 280 
THR N   H2   sing N N 281 
THR CA  C    sing N N 282 
THR CA  CB   sing N N 283 
THR CA  HA   sing N N 284 
THR C   O    doub N N 285 
THR C   OXT  sing N N 286 
THR CB  OG1  sing N N 287 
THR CB  CG2  sing N N 288 
THR CB  HB   sing N N 289 
THR OG1 HG1  sing N N 290 
THR CG2 HG21 sing N N 291 
THR CG2 HG22 sing N N 292 
THR CG2 HG23 sing N N 293 
THR OXT HXT  sing N N 294 
TRP N   CA   sing N N 295 
TRP N   H    sing N N 296 
TRP N   H2   sing N N 297 
TRP CA  C    sing N N 298 
TRP CA  CB   sing N N 299 
TRP CA  HA   sing N N 300 
TRP C   O    doub N N 301 
TRP C   OXT  sing N N 302 
TRP CB  CG   sing N N 303 
TRP CB  HB2  sing N N 304 
TRP CB  HB3  sing N N 305 
TRP CG  CD1  doub Y N 306 
TRP CG  CD2  sing Y N 307 
TRP CD1 NE1  sing Y N 308 
TRP CD1 HD1  sing N N 309 
TRP CD2 CE2  doub Y N 310 
TRP CD2 CE3  sing Y N 311 
TRP NE1 CE2  sing Y N 312 
TRP NE1 HE1  sing N N 313 
TRP CE2 CZ2  sing Y N 314 
TRP CE3 CZ3  doub Y N 315 
TRP CE3 HE3  sing N N 316 
TRP CZ2 CH2  doub Y N 317 
TRP CZ2 HZ2  sing N N 318 
TRP CZ3 CH2  sing Y N 319 
TRP CZ3 HZ3  sing N N 320 
TRP CH2 HH2  sing N N 321 
TRP OXT HXT  sing N N 322 
TYR N   CA   sing N N 323 
TYR N   H    sing N N 324 
TYR N   H2   sing N N 325 
TYR CA  C    sing N N 326 
TYR CA  CB   sing N N 327 
TYR CA  HA   sing N N 328 
TYR C   O    doub N N 329 
TYR C   OXT  sing N N 330 
TYR CB  CG   sing N N 331 
TYR CB  HB2  sing N N 332 
TYR CB  HB3  sing N N 333 
TYR CG  CD1  doub Y N 334 
TYR CG  CD2  sing Y N 335 
TYR CD1 CE1  sing Y N 336 
TYR CD1 HD1  sing N N 337 
TYR CD2 CE2  doub Y N 338 
TYR CD2 HD2  sing N N 339 
TYR CE1 CZ   doub Y N 340 
TYR CE1 HE1  sing N N 341 
TYR CE2 CZ   sing Y N 342 
TYR CE2 HE2  sing N N 343 
TYR CZ  OH   sing N N 344 
TYR OH  HH   sing N N 345 
TYR OXT HXT  sing N N 346 
VAL N   CA   sing N N 347 
VAL N   H    sing N N 348 
VAL N   H2   sing N N 349 
VAL CA  C    sing N N 350 
VAL CA  CB   sing N N 351 
VAL CA  HA   sing N N 352 
VAL C   O    doub N N 353 
VAL C   OXT  sing N N 354 
VAL CB  CG1  sing N N 355 
VAL CB  CG2  sing N N 356 
VAL CB  HB   sing N N 357 
VAL CG1 HG11 sing N N 358 
VAL CG1 HG12 sing N N 359 
VAL CG1 HG13 sing N N 360 
VAL CG2 HG21 sing N N 361 
VAL CG2 HG22 sing N N 362 
VAL CG2 HG23 sing N N 363 
VAL OXT HXT  sing N N 364 
# 
loop_
_pdbx_audit_support.funding_organization 
_pdbx_audit_support.country 
_pdbx_audit_support.grant_number 
_pdbx_audit_support.ordinal 
'National Natural Science Foundation of China' China 31670063 1 
'National Natural Science Foundation of China' China U1706207 2 
# 
_pdbx_initial_refinement_model.id               1 
_pdbx_initial_refinement_model.entity_id_list   ? 
_pdbx_initial_refinement_model.type             'experimental model' 
_pdbx_initial_refinement_model.source_name      PDB 
_pdbx_initial_refinement_model.accession_code   3IT5 
_pdbx_initial_refinement_model.details          ? 
# 
_atom_sites.entry_id                    6IK4 
_atom_sites.fract_transf_matrix[1][1]   0.01482759 
_atom_sites.fract_transf_matrix[1][2]   0.00230504 
_atom_sites.fract_transf_matrix[1][3]   0.00529652 
_atom_sites.fract_transf_matrix[2][1]   0.00425346 
_atom_sites.fract_transf_matrix[2][2]   -0.00723231 
_atom_sites.fract_transf_matrix[2][3]   -0.00876006 
_atom_sites.fract_transf_matrix[3][1]   0.00127812 
_atom_sites.fract_transf_matrix[3][2]   0.01075483 
_atom_sites.fract_transf_matrix[3][3]   -0.00825859 
_atom_sites.fract_transf_vector[1]      0.063724 
_atom_sites.fract_transf_vector[2]      0.205144 
_atom_sites.fract_transf_vector[3]      0.003345 
# 
loop_
_atom_type.symbol 
C  
N  
O  
S  
ZN 
# 
loop_
_atom_site.group_PDB 
_atom_site.id 
_atom_site.type_symbol 
_atom_site.label_atom_id 
_atom_site.label_alt_id 
_atom_site.label_comp_id 
_atom_site.label_asym_id 
_atom_site.label_entity_id 
_atom_site.label_seq_id 
_atom_site.pdbx_PDB_ins_code 
_atom_site.Cartn_x 
_atom_site.Cartn_y 
_atom_site.Cartn_z 
_atom_site.occupancy 
_atom_site.B_iso_or_equiv 
_atom_site.pdbx_formal_charge 
_atom_site.auth_seq_id 
_atom_site.auth_comp_id 
_atom_site.auth_asym_id 
_atom_site.auth_atom_id 
_atom_site.pdbx_PDB_model_num 
ATOM   1    N  N   . ALA A 1 1   ? -18.191 5.957   -9.123  1.00 47.58 ? 1   ALA A N   1 
ATOM   2    C  CA  . ALA A 1 1   ? -17.391 6.411   -10.258 1.00 48.83 ? 1   ALA A CA  1 
ATOM   3    C  C   . ALA A 1 1   ? -16.374 5.349   -10.673 1.00 41.36 ? 1   ALA A C   1 
ATOM   4    O  O   . ALA A 1 1   ? -16.325 4.259   -10.100 1.00 44.60 ? 1   ALA A O   1 
ATOM   5    C  CB  . ALA A 1 1   ? -16.689 7.720   -9.929  1.00 36.82 ? 1   ALA A CB  1 
ATOM   6    N  N   . THR A 1 2   ? -15.577 5.673   -11.689 1.00 28.14 ? 2   THR A N   1 
ATOM   7    C  CA  . THR A 1 2   ? -14.525 4.774   -12.132 1.00 27.32 ? 2   THR A CA  1 
ATOM   8    C  C   . THR A 1 2   ? -13.482 4.633   -11.032 1.00 26.35 ? 2   THR A C   1 
ATOM   9    O  O   . THR A 1 2   ? -13.114 5.611   -10.376 1.00 25.92 ? 2   THR A O   1 
ATOM   10   C  CB  . THR A 1 2   ? -13.884 5.307   -13.419 1.00 25.82 ? 2   THR A CB  1 
ATOM   11   O  OG1 . THR A 1 2   ? -14.870 5.322   -14.463 1.00 45.28 ? 2   THR A OG1 1 
ATOM   12   C  CG2 . THR A 1 2   ? -12.739 4.423   -13.865 1.00 30.34 ? 2   THR A CG2 1 
ATOM   13   N  N   . PHE A 1 3   ? -13.030 3.405   -10.811 1.00 15.50 ? 3   PHE A N   1 
ATOM   14   C  CA  . PHE A 1 3   ? -12.010 3.162   -9.799  1.00 14.19 ? 3   PHE A CA  1 
ATOM   15   C  C   . PHE A 1 3   ? -10.756 3.980   -10.078 1.00 16.25 ? 3   PHE A C   1 
ATOM   16   O  O   . PHE A 1 3   ? -10.172 3.893   -11.161 1.00 14.45 ? 3   PHE A O   1 
ATOM   17   C  CB  . PHE A 1 3   ? -11.661 1.682   -9.770  1.00 12.44 ? 3   PHE A CB  1 
ATOM   18   C  CG  . PHE A 1 3   ? -10.642 1.330   -8.730  1.00 12.37 ? 3   PHE A CG  1 
ATOM   19   C  CD1 . PHE A 1 3   ? -10.937 1.472   -7.386  1.00 14.07 ? 3   PHE A CD1 1 
ATOM   20   C  CD2 . PHE A 1 3   ? -9.402  0.843   -9.098  1.00 18.34 ? 3   PHE A CD2 1 
ATOM   21   C  CE1 . PHE A 1 3   ? -10.005 1.142   -6.415  1.00 12.40 ? 3   PHE A CE1 1 
ATOM   22   C  CE2 . PHE A 1 3   ? -8.461  0.510   -8.129  1.00 18.52 ? 3   PHE A CE2 1 
ATOM   23   C  CZ  . PHE A 1 3   ? -8.766  0.661   -6.793  1.00 13.31 ? 3   PHE A CZ  1 
ATOM   24   N  N   . THR A 1 4   ? -10.334 4.757   -9.090  1.00 14.11 ? 4   THR A N   1 
ATOM   25   C  CA  . THR A 1 4   ? -9.110  5.540   -9.148  1.00 14.02 ? 4   THR A CA  1 
ATOM   26   C  C   . THR A 1 4   ? -8.461  5.465   -7.776  1.00 17.71 ? 4   THR A C   1 
ATOM   27   O  O   . THR A 1 4   ? -9.160  5.558   -6.767  1.00 19.02 ? 4   THR A O   1 
ATOM   28   C  CB  . THR A 1 4   ? -9.418  7.000   -9.510  1.00 19.29 ? 4   THR A CB  1 
ATOM   29   O  OG1 . THR A 1 4   ? -10.162 7.033   -10.738 1.00 27.36 ? 4   THR A OG1 1 
ATOM   30   C  CG2 . THR A 1 4   ? -8.139  7.784   -9.690  1.00 29.55 ? 4   THR A CG2 1 
ATOM   31   N  N   . MET A 1 5   ? -7.141  5.293   -7.738  1.00 13.21 ? 5   MET A N   1 
ATOM   32   C  CA  . MET A 1 5   ? -6.384  5.187   -6.496  1.00 13.87 ? 5   MET A CA  1 
ATOM   33   C  C   . MET A 1 5   ? -5.492  6.402   -6.324  1.00 13.92 ? 5   MET A C   1 
ATOM   34   O  O   . MET A 1 5   ? -4.935  6.907   -7.298  1.00 11.94 ? 5   MET A O   1 
ATOM   35   C  CB  . MET A 1 5   ? -5.449  3.971   -6.479  1.00 14.22 ? 5   MET A CB  1 
ATOM   36   C  CG  . MET A 1 5   ? -6.028  2.642   -6.791  1.00 22.48 ? 5   MET A CG  1 
ATOM   37   S  SD  . MET A 1 5   ? -4.788  1.441   -6.306  1.00 19.09 ? 5   MET A SD  1 
ATOM   38   C  CE  . MET A 1 5   ? -3.760  1.301   -7.760  1.00 18.07 ? 5   MET A CE  1 
ATOM   39   N  N   . ASN A 1 6   ? -5.306  6.825   -5.073  1.00 10.65 ? 6   ASN A N   1 
ATOM   40   C  CA  . ASN A 1 6   ? -4.292  7.820   -4.725  1.00 10.61 ? 6   ASN A CA  1 
ATOM   41   C  C   . ASN A 1 6   ? -3.246  7.190   -3.824  1.00 11.00 ? 6   ASN A C   1 
ATOM   42   O  O   . ASN A 1 6   ? -3.538  6.242   -3.091  1.00 10.65 ? 6   ASN A O   1 
ATOM   43   C  CB  . ASN A 1 6   ? -4.889  9.028   -4.000  1.00 11.67 ? 6   ASN A CB  1 
ATOM   44   C  CG  . ASN A 1 6   ? -6.083  9.623   -4.731  1.00 25.11 ? 6   ASN A CG  1 
ATOM   45   O  OD1 . ASN A 1 6   ? -5.995  9.972   -5.904  1.00 23.02 ? 6   ASN A OD1 1 
ATOM   46   N  ND2 . ASN A 1 6   ? -7.208  9.738   -4.031  1.00 21.78 ? 6   ASN A ND2 1 
ATOM   47   N  N   . LEU A 1 7   ? -2.029  7.729   -3.867  1.00 10.18 ? 7   LEU A N   1 
ATOM   48   C  CA  . LEU A 1 7   ? -1.026  7.323   -2.892  1.00 10.14 ? 7   LEU A CA  1 
ATOM   49   C  C   . LEU A 1 7   ? -1.551  7.592   -1.486  1.00 10.65 ? 7   LEU A C   1 
ATOM   50   O  O   . LEU A 1 7   ? -2.198  8.621   -1.256  1.00 11.81 ? 7   LEU A O   1 
ATOM   51   C  CB  . LEU A 1 7   ? 0.287   8.076   -3.115  1.00 11.53 ? 7   LEU A CB  1 
ATOM   52   C  CG  . LEU A 1 7   ? 0.950   7.755   -4.454  1.00 10.57 ? 7   LEU A CG  1 
ATOM   53   C  CD1 . LEU A 1 7   ? 1.995   8.832   -4.790  1.00 12.57 ? 7   LEU A CD1 1 
ATOM   54   C  CD2 . LEU A 1 7   ? 1.595   6.373   -4.417  1.00 10.07 ? 7   LEU A CD2 1 
ATOM   55   N  N   . PRO A 1 8   ? -1.286  6.696   -0.519  1.00 10.33 ? 8   PRO A N   1 
ATOM   56   C  CA  . PRO A 1 8   ? -1.939  6.803   0.795   1.00 12.00 ? 8   PRO A CA  1 
ATOM   57   C  C   . PRO A 1 8   ? -1.321  7.833   1.735   1.00 14.36 ? 8   PRO A C   1 
ATOM   58   O  O   . PRO A 1 8   ? -1.175  7.582   2.938   1.00 14.97 ? 8   PRO A O   1 
ATOM   59   C  CB  . PRO A 1 8   ? -1.811  5.379   1.348   1.00 12.40 ? 8   PRO A CB  1 
ATOM   60   C  CG  . PRO A 1 8   ? -0.534  4.858   0.727   1.00 11.55 ? 8   PRO A CG  1 
ATOM   61   C  CD  . PRO A 1 8   ? -0.537  5.435   -0.673  1.00 11.53 ? 8   PRO A CD  1 
ATOM   62   N  N   . TRP A 1 9   ? -0.982  9.005   1.200   1.00 12.69 ? 9   TRP A N   1 
ATOM   63   C  CA  . TRP A 1 9   ? -0.523  10.133  1.998   1.00 12.77 ? 9   TRP A CA  1 
ATOM   64   C  C   . TRP A 1 9   ? -0.980  11.417  1.317   1.00 15.46 ? 9   TRP A C   1 
ATOM   65   O  O   . TRP A 1 9   ? -1.591  11.395  0.242   1.00 12.55 ? 9   TRP A O   1 
ATOM   66   C  CB  . TRP A 1 9   ? 0.993   10.086  2.215   1.00 13.64 ? 9   TRP A CB  1 
ATOM   67   C  CG  . TRP A 1 9   ? 1.842   9.965   0.972   1.00 10.01 ? 9   TRP A CG  1 
ATOM   68   C  CD1 . TRP A 1 9   ? 2.332   10.986  0.205   1.00 13.74 ? 9   TRP A CD1 1 
ATOM   69   C  CD2 . TRP A 1 9   ? 2.349   8.753   0.397   1.00 10.44 ? 9   TRP A CD2 1 
ATOM   70   N  NE1 . TRP A 1 9   ? 3.090   10.480  -0.833  1.00 14.83 ? 9   TRP A NE1 1 
ATOM   71   C  CE2 . TRP A 1 9   ? 3.114   9.111   -0.734  1.00 10.07 ? 9   TRP A CE2 1 
ATOM   72   C  CE3 . TRP A 1 9   ? 2.206   7.394   0.713   1.00 13.36 ? 9   TRP A CE3 1 
ATOM   73   C  CZ2 . TRP A 1 9   ? 3.745   8.157   -1.544  1.00 12.25 ? 9   TRP A CZ2 1 
ATOM   74   C  CZ3 . TRP A 1 9   ? 2.849   6.446   -0.087  1.00 9.63  ? 9   TRP A CZ3 1 
ATOM   75   C  CH2 . TRP A 1 9   ? 3.594   6.832   -1.202  1.00 10.74 ? 9   TRP A CH2 1 
ATOM   76   N  N   . SER A 1 10  ? -0.707  12.544  1.963   1.00 12.49 ? 10  SER A N   1 
ATOM   77   C  CA  . SER A 1 10  ? -1.325  13.800  1.567   1.00 16.78 ? 10  SER A CA  1 
ATOM   78   C  C   . SER A 1 10  ? -0.670  14.395  0.330   1.00 15.07 ? 10  SER A C   1 
ATOM   79   O  O   . SER A 1 10  ? 0.517   14.192  0.059   1.00 15.51 ? 10  SER A O   1 
ATOM   80   C  CB  . SER A 1 10  ? -1.274  14.805  2.720   1.00 22.30 ? 10  SER A CB  1 
ATOM   81   O  OG  . SER A 1 10  ? -2.108  14.358  3.774   1.00 20.21 ? 10  SER A OG  1 
ATOM   82   N  N   . GLN A 1 11  ? -1.468  15.148  -0.417  1.00 15.28 ? 11  GLN A N   1 
ATOM   83   C  CA  . GLN A 1 11  ? -0.982  15.836  -1.603  1.00 22.96 ? 11  GLN A CA  1 
ATOM   84   C  C   . GLN A 1 11  ? 0.205   16.736  -1.262  1.00 21.26 ? 11  GLN A C   1 
ATOM   85   O  O   . GLN A 1 11  ? 0.201   17.441  -0.245  1.00 19.56 ? 11  GLN A O   1 
ATOM   86   C  CB  . GLN A 1 11  ? -2.127  16.650  -2.214  1.00 27.08 ? 11  GLN A CB  1 
ATOM   87   C  CG  . GLN A 1 11  ? -1.682  17.769  -3.130  1.00 36.07 ? 11  GLN A CG  1 
ATOM   88   C  CD  . GLN A 1 11  ? -1.371  17.276  -4.519  1.00 46.28 ? 11  GLN A CD  1 
ATOM   89   O  OE1 . GLN A 1 11  ? -1.893  16.245  -4.951  1.00 44.78 ? 11  GLN A OE1 1 
ATOM   90   N  NE2 . GLN A 1 11  ? -0.510  18.003  -5.229  1.00 48.91 ? 11  GLN A NE2 1 
ATOM   91   N  N   . GLY A 1 12  ? 1.240   16.685  -2.101  1.00 16.94 ? 12  GLY A N   1 
ATOM   92   C  CA  . GLY A 1 12  ? 2.432   17.484  -1.899  1.00 20.27 ? 12  GLY A CA  1 
ATOM   93   C  C   . GLY A 1 12  ? 3.452   16.910  -0.937  1.00 22.97 ? 12  GLY A C   1 
ATOM   94   O  O   . GLY A 1 12  ? 4.547   17.476  -0.817  1.00 21.28 ? 12  GLY A O   1 
ATOM   95   N  N   . TYR A 1 13  ? 3.138   15.822  -0.244  1.00 14.99 ? 13  TYR A N   1 
ATOM   96   C  CA  . TYR A 1 13  ? 4.092   15.128  0.608   1.00 18.72 ? 13  TYR A CA  1 
ATOM   97   C  C   . TYR A 1 13  ? 4.694   13.940  -0.138  1.00 16.40 ? 13  TYR A C   1 
ATOM   98   O  O   . TYR A 1 13  ? 4.147   13.476  -1.136  1.00 12.40 ? 13  TYR A O   1 
ATOM   99   C  CB  . TYR A 1 13  ? 3.422   14.659  1.903   1.00 16.86 ? 13  TYR A CB  1 
ATOM   100  C  CG  . TYR A 1 13  ? 3.052   15.806  2.813   1.00 29.16 ? 13  TYR A CG  1 
ATOM   101  C  CD1 . TYR A 1 13  ? 2.008   16.670  2.495   1.00 32.22 ? 13  TYR A CD1 1 
ATOM   102  C  CD2 . TYR A 1 13  ? 3.762   16.034  3.986   1.00 44.63 ? 13  TYR A CD2 1 
ATOM   103  C  CE1 . TYR A 1 13  ? 1.681   17.723  3.322   1.00 36.04 ? 13  TYR A CE1 1 
ATOM   104  C  CE2 . TYR A 1 13  ? 3.447   17.083  4.818   1.00 47.26 ? 13  TYR A CE2 1 
ATOM   105  C  CZ  . TYR A 1 13  ? 2.405   17.924  4.483   1.00 49.59 ? 13  TYR A CZ  1 
ATOM   106  O  OH  . TYR A 1 13  ? 2.088   18.977  5.317   1.00 59.27 ? 13  TYR A OH  1 
ATOM   107  N  N   . TYR A 1 14  ? 5.845   13.457  0.346   1.00 13.58 ? 14  TYR A N   1 
ATOM   108  C  CA  . TYR A 1 14  ? 6.452   12.264  -0.242  1.00 14.70 ? 14  TYR A CA  1 
ATOM   109  C  C   . TYR A 1 14  ? 6.686   11.203  0.823   1.00 15.74 ? 14  TYR A C   1 
ATOM   110  O  O   . TYR A 1 14  ? 7.012   11.521  1.971   1.00 13.39 ? 14  TYR A O   1 
ATOM   111  C  CB  . TYR A 1 14  ? 7.770   12.579  -0.944  1.00 13.09 ? 14  TYR A CB  1 
ATOM   112  C  CG  . TYR A 1 14  ? 8.895   12.952  0.005   1.00 16.21 ? 14  TYR A CG  1 
ATOM   113  C  CD1 . TYR A 1 14  ? 9.707   11.973  0.584   1.00 18.89 ? 14  TYR A CD1 1 
ATOM   114  C  CD2 . TYR A 1 14  ? 9.145   14.284  0.328   1.00 22.42 ? 14  TYR A CD2 1 
ATOM   115  C  CE1 . TYR A 1 14  ? 10.737  12.313  1.460   1.00 17.46 ? 14  TYR A CE1 1 
ATOM   116  C  CE2 . TYR A 1 14  ? 10.173  14.630  1.198   1.00 23.05 ? 14  TYR A CE2 1 
ATOM   117  C  CZ  . TYR A 1 14  ? 10.965  13.639  1.753   1.00 25.66 ? 14  TYR A CZ  1 
ATOM   118  O  OH  . TYR A 1 14  ? 11.979  13.973  2.619   1.00 34.52 ? 14  TYR A OH  1 
ATOM   119  N  N   . TRP A 1 15  ? 6.459   9.947   0.444   1.00 12.59 ? 15  TRP A N   1 
ATOM   120  C  CA  . TRP A 1 15  ? 6.959   8.772   1.138   1.00 12.65 ? 15  TRP A CA  1 
ATOM   121  C  C   . TRP A 1 15  ? 7.899   8.047   0.179   1.00 11.42 ? 15  TRP A C   1 
ATOM   122  O  O   . TRP A 1 15  ? 8.232   8.565   -0.898  1.00 13.40 ? 15  TRP A O   1 
ATOM   123  C  CB  . TRP A 1 15  ? 5.824   7.848   1.584   1.00 9.77  ? 15  TRP A CB  1 
ATOM   124  C  CG  . TRP A 1 15  ? 4.932   8.331   2.701   1.00 12.19 ? 15  TRP A CG  1 
ATOM   125  C  CD1 . TRP A 1 15  ? 4.781   9.608   3.164   1.00 12.98 ? 15  TRP A CD1 1 
ATOM   126  C  CD2 . TRP A 1 15  ? 4.051   7.512   3.479   1.00 11.21 ? 15  TRP A CD2 1 
ATOM   127  N  NE1 . TRP A 1 15  ? 3.845   9.634   4.188   1.00 15.62 ? 15  TRP A NE1 1 
ATOM   128  C  CE2 . TRP A 1 15  ? 3.390   8.357   4.399   1.00 12.29 ? 15  TRP A CE2 1 
ATOM   129  C  CE3 . TRP A 1 15  ? 3.758   6.144   3.483   1.00 11.47 ? 15  TRP A CE3 1 
ATOM   130  C  CZ2 . TRP A 1 15  ? 2.457   7.875   5.315   1.00 15.05 ? 15  TRP A CZ2 1 
ATOM   131  C  CZ3 . TRP A 1 15  ? 2.827   5.665   4.387   1.00 15.04 ? 15  TRP A CZ3 1 
ATOM   132  C  CH2 . TRP A 1 15  ? 2.190   6.530   5.299   1.00 17.74 ? 15  TRP A CH2 1 
ATOM   133  N  N   . TYR A 1 16  ? 8.317   6.842   0.570   1.00 10.05 ? 16  TYR A N   1 
ATOM   134  C  CA  . TYR A 1 16  ? 9.188   5.994   -0.237  1.00 10.56 ? 16  TYR A CA  1 
ATOM   135  C  C   . TYR A 1 16  ? 8.495   4.676   -0.535  1.00 11.18 ? 16  TYR A C   1 
ATOM   136  O  O   . TYR A 1 16  ? 7.759   4.148   0.302   1.00 13.05 ? 16  TYR A O   1 
ATOM   137  C  CB  . TYR A 1 16  ? 10.502  5.677   0.472   1.00 11.63 ? 16  TYR A CB  1 
ATOM   138  C  CG  . TYR A 1 16  ? 11.279  6.890   0.906   1.00 13.60 ? 16  TYR A CG  1 
ATOM   139  C  CD1 . TYR A 1 16  ? 12.168  7.516   0.035   1.00 16.89 ? 16  TYR A CD1 1 
ATOM   140  C  CD2 . TYR A 1 16  ? 11.155  7.389   2.193   1.00 15.46 ? 16  TYR A CD2 1 
ATOM   141  C  CE1 . TYR A 1 16  ? 12.900  8.632   0.441   1.00 13.64 ? 16  TYR A CE1 1 
ATOM   142  C  CE2 . TYR A 1 16  ? 11.889  8.497   2.609   1.00 15.40 ? 16  TYR A CE2 1 
ATOM   143  C  CZ  . TYR A 1 16  ? 12.751  9.110   1.731   1.00 16.22 ? 16  TYR A CZ  1 
ATOM   144  O  OH  . TYR A 1 16  ? 13.477  10.206  2.144   1.00 23.64 ? 16  TYR A OH  1 
ATOM   145  N  N   . SER A 1 17  ? 8.770   4.126   -1.716  1.00 9.01  ? 17  SER A N   1 
ATOM   146  C  CA  . SER A 1 17  ? 8.264   2.819   -2.098  1.00 10.26 ? 17  SER A CA  1 
ATOM   147  C  C   . SER A 1 17  ? 9.415   1.902   -2.477  1.00 11.79 ? 17  SER A C   1 
ATOM   148  O  O   . SER A 1 17  ? 10.401  2.341   -3.079  1.00 10.85 ? 17  SER A O   1 
ATOM   149  C  CB  . SER A 1 17  ? 7.288   2.907   -3.284  1.00 10.17 ? 17  SER A CB  1 
ATOM   150  O  OG  . SER A 1 17  ? 6.802   1.607   -3.630  1.00 11.32 ? 17  SER A OG  1 
ATOM   151  N  N   . GLY A 1 18  ? 9.265   0.620   -2.144  1.00 12.08 ? 18  GLY A N   1 
ATOM   152  C  CA  . GLY A 1 18  ? 10.097  -0.423  -2.706  1.00 10.28 ? 18  GLY A CA  1 
ATOM   153  C  C   . GLY A 1 18  ? 9.523   -0.929  -4.012  1.00 12.90 ? 18  GLY A C   1 
ATOM   154  O  O   . GLY A 1 18  ? 8.559   -0.385  -4.556  1.00 12.22 ? 18  GLY A O   1 
ATOM   155  N  N   . GLY A 1 19  ? 10.147  -1.996  -4.531  1.00 13.81 ? 19  GLY A N   1 
ATOM   156  C  CA  . GLY A 1 19  ? 9.687   -2.583  -5.772  1.00 10.67 ? 19  GLY A CA  1 
ATOM   157  C  C   . GLY A 1 19  ? 8.425   -3.410  -5.608  1.00 11.78 ? 19  GLY A C   1 
ATOM   158  O  O   . GLY A 1 19  ? 8.072   -3.871  -4.518  1.00 13.78 ? 19  GLY A O   1 
ATOM   159  N  N   . ALA A 1 20  ? 7.752   -3.632  -6.739  1.00 13.21 ? 20  ALA A N   1 
ATOM   160  C  CA  . ALA A 1 20  ? 6.527   -4.420  -6.732  1.00 8.87  ? 20  ALA A CA  1 
ATOM   161  C  C   . ALA A 1 20  ? 6.825   -5.880  -6.418  1.00 12.98 ? 20  ALA A C   1 
ATOM   162  O  O   . ALA A 1 20  ? 7.848   -6.431  -6.838  1.00 15.13 ? 20  ALA A O   1 
ATOM   163  C  CB  . ALA A 1 20  ? 5.812   -4.297  -8.083  1.00 11.12 ? 20  ALA A CB  1 
ATOM   164  N  N   . HIS A 1 21  ? 5.928   -6.501  -5.650  1.00 12.31 ? 21  HIS A N   1 
ATOM   165  C  CA  . HIS A 1 21  ? 6.073   -7.896  -5.264  1.00 13.51 ? 21  HIS A CA  1 
ATOM   166  C  C   . HIS A 1 21  ? 4.694   -8.501  -5.069  1.00 13.60 ? 21  HIS A C   1 
ATOM   167  O  O   . HIS A 1 21  ? 3.690   -7.793  -4.962  1.00 11.16 ? 21  HIS A O   1 
ATOM   168  C  CB  . HIS A 1 21  ? 6.925   -8.057  -3.987  1.00 12.71 ? 21  HIS A CB  1 
ATOM   169  C  CG  . HIS A 1 21  ? 6.492   -7.183  -2.844  1.00 11.32 ? 21  HIS A CG  1 
ATOM   170  N  ND1 . HIS A 1 21  ? 6.724   -5.822  -2.820  1.00 11.31 ? 21  HIS A ND1 1 
ATOM   171  C  CD2 . HIS A 1 21  ? 5.858   -7.475  -1.681  1.00 14.00 ? 21  HIS A CD2 1 
ATOM   172  C  CE1 . HIS A 1 21  ? 6.252   -5.315  -1.695  1.00 12.24 ? 21  HIS A CE1 1 
ATOM   173  N  NE2 . HIS A 1 21  ? 5.719   -6.297  -0.986  1.00 12.78 ? 21  HIS A NE2 1 
ATOM   174  N  N   . SER A 1 22  ? 4.651   -9.832  -5.041  1.00 13.06 ? 22  SER A N   1 
ATOM   175  C  CA  . SER A 1 22  ? 3.404   -10.500 -4.716  1.00 13.16 ? 22  SER A CA  1 
ATOM   176  C  C   . SER A 1 22  ? 3.091   -10.320 -3.235  1.00 14.87 ? 22  SER A C   1 
ATOM   177  O  O   . SER A 1 22  ? 3.929   -9.878  -2.437  1.00 14.26 ? 22  SER A O   1 
ATOM   178  C  CB  . SER A 1 22  ? 3.475   -11.990 -5.060  1.00 15.80 ? 22  SER A CB  1 
ATOM   179  O  OG  . SER A 1 22  ? 4.069   -12.705 -3.986  1.00 20.96 ? 22  SER A OG  1 
ATOM   180  N  N   . ASN A 1 23  ? 1.866   -10.703 -2.862  1.00 13.07 ? 23  ASN A N   1 
ATOM   181  C  CA  . ASN A 1 23  ? 1.435   -10.540 -1.482  1.00 16.18 ? 23  ASN A CA  1 
ATOM   182  C  C   . ASN A 1 23  ? 2.364   -11.265 -0.520  1.00 20.38 ? 23  ASN A C   1 
ATOM   183  O  O   . ASN A 1 23  ? 2.602   -10.777 0.589   1.00 24.17 ? 23  ASN A O   1 
ATOM   184  C  CB  . ASN A 1 23  ? 0.002   -11.037 -1.304  1.00 21.26 ? 23  ASN A CB  1 
ATOM   185  C  CG  . ASN A 1 23  ? -0.532  -10.757 0.085   1.00 27.74 ? 23  ASN A CG  1 
ATOM   186  O  OD1 . ASN A 1 23  ? -0.395  -9.647  0.600   1.00 22.45 ? 23  ASN A OD1 1 
ATOM   187  N  ND2 . ASN A 1 23  ? -1.128  -11.769 0.710   1.00 27.99 ? 23  ASN A ND2 1 
ATOM   188  N  N   . THR A 1 24  ? 2.918   -12.410 -0.934  1.00 22.39 ? 24  THR A N   1 
ATOM   189  C  CA  . THR A 1 24  ? 3.838   -13.160 -0.082  1.00 28.34 ? 24  THR A CA  1 
ATOM   190  C  C   . THR A 1 24  ? 5.295   -12.814 -0.316  1.00 26.70 ? 24  THR A C   1 
ATOM   191  O  O   . THR A 1 24  ? 6.133   -13.151 0.527   1.00 25.48 ? 24  THR A O   1 
ATOM   192  C  CB  . THR A 1 24  ? 3.688   -14.667 -0.306  1.00 27.96 ? 24  THR A CB  1 
ATOM   193  O  OG1 . THR A 1 24  ? 4.059   -14.975 -1.653  1.00 25.64 ? 24  THR A OG1 1 
ATOM   194  C  CG2 . THR A 1 24  ? 2.257   -15.110 -0.051  1.00 26.26 ? 24  THR A CG2 1 
ATOM   195  N  N   . GLY A 1 25  ? 5.620   -12.172 -1.434  1.00 22.20 ? 25  GLY A N   1 
ATOM   196  C  CA  . GLY A 1 25  ? 6.996   -11.941 -1.810  1.00 20.82 ? 25  GLY A CA  1 
ATOM   197  C  C   . GLY A 1 25  ? 7.599   -13.008 -2.697  1.00 24.30 ? 25  GLY A C   1 
ATOM   198  O  O   . GLY A 1 25  ? 8.759   -12.868 -3.092  1.00 28.77 ? 25  GLY A O   1 
ATOM   199  N  N   . SER A 1 26  ? 6.851   -14.066 -3.017  1.00 24.33 ? 26  SER A N   1 
ATOM   200  C  CA  . SER A 1 26  ? 7.271   -15.111 -3.945  1.00 27.25 ? 26  SER A CA  1 
ATOM   201  C  C   . SER A 1 26  ? 6.214   -15.299 -5.027  1.00 24.98 ? 26  SER A C   1 
ATOM   202  O  O   . SER A 1 26  ? 5.020   -15.125 -4.784  1.00 22.89 ? 26  SER A O   1 
ATOM   203  C  CB  . SER A 1 26  ? 7.493   -16.444 -3.219  1.00 35.87 ? 26  SER A CB  1 
ATOM   204  O  OG  . SER A 1 26  ? 8.343   -16.271 -2.101  1.00 35.95 ? 26  SER A OG  1 
ATOM   205  N  N   . GLY A 1 27  ? 6.651   -15.663 -6.226  1.00 30.74 ? 27  GLY A N   1 
ATOM   206  C  CA  . GLY A 1 27  ? 5.684   -15.946 -7.276  1.00 29.34 ? 27  GLY A CA  1 
ATOM   207  C  C   . GLY A 1 27  ? 4.932   -14.707 -7.756  1.00 31.02 ? 27  GLY A C   1 
ATOM   208  O  O   . GLY A 1 27  ? 5.279   -13.568 -7.444  1.00 21.79 ? 27  GLY A O   1 
ATOM   209  N  N   . TYR A 1 28  ? 3.871   -14.969 -8.527  1.00 23.99 ? 28  TYR A N   1 
ATOM   210  C  CA  . TYR A 1 28  ? 3.089   -13.946 -9.238  1.00 19.58 ? 28  TYR A CA  1 
ATOM   211  C  C   . TYR A 1 28  ? 1.675   -13.770 -8.677  1.00 22.79 ? 28  TYR A C   1 
ATOM   212  O  O   . TYR A 1 28  ? 1.167   -14.649 -7.975  1.00 24.39 ? 28  TYR A O   1 
ATOM   213  C  CB  . TYR A 1 28  ? 2.952   -14.312 -10.716 1.00 22.15 ? 28  TYR A CB  1 
ATOM   214  C  CG  . TYR A 1 28  ? 4.190   -14.172 -11.548 1.00 32.33 ? 28  TYR A CG  1 
ATOM   215  C  CD1 . TYR A 1 28  ? 4.667   -12.920 -11.916 1.00 27.60 ? 28  TYR A CD1 1 
ATOM   216  C  CD2 . TYR A 1 28  ? 4.859   -15.299 -12.013 1.00 39.46 ? 28  TYR A CD2 1 
ATOM   217  C  CE1 . TYR A 1 28  ? 5.800   -12.796 -12.700 1.00 37.40 ? 28  TYR A CE1 1 
ATOM   218  C  CE2 . TYR A 1 28  ? 5.992   -15.187 -12.798 1.00 38.53 ? 28  TYR A CE2 1 
ATOM   219  C  CZ  . TYR A 1 28  ? 6.458   -13.937 -13.138 1.00 39.12 ? 28  TYR A CZ  1 
ATOM   220  O  OH  . TYR A 1 28  ? 7.586   -13.828 -13.918 1.00 42.06 ? 28  TYR A OH  1 
ATOM   221  N  N   . PRO A 1 29  ? 1.006   -12.649 -9.010  1.00 18.89 ? 29  PRO A N   1 
ATOM   222  C  CA  . PRO A 1 29  ? 1.442   -11.455 -9.752  1.00 17.14 ? 29  PRO A CA  1 
ATOM   223  C  C   . PRO A 1 29  ? 2.118   -10.446 -8.825  1.00 16.20 ? 29  PRO A C   1 
ATOM   224  O  O   . PRO A 1 29  ? 2.067   -10.658 -7.616  1.00 15.01 ? 29  PRO A O   1 
ATOM   225  C  CB  . PRO A 1 29  ? 0.132   -10.898 -10.303 1.00 15.55 ? 29  PRO A CB  1 
ATOM   226  C  CG  . PRO A 1 29  ? -0.881  -11.267 -9.272  1.00 18.50 ? 29  PRO A CG  1 
ATOM   227  C  CD  . PRO A 1 29  ? -0.397  -12.535 -8.577  1.00 18.71 ? 29  PRO A CD  1 
ATOM   228  N  N   . TYR A 1 30  ? 2.733   -9.383  -9.358  1.00 13.91 ? 30  TYR A N   1 
ATOM   229  C  CA  . TYR A 1 30  ? 3.355   -8.363  -8.504  1.00 15.17 ? 30  TYR A CA  1 
ATOM   230  C  C   . TYR A 1 30  ? 2.279   -7.342  -8.163  1.00 13.15 ? 30  TYR A C   1 
ATOM   231  O  O   . TYR A 1 30  ? 2.100   -6.333  -8.850  1.00 15.03 ? 30  TYR A O   1 
ATOM   232  C  CB  . TYR A 1 30  ? 4.554   -7.719  -9.180  1.00 13.83 ? 30  TYR A CB  1 
ATOM   233  C  CG  . TYR A 1 30  ? 5.597   -8.738  -9.584  1.00 17.39 ? 30  TYR A CG  1 
ATOM   234  C  CD1 . TYR A 1 30  ? 5.713   -9.950  -8.905  1.00 13.09 ? 30  TYR A CD1 1 
ATOM   235  C  CD2 . TYR A 1 30  ? 6.445   -8.498  -10.659 1.00 23.84 ? 30  TYR A CD2 1 
ATOM   236  C  CE1 . TYR A 1 30  ? 6.665   -10.900 -9.291  1.00 17.35 ? 30  TYR A CE1 1 
ATOM   237  C  CE2 . TYR A 1 30  ? 7.392   -9.430  -11.048 1.00 20.37 ? 30  TYR A CE2 1 
ATOM   238  C  CZ  . TYR A 1 30  ? 7.495   -10.628 -10.364 1.00 23.12 ? 30  TYR A CZ  1 
ATOM   239  O  OH  . TYR A 1 30  ? 8.436   -11.543 -10.777 1.00 24.87 ? 30  TYR A OH  1 
ATOM   240  N  N   . SER A 1 31  ? 1.581   -7.613  -7.069  1.00 11.71 ? 31  SER A N   1 
ATOM   241  C  CA  . SER A 1 31  ? 0.374   -6.906  -6.658  1.00 11.82 ? 31  SER A CA  1 
ATOM   242  C  C   . SER A 1 31  ? 0.605   -5.872  -5.566  1.00 10.05 ? 31  SER A C   1 
ATOM   243  O  O   . SER A 1 31  ? -0.328  -5.133  -5.232  1.00 9.12  ? 31  SER A O   1 
ATOM   244  C  CB  . SER A 1 31  ? -0.632  -7.912  -6.124  1.00 13.40 ? 31  SER A CB  1 
ATOM   245  O  OG  . SER A 1 31  ? -0.109  -8.498  -4.947  1.00 13.87 ? 31  SER A OG  1 
ATOM   246  N  N   . SER A 1 32  ? 1.792   -5.835  -4.969  1.00 9.04  ? 32  SER A N   1 
ATOM   247  C  CA  . SER A 1 32  ? 1.985   -5.157  -3.700  1.00 10.69 ? 32  SER A CA  1 
ATOM   248  C  C   . SER A 1 32  ? 3.197   -4.230  -3.740  1.00 11.86 ? 32  SER A C   1 
ATOM   249  O  O   . SER A 1 32  ? 4.145   -4.446  -4.498  1.00 11.78 ? 32  SER A O   1 
ATOM   250  C  CB  . SER A 1 32  ? 2.165   -6.179  -2.563  1.00 10.48 ? 32  SER A CB  1 
ATOM   251  O  OG  . SER A 1 32  ? 1.068   -7.082  -2.498  1.00 10.15 ? 32  SER A OG  1 
ATOM   252  N  N   . LEU A 1 33  ? 3.152   -3.205  -2.887  1.00 11.07 ? 33  LEU A N   1 
ATOM   253  C  CA  . LEU A 1 33  ? 4.243   -2.261  -2.673  1.00 10.06 ? 33  LEU A CA  1 
ATOM   254  C  C   . LEU A 1 33  ? 4.399   -2.044  -1.181  1.00 11.19 ? 33  LEU A C   1 
ATOM   255  O  O   . LEU A 1 33  ? 3.407   -2.037  -0.448  1.00 11.37 ? 33  LEU A O   1 
ATOM   256  C  CB  . LEU A 1 33  ? 3.963   -0.910  -3.361  1.00 10.56 ? 33  LEU A CB  1 
ATOM   257  C  CG  . LEU A 1 33  ? 3.879   -0.939  -4.887  1.00 15.46 ? 33  LEU A CG  1 
ATOM   258  C  CD1 . LEU A 1 33  ? 3.119   0.287   -5.395  1.00 9.07  ? 33  LEU A CD1 1 
ATOM   259  C  CD2 . LEU A 1 33  ? 5.284   -0.995  -5.501  1.00 13.52 ? 33  LEU A CD2 1 
ATOM   260  N  N   . ASP A 1 34  ? 5.640   -1.870  -0.724  1.00 11.19 ? 34  ASP A N   1 
ATOM   261  C  CA  . ASP A 1 34  ? 5.909   -1.501  0.662   1.00 10.04 ? 34  ASP A CA  1 
ATOM   262  C  C   . ASP A 1 34  ? 6.213   -0.004  0.718   1.00 9.23  ? 34  ASP A C   1 
ATOM   263  O  O   . ASP A 1 34  ? 7.156   0.462   0.074   1.00 10.91 ? 34  ASP A O   1 
ATOM   264  C  CB  . ASP A 1 34  ? 7.072   -2.319  1.229   1.00 10.11 ? 34  ASP A CB  1 
ATOM   265  C  CG  . ASP A 1 34  ? 6.753   -3.799  1.290   1.00 14.16 ? 34  ASP A CG  1 
ATOM   266  O  OD1 . ASP A 1 34  ? 5.560   -4.137  1.334   1.00 9.75  ? 34  ASP A OD1 1 
ATOM   267  O  OD2 . ASP A 1 34  ? 7.686   -4.626  1.305   1.00 15.30 ? 34  ASP A OD2 1 
ATOM   268  N  N   . PHE A 1 35  ? 5.393   0.748   1.461   1.00 9.69  ? 35  PHE A N   1 
ATOM   269  C  CA  . PHE A 1 35  ? 5.532   2.196   1.606   1.00 10.64 ? 35  PHE A CA  1 
ATOM   270  C  C   . PHE A 1 35  ? 6.004   2.551   3.011   1.00 11.77 ? 35  PHE A C   1 
ATOM   271  O  O   . PHE A 1 35  ? 5.522   1.975   3.992   1.00 9.77  ? 35  PHE A O   1 
ATOM   272  C  CB  . PHE A 1 35  ? 4.202   2.927   1.394   1.00 9.88  ? 35  PHE A CB  1 
ATOM   273  C  CG  . PHE A 1 35  ? 3.631   2.824   0.010   1.00 8.55  ? 35  PHE A CG  1 
ATOM   274  C  CD1 . PHE A 1 35  ? 4.420   3.022   -1.110  1.00 9.04  ? 35  PHE A CD1 1 
ATOM   275  C  CD2 . PHE A 1 35  ? 2.288   2.548   -0.159  1.00 12.77 ? 35  PHE A CD2 1 
ATOM   276  C  CE1 . PHE A 1 35  ? 3.879   2.957   -2.376  1.00 12.32 ? 35  PHE A CE1 1 
ATOM   277  C  CE2 . PHE A 1 35  ? 1.734   2.464   -1.421  1.00 15.03 ? 35  PHE A CE2 1 
ATOM   278  C  CZ  . PHE A 1 35  ? 2.523   2.673   -2.535  1.00 10.48 ? 35  PHE A CZ  1 
ATOM   279  N  N   . ASN A 1 36  ? 6.894   3.541   3.120   1.00 10.73 ? 36  ASN A N   1 
ATOM   280  C  CA  . ASN A 1 36  ? 7.218   4.087   4.438   1.00 12.99 ? 36  ASN A CA  1 
ATOM   281  C  C   . ASN A 1 36  ? 7.650   5.539   4.282   1.00 12.44 ? 36  ASN A C   1 
ATOM   282  O  O   . ASN A 1 36  ? 8.128   5.943   3.221   1.00 13.26 ? 36  ASN A O   1 
ATOM   283  C  CB  . ASN A 1 36  ? 8.296   3.253   5.144   1.00 10.77 ? 36  ASN A CB  1 
ATOM   284  C  CG  . ASN A 1 36  ? 9.716   3.605   4.691   1.00 15.78 ? 36  ASN A CG  1 
ATOM   285  O  OD1 . ASN A 1 36  ? 10.376  4.453   5.290   1.00 14.35 ? 36  ASN A OD1 1 
ATOM   286  N  ND2 . ASN A 1 36  ? 10.193  2.942   3.637   1.00 12.26 ? 36  ASN A ND2 1 
ATOM   287  N  N   . ASN A 1 37  ? 7.469   6.336   5.339   1.00 9.95  ? 37  ASN A N   1 
ATOM   288  C  CA  . ASN A 1 37  ? 7.794   7.755   5.240   1.00 12.07 ? 37  ASN A CA  1 
ATOM   289  C  C   . ASN A 1 37  ? 9.160   8.094   5.819   1.00 16.05 ? 37  ASN A C   1 
ATOM   290  O  O   . ASN A 1 37  ? 9.457   9.275   6.011   1.00 14.62 ? 37  ASN A O   1 
ATOM   291  C  CB  . ASN A 1 37  ? 6.714   8.610   5.918   1.00 11.75 ? 37  ASN A CB  1 
ATOM   292  C  CG  . ASN A 1 37  ? 6.821   8.616   7.435   1.00 16.61 ? 37  ASN A CG  1 
ATOM   293  O  OD1 . ASN A 1 37  ? 7.412   7.720   8.047   1.00 14.21 ? 37  ASN A OD1 1 
ATOM   294  N  ND2 . ASN A 1 37  ? 6.219   9.637   8.059   1.00 18.12 ? 37  ASN A ND2 1 
ATOM   295  N  N   . GLY A 1 38  ? 9.987   7.095   6.120   1.00 14.84 ? 38  GLY A N   1 
ATOM   296  C  CA  . GLY A 1 38  ? 11.313  7.384   6.635   1.00 19.10 ? 38  GLY A CA  1 
ATOM   297  C  C   . GLY A 1 38  ? 11.367  7.793   8.091   1.00 22.32 ? 38  GLY A C   1 
ATOM   298  O  O   . GLY A 1 38  ? 12.332  8.448   8.506   1.00 20.91 ? 38  GLY A O   1 
ATOM   299  N  N   . SER A 1 39  ? 10.371  7.410   8.894   1.00 19.41 ? 39  SER A N   1 
ATOM   300  C  CA  . SER A 1 39  ? 10.333  7.843   10.286  1.00 22.85 ? 39  SER A CA  1 
ATOM   301  C  C   . SER A 1 39  ? 11.370  7.138   11.154  1.00 18.82 ? 39  SER A C   1 
ATOM   302  O  O   . SER A 1 39  ? 11.641  7.607   12.263  1.00 26.81 ? 39  SER A O   1 
ATOM   303  C  CB  . SER A 1 39  ? 8.939   7.614   10.879  1.00 20.85 ? 39  SER A CB  1 
ATOM   304  O  OG  . SER A 1 39  ? 8.745   6.244   11.201  1.00 22.16 ? 39  SER A OG  1 
ATOM   305  N  N   . GLY A 1 40  ? 11.935  6.018   10.699  1.00 23.72 ? 40  GLY A N   1 
ATOM   306  C  CA  . GLY A 1 40  ? 12.949  5.319   11.464  1.00 27.87 ? 40  GLY A CA  1 
ATOM   307  C  C   . GLY A 1 40  ? 12.595  3.855   11.644  1.00 26.71 ? 40  GLY A C   1 
ATOM   308  O  O   . GLY A 1 40  ? 11.770  3.299   10.911  1.00 26.66 ? 40  GLY A O   1 
ATOM   309  N  N   . GLY A 1 41  ? 13.228  3.224   12.632  1.00 23.00 ? 41  GLY A N   1 
ATOM   310  C  CA  . GLY A 1 41  ? 13.053  1.809   12.897  1.00 18.23 ? 41  GLY A CA  1 
ATOM   311  C  C   . GLY A 1 41  ? 11.921  1.539   13.869  1.00 18.15 ? 41  GLY A C   1 
ATOM   312  O  O   . GLY A 1 41  ? 11.080  2.400   14.141  1.00 18.45 ? 41  GLY A O   1 
ATOM   313  N  N   . TRP A 1 42  ? 11.918  0.323   14.417  1.00 18.35 ? 42  TRP A N   1 
ATOM   314  C  CA  . TRP A 1 42  ? 10.914  -0.043  15.413  1.00 17.05 ? 42  TRP A CA  1 
ATOM   315  C  C   . TRP A 1 42  ? 10.969  0.903   16.609  1.00 25.59 ? 42  TRP A C   1 
ATOM   316  O  O   . TRP A 1 42  ? 12.047  1.297   17.066  1.00 24.88 ? 42  TRP A O   1 
ATOM   317  C  CB  . TRP A 1 42  ? 11.117  -1.487  15.868  1.00 18.84 ? 42  TRP A CB  1 
ATOM   318  C  CG  . TRP A 1 42  ? 11.100  -2.468  14.740  1.00 20.30 ? 42  TRP A CG  1 
ATOM   319  C  CD1 . TRP A 1 42  ? 12.142  -3.233  14.302  1.00 23.35 ? 42  TRP A CD1 1 
ATOM   320  C  CD2 . TRP A 1 42  ? 9.988   -2.775  13.883  1.00 20.54 ? 42  TRP A CD2 1 
ATOM   321  N  NE1 . TRP A 1 42  ? 11.745  -4.010  13.234  1.00 23.12 ? 42  TRP A NE1 1 
ATOM   322  C  CE2 . TRP A 1 42  ? 10.430  -3.742  12.953  1.00 21.96 ? 42  TRP A CE2 1 
ATOM   323  C  CE3 . TRP A 1 42  ? 8.662   -2.331  13.815  1.00 21.42 ? 42  TRP A CE3 1 
ATOM   324  C  CZ2 . TRP A 1 42  ? 9.589   -4.278  11.970  1.00 19.79 ? 42  TRP A CZ2 1 
ATOM   325  C  CZ3 . TRP A 1 42  ? 7.828   -2.861  12.831  1.00 17.95 ? 42  TRP A CZ3 1 
ATOM   326  C  CH2 . TRP A 1 42  ? 8.297   -3.818  11.921  1.00 18.47 ? 42  TRP A CH2 1 
ATOM   327  N  N   . GLY A 1 43  ? 9.791   1.280   17.110  1.00 17.84 ? 43  GLY A N   1 
ATOM   328  C  CA  . GLY A 1 43  ? 9.673   2.251   18.177  1.00 21.52 ? 43  GLY A CA  1 
ATOM   329  C  C   . GLY A 1 43  ? 9.540   3.688   17.725  1.00 24.68 ? 43  GLY A C   1 
ATOM   330  O  O   . GLY A 1 43  ? 9.201   4.553   18.547  1.00 22.50 ? 43  GLY A O   1 
ATOM   331  N  N   . SER A 1 44  ? 9.778   3.974   16.446  1.00 17.24 ? 44  SER A N   1 
ATOM   332  C  CA  . SER A 1 44  ? 9.739   5.340   15.953  1.00 20.51 ? 44  SER A CA  1 
ATOM   333  C  C   . SER A 1 44  ? 8.295   5.810   15.795  1.00 17.98 ? 44  SER A C   1 
ATOM   334  O  O   . SER A 1 44  ? 7.334   5.061   15.994  1.00 21.05 ? 44  SER A O   1 
ATOM   335  C  CB  . SER A 1 44  ? 10.515  5.454   14.640  1.00 27.14 ? 44  SER A CB  1 
ATOM   336  O  OG  . SER A 1 44  ? 9.881   4.729   13.599  1.00 22.71 ? 44  SER A OG  1 
ATOM   337  N  N   . ASN A 1 45  ? 8.141   7.082   15.436  1.00 17.10 ? 45  ASN A N   1 
ATOM   338  C  CA  . ASN A 1 45  ? 6.831   7.723   15.345  1.00 21.15 ? 45  ASN A CA  1 
ATOM   339  C  C   . ASN A 1 45  ? 6.264   7.468   13.946  1.00 23.62 ? 45  ASN A C   1 
ATOM   340  O  O   . ASN A 1 45  ? 6.330   8.310   13.045  1.00 20.99 ? 45  ASN A O   1 
ATOM   341  C  CB  . ASN A 1 45  ? 6.973   9.207   15.664  1.00 24.95 ? 45  ASN A CB  1 
ATOM   342  C  CG  . ASN A 1 45  ? 5.693   9.978   15.473  1.00 36.44 ? 45  ASN A CG  1 
ATOM   343  O  OD1 . ASN A 1 45  ? 4.610   9.528   15.859  1.00 48.56 ? 45  ASN A OD1 1 
ATOM   344  N  ND2 . ASN A 1 45  ? 5.809   11.163  14.875  1.00 33.94 ? 45  ASN A ND2 1 
ATOM   345  N  N   . THR A 1 46  ? 5.700   6.271   13.763  1.00 18.95 ? 46  THR A N   1 
ATOM   346  C  CA  . THR A 1 46  ? 5.207   5.875   12.442  1.00 15.68 ? 46  THR A CA  1 
ATOM   347  C  C   . THR A 1 46  ? 3.928   6.632   12.074  1.00 21.81 ? 46  THR A C   1 
ATOM   348  O  O   . THR A 1 46  ? 3.126   6.975   12.947  1.00 17.10 ? 46  THR A O   1 
ATOM   349  C  CB  . THR A 1 46  ? 4.953   4.372   12.395  1.00 15.55 ? 46  THR A CB  1 
ATOM   350  O  OG1 . THR A 1 46  ? 4.136   3.978   13.507  1.00 17.96 ? 46  THR A OG1 1 
ATOM   351  C  CG2 . THR A 1 46  ? 6.268   3.602   12.417  1.00 16.52 ? 46  THR A CG2 1 
ATOM   352  N  N   . PRO A 1 47  ? 3.712   6.903   10.784  1.00 17.46 ? 47  PRO A N   1 
ATOM   353  C  CA  . PRO A 1 47  ? 2.606   7.775   10.376  1.00 14.72 ? 47  PRO A CA  1 
ATOM   354  C  C   . PRO A 1 47  ? 1.286   7.028   10.259  1.00 18.03 ? 47  PRO A C   1 
ATOM   355  O  O   . PRO A 1 47  ? 1.224   5.798   10.264  1.00 15.78 ? 47  PRO A O   1 
ATOM   356  C  CB  . PRO A 1 47  ? 3.053   8.279   9.000   1.00 18.40 ? 47  PRO A CB  1 
ATOM   357  C  CG  . PRO A 1 47  ? 3.827   7.105   8.450   1.00 16.88 ? 47  PRO A CG  1 
ATOM   358  C  CD  . PRO A 1 47  ? 4.596   6.583   9.647   1.00 12.91 ? 47  PRO A CD  1 
ATOM   359  N  N   . TRP A 1 48  ? 0.219   7.815   10.124  1.00 13.84 ? 48  TRP A N   1 
ATOM   360  C  CA  . TRP A 1 48  ? -1.083  7.281   9.761   1.00 15.20 ? 48  TRP A CA  1 
ATOM   361  C  C   . TRP A 1 48  ? -1.149  7.067   8.253   1.00 14.13 ? 48  TRP A C   1 
ATOM   362  O  O   . TRP A 1 48  ? -0.515  7.793   7.473   1.00 15.93 ? 48  TRP A O   1 
ATOM   363  C  CB  . TRP A 1 48  ? -2.203  8.224   10.220  1.00 18.48 ? 48  TRP A CB  1 
ATOM   364  C  CG  . TRP A 1 48  ? -2.257  8.349   11.724  1.00 17.82 ? 48  TRP A CG  1 
ATOM   365  C  CD1 . TRP A 1 48  ? -1.486  9.162   12.502  1.00 25.03 ? 48  TRP A CD1 1 
ATOM   366  C  CD2 . TRP A 1 48  ? -3.095  7.609   12.622  1.00 17.27 ? 48  TRP A CD2 1 
ATOM   367  N  NE1 . TRP A 1 48  ? -1.796  8.979   13.833  1.00 28.30 ? 48  TRP A NE1 1 
ATOM   368  C  CE2 . TRP A 1 48  ? -2.782  8.033   13.933  1.00 21.97 ? 48  TRP A CE2 1 
ATOM   369  C  CE3 . TRP A 1 48  ? -4.078  6.629   12.445  1.00 15.81 ? 48  TRP A CE3 1 
ATOM   370  C  CZ2 . TRP A 1 48  ? -3.425  7.514   15.063  1.00 24.17 ? 48  TRP A CZ2 1 
ATOM   371  C  CZ3 . TRP A 1 48  ? -4.714  6.106   13.575  1.00 14.77 ? 48  TRP A CZ3 1 
ATOM   372  C  CH2 . TRP A 1 48  ? -4.386  6.556   14.864  1.00 20.51 ? 48  TRP A CH2 1 
ATOM   373  N  N   . VAL A 1 49  ? -1.918  6.053   7.854   1.00 13.23 ? 49  VAL A N   1 
ATOM   374  C  CA  . VAL A 1 49  ? -2.062  5.635   6.460   1.00 12.49 ? 49  VAL A CA  1 
ATOM   375  C  C   . VAL A 1 49  ? -3.462  6.023   6.000   1.00 14.30 ? 49  VAL A C   1 
ATOM   376  O  O   . VAL A 1 49  ? -4.445  5.722   6.690   1.00 14.12 ? 49  VAL A O   1 
ATOM   377  C  CB  . VAL A 1 49  ? -1.835  4.118   6.310   1.00 14.81 ? 49  VAL A CB  1 
ATOM   378  C  CG1 . VAL A 1 49  ? -1.955  3.682   4.852   1.00 13.87 ? 49  VAL A CG1 1 
ATOM   379  C  CG2 . VAL A 1 49  ? -0.460  3.713   6.857   1.00 13.31 ? 49  VAL A CG2 1 
ATOM   380  N  N   . GLN A 1 50  ? -3.560  6.686   4.846   1.00 12.13 ? 50  GLN A N   1 
ATOM   381  C  CA  . GLN A 1 50  ? -4.839  7.139   4.307   1.00 12.33 ? 50  GLN A CA  1 
ATOM   382  C  C   . GLN A 1 50  ? -5.401  6.117   3.322   1.00 14.84 ? 50  GLN A C   1 
ATOM   383  O  O   . GLN A 1 50  ? -4.654  5.480   2.576   1.00 13.01 ? 50  GLN A O   1 
ATOM   384  C  CB  . GLN A 1 50  ? -4.691  8.486   3.589   1.00 11.20 ? 50  GLN A CB  1 
ATOM   385  C  CG  . GLN A 1 50  ? -4.229  9.626   4.493   1.00 14.23 ? 50  GLN A CG  1 
ATOM   386  C  CD  . GLN A 1 50  ? -3.888  10.880  3.721   1.00 18.83 ? 50  GLN A CD  1 
ATOM   387  O  OE1 . GLN A 1 50  ? -4.286  11.046  2.562   1.00 17.54 ? 50  GLN A OE1 1 
ATOM   388  N  NE2 . GLN A 1 50  ? -3.144  11.778  4.360   1.00 18.98 ? 50  GLN A NE2 1 
ATOM   389  N  N   . ALA A 1 51  ? -6.729  5.977   3.312   1.00 11.53 ? 51  ALA A N   1 
ATOM   390  C  CA  . ALA A 1 51  ? -7.379  5.150   2.299   1.00 13.74 ? 51  ALA A CA  1 
ATOM   391  C  C   . ALA A 1 51  ? -7.072  5.686   0.902   1.00 11.45 ? 51  ALA A C   1 
ATOM   392  O  O   . ALA A 1 51  ? -7.280  6.874   0.620   1.00 13.94 ? 51  ALA A O   1 
ATOM   393  C  CB  . ALA A 1 51  ? -8.896  5.115   2.524   1.00 9.65  ? 51  ALA A CB  1 
ATOM   394  N  N   . ALA A 1 52  ? -6.581  4.797   0.025   1.00 11.01 ? 52  ALA A N   1 
ATOM   395  C  CA  . ALA A 1 52  ? -6.241  5.156   -1.351  1.00 11.11 ? 52  ALA A CA  1 
ATOM   396  C  C   . ALA A 1 52  ? -7.470  5.487   -2.193  1.00 12.72 ? 52  ALA A C   1 
ATOM   397  O  O   . ALA A 1 52  ? -7.321  6.070   -3.274  1.00 11.65 ? 52  ALA A O   1 
ATOM   398  C  CB  . ALA A 1 52  ? -5.468  4.010   -2.020  1.00 12.13 ? 52  ALA A CB  1 
ATOM   399  N  N   . HIS A 1 53  ? -8.658  5.139   -1.713  1.00 11.58 ? 53  HIS A N   1 
ATOM   400  C  CA  . HIS A 1 53  ? -9.933  5.323   -2.409  1.00 13.30 ? 53  HIS A CA  1 
ATOM   401  C  C   . HIS A 1 53  ? -11.039 5.017   -1.401  1.00 14.93 ? 53  HIS A C   1 
ATOM   402  O  O   . HIS A 1 53  ? -10.771 4.582   -0.280  1.00 9.99  ? 53  HIS A O   1 
ATOM   403  C  CB  . HIS A 1 53  ? -10.043 4.393   -3.615  1.00 9.78  ? 53  HIS A CB  1 
ATOM   404  C  CG  . HIS A 1 53  ? -9.909  2.949   -3.243  1.00 12.86 ? 53  HIS A CG  1 
ATOM   405  N  ND1 . HIS A 1 53  ? -10.964 2.198   -2.764  1.00 9.61  ? 53  HIS A ND1 1 
ATOM   406  C  CD2 . HIS A 1 53  ? -8.825  2.141   -3.209  1.00 10.48 ? 53  HIS A CD2 1 
ATOM   407  C  CE1 . HIS A 1 53  ? -10.538 0.980   -2.476  1.00 12.34 ? 53  HIS A CE1 1 
ATOM   408  N  NE2 . HIS A 1 53  ? -9.242  0.921   -2.735  1.00 12.45 ? 53  HIS A NE2 1 
ATOM   409  N  N   . GLY A 1 54  ? -12.296 5.228   -1.820  1.00 11.80 ? 54  GLY A N   1 
ATOM   410  C  CA  . GLY A 1 54  ? -13.426 4.932   -0.958  1.00 14.86 ? 54  GLY A CA  1 
ATOM   411  C  C   . GLY A 1 54  ? -13.923 3.497   -1.086  1.00 12.00 ? 54  GLY A C   1 
ATOM   412  O  O   . GLY A 1 54  ? -13.592 2.781   -2.035  1.00 12.95 ? 54  GLY A O   1 
ATOM   413  N  N   . GLY A 1 55  ? -14.700 3.065   -0.098  1.00 13.90 ? 55  GLY A N   1 
ATOM   414  C  CA  . GLY A 1 55  ? -15.285 1.742   -0.153  1.00 14.53 ? 55  GLY A CA  1 
ATOM   415  C  C   . GLY A 1 55  ? -15.659 1.217   1.222   1.00 13.68 ? 55  GLY A C   1 
ATOM   416  O  O   . GLY A 1 55  ? -15.692 1.952   2.209   1.00 16.15 ? 55  GLY A O   1 
ATOM   417  N  N   . VAL A 1 56  ? -15.946 -0.088  1.249   1.00 13.72 ? 56  VAL A N   1 
ATOM   418  C  CA  . VAL A 1 56  ? -16.404 -0.797  2.443   1.00 11.68 ? 56  VAL A CA  1 
ATOM   419  C  C   . VAL A 1 56  ? -15.222 -1.501  3.090   1.00 16.02 ? 56  VAL A C   1 
ATOM   420  O  O   . VAL A 1 56  ? -14.384 -2.098  2.398   1.00 14.27 ? 56  VAL A O   1 
ATOM   421  C  CB  . VAL A 1 56  ? -17.517 -1.805  2.088   1.00 12.15 ? 56  VAL A CB  1 
ATOM   422  C  CG1 . VAL A 1 56  ? -18.065 -2.464  3.348   1.00 20.53 ? 56  VAL A CG1 1 
ATOM   423  C  CG2 . VAL A 1 56  ? -18.641 -1.093  1.342   1.00 18.88 ? 56  VAL A CG2 1 
ATOM   424  N  N   . ILE A 1 57  ? -15.166 -1.453  4.423   1.00 12.82 ? 57  ILE A N   1 
ATOM   425  C  CA  . ILE A 1 57  ? -14.050 -1.994  5.190   1.00 11.61 ? 57  ILE A CA  1 
ATOM   426  C  C   . ILE A 1 57  ? -14.246 -3.480  5.444   1.00 19.73 ? 57  ILE A C   1 
ATOM   427  O  O   . ILE A 1 57  ? -15.351 -3.930  5.780   1.00 17.28 ? 57  ILE A O   1 
ATOM   428  C  CB  . ILE A 1 57  ? -13.917 -1.240  6.528   1.00 14.87 ? 57  ILE A CB  1 
ATOM   429  C  CG1 . ILE A 1 57  ? -13.476 0.207   6.304   1.00 13.27 ? 57  ILE A CG1 1 
ATOM   430  C  CG2 . ILE A 1 57  ? -12.999 -1.998  7.509   1.00 13.35 ? 57  ILE A CG2 1 
ATOM   431  C  CD1 . ILE A 1 57  ? -12.018 0.346   5.883   1.00 14.25 ? 57  ILE A CD1 1 
ATOM   432  N  N   . THR A 1 58  ? -13.161 -4.245  5.313   1.00 14.07 ? 58  THR A N   1 
ATOM   433  C  CA  . THR A 1 58  ? -13.040 -5.564  5.925   1.00 15.18 ? 58  THR A CA  1 
ATOM   434  C  C   . THR A 1 58  ? -11.840 -5.514  6.856   1.00 17.79 ? 58  THR A C   1 
ATOM   435  O  O   . THR A 1 58  ? -10.746 -5.148  6.423   1.00 17.60 ? 58  THR A O   1 
ATOM   436  C  CB  . THR A 1 58  ? -12.855 -6.666  4.876   1.00 19.86 ? 58  THR A CB  1 
ATOM   437  O  OG1 . THR A 1 58  ? -13.917 -6.613  3.918   1.00 21.53 ? 58  THR A OG1 1 
ATOM   438  C  CG2 . THR A 1 58  ? -12.843 -8.041  5.549   1.00 23.74 ? 58  THR A CG2 1 
ATOM   439  N  N   . ARG A 1 59  ? -12.040 -5.849  8.134   1.00 15.07 ? 59  ARG A N   1 
ATOM   440  C  CA  A ARG A 1 59  ? -10.960 -5.877  9.122   0.53 19.57 ? 59  ARG A CA  1 
ATOM   441  C  CA  B ARG A 1 59  ? -10.963 -5.875  9.121   0.47 19.57 ? 59  ARG A CA  1 
ATOM   442  C  C   . ARG A 1 59  ? -10.645 -7.332  9.434   1.00 26.41 ? 59  ARG A C   1 
ATOM   443  O  O   . ARG A 1 59  ? -11.447 -8.022  10.070  1.00 24.19 ? 59  ARG A O   1 
ATOM   444  C  CB  A ARG A 1 59  ? -11.334 -5.118  10.398  0.53 21.52 ? 59  ARG A CB  1 
ATOM   445  C  CB  B ARG A 1 59  ? -11.361 -5.099  10.377  0.47 21.50 ? 59  ARG A CB  1 
ATOM   446  C  CG  A ARG A 1 59  ? -10.271 -5.207  11.514  0.53 20.59 ? 59  ARG A CG  1 
ATOM   447  C  CG  B ARG A 1 59  ? -10.360 -5.169  11.529  0.47 20.63 ? 59  ARG A CG  1 
ATOM   448  C  CD  A ARG A 1 59  ? -10.794 -4.663  12.845  0.53 21.54 ? 59  ARG A CD  1 
ATOM   449  C  CD  B ARG A 1 59  ? -10.795 -4.270  12.686  0.47 20.15 ? 59  ARG A CD  1 
ATOM   450  N  NE  A ARG A 1 59  ? -9.867  -4.892  13.960  0.53 22.25 ? 59  ARG A NE  1 
ATOM   451  N  NE  B ARG A 1 59  ? -9.801  -4.234  13.757  0.47 21.52 ? 59  ARG A NE  1 
ATOM   452  C  CZ  A ARG A 1 59  ? -9.701  -6.058  14.583  0.53 21.35 ? 59  ARG A CZ  1 
ATOM   453  C  CZ  B ARG A 1 59  ? -9.652  -3.227  14.611  0.47 22.01 ? 59  ARG A CZ  1 
ATOM   454  N  NH1 A ARG A 1 59  ? -10.387 -7.125  14.203  0.53 20.44 ? 59  ARG A NH1 1 
ATOM   455  N  NH1 B ARG A 1 59  ? -8.712  -3.285  15.553  0.47 19.94 ? 59  ARG A NH1 1 
ATOM   456  N  NH2 A ARG A 1 59  ? -8.838  -6.163  15.589  0.53 18.22 ? 59  ARG A NH2 1 
ATOM   457  N  NH2 B ARG A 1 59  ? -10.439 -2.159  14.520  0.47 21.63 ? 59  ARG A NH2 1 
ATOM   458  N  N   . PHE A 1 60  ? -9.478  -7.800  8.985   1.00 17.38 ? 60  PHE A N   1 
ATOM   459  C  CA  . PHE A 1 60  ? -9.147  -9.209  9.166   1.00 17.78 ? 60  PHE A CA  1 
ATOM   460  C  C   . PHE A 1 60  ? -8.540  -9.481  10.533  1.00 22.98 ? 60  PHE A C   1 
ATOM   461  O  O   . PHE A 1 60  ? -8.685  -10.587 11.061  1.00 26.03 ? 60  PHE A O   1 
ATOM   462  C  CB  . PHE A 1 60  ? -8.198  -9.677  8.063   1.00 17.52 ? 60  PHE A CB  1 
ATOM   463  C  CG  . PHE A 1 60  ? -8.816  -9.677  6.690   1.00 25.68 ? 60  PHE A CG  1 
ATOM   464  C  CD1 . PHE A 1 60  ? -9.698  -10.674 6.319   1.00 17.68 ? 60  PHE A CD1 1 
ATOM   465  C  CD2 . PHE A 1 60  ? -8.512  -8.682  5.770   1.00 23.68 ? 60  PHE A CD2 1 
ATOM   466  C  CE1 . PHE A 1 60  ? -10.279 -10.684 5.059   1.00 22.73 ? 60  PHE A CE1 1 
ATOM   467  C  CE2 . PHE A 1 60  ? -9.084  -8.689  4.504   1.00 18.81 ? 60  PHE A CE2 1 
ATOM   468  C  CZ  . PHE A 1 60  ? -9.971  -9.696  4.151   1.00 18.61 ? 60  PHE A CZ  1 
ATOM   469  N  N   . SER A 1 61  ? -7.880  -8.493  11.117  1.00 18.52 ? 61  SER A N   1 
ATOM   470  C  CA  . SER A 1 61  ? -7.145  -8.644  12.367  1.00 19.55 ? 61  SER A CA  1 
ATOM   471  C  C   . SER A 1 61  ? -6.761  -7.243  12.806  1.00 21.49 ? 61  SER A C   1 
ATOM   472  O  O   . SER A 1 61  ? -7.080  -6.262  12.131  1.00 18.83 ? 61  SER A O   1 
ATOM   473  C  CB  . SER A 1 61  ? -5.914  -9.525  12.188  1.00 21.84 ? 61  SER A CB  1 
ATOM   474  O  OG  . SER A 1 61  ? -4.958  -8.849  11.381  1.00 20.10 ? 61  SER A OG  1 
ATOM   475  N  N   . SER A 1 62  ? -6.050  -7.148  13.929  1.00 17.35 ? 62  SER A N   1 
ATOM   476  C  CA  . SER A 1 62  ? -5.631  -5.824  14.369  1.00 17.73 ? 62  SER A CA  1 
ATOM   477  C  C   . SER A 1 62  ? -4.553  -5.212  13.475  1.00 16.49 ? 62  SER A C   1 
ATOM   478  O  O   . SER A 1 62  ? -4.230  -4.034  13.652  1.00 17.41 ? 62  SER A O   1 
ATOM   479  C  CB  . SER A 1 62  ? -5.126  -5.884  15.813  1.00 21.68 ? 62  SER A CB  1 
ATOM   480  O  OG  . SER A 1 62  ? -3.842  -6.484  15.860  1.00 25.40 ? 62  SER A OG  1 
ATOM   481  N  N   . CYS A 1 63  ? -3.976  -5.971  12.540  1.00 14.74 ? 63  CYS A N   1 
ATOM   482  C  CA  . CYS A 1 63  ? -2.883  -5.454  11.718  1.00 16.52 ? 63  CYS A CA  1 
ATOM   483  C  C   . CYS A 1 63  ? -3.176  -5.560  10.221  1.00 16.32 ? 63  CYS A C   1 
ATOM   484  O  O   . CYS A 1 63  ? -2.256  -5.447  9.405   1.00 14.54 ? 63  CYS A O   1 
ATOM   485  C  CB  . CYS A 1 63  ? -1.567  -6.166  12.060  1.00 16.62 ? 63  CYS A CB  1 
ATOM   486  S  SG  . CYS A 1 63  ? -1.466  -7.918  11.612  1.00 28.08 ? 63  CYS A SG  1 
ATOM   487  N  N   . ASN A 1 64  ? -4.442  -5.734  9.836   1.00 14.98 ? 64  ASN A N   1 
ATOM   488  C  CA  . ASN A 1 64  ? -4.757  -6.109  8.459   1.00 13.80 ? 64  ASN A CA  1 
ATOM   489  C  C   . ASN A 1 64  ? -6.165  -5.635  8.124   1.00 17.17 ? 64  ASN A C   1 
ATOM   490  O  O   . ASN A 1 64  ? -7.147  -6.139  8.684   1.00 17.11 ? 64  ASN A O   1 
ATOM   491  C  CB  . ASN A 1 64  ? -4.618  -7.620  8.284   1.00 14.93 ? 64  ASN A CB  1 
ATOM   492  C  CG  . ASN A 1 64  ? -4.815  -8.069  6.851   1.00 22.35 ? 64  ASN A CG  1 
ATOM   493  O  OD1 . ASN A 1 64  ? -4.821  -7.257  5.925   1.00 21.94 ? 64  ASN A OD1 1 
ATOM   494  N  ND2 . ASN A 1 64  ? -4.940  -9.377  6.656   1.00 20.47 ? 64  ASN A ND2 1 
ATOM   495  N  N   . ILE A 1 65  ? -6.269  -4.666  7.215   1.00 16.53 ? 65  ILE A N   1 
ATOM   496  C  CA  . ILE A 1 65  ? -7.549  -4.047  6.888   1.00 12.26 ? 65  ILE A CA  1 
ATOM   497  C  C   . ILE A 1 65  ? -7.619  -3.834  5.379   1.00 14.47 ? 65  ILE A C   1 
ATOM   498  O  O   . ILE A 1 65  ? -6.593  -3.672  4.710   1.00 12.03 ? 65  ILE A O   1 
ATOM   499  C  CB  . ILE A 1 65  ? -7.736  -2.717  7.654   1.00 12.53 ? 65  ILE A CB  1 
ATOM   500  C  CG1 . ILE A 1 65  ? -9.192  -2.253  7.619   1.00 12.82 ? 65  ILE A CG1 1 
ATOM   501  C  CG2 . ILE A 1 65  ? -6.809  -1.631  7.096   1.00 14.64 ? 65  ILE A CG2 1 
ATOM   502  C  CD1 . ILE A 1 65  ? -9.442  -1.023  8.459   1.00 14.85 ? 65  ILE A CD1 1 
ATOM   503  N  N   . ARG A 1 66  ? -8.846  -3.830  4.845   1.00 13.93 ? 66  ARG A N   1 
ATOM   504  C  CA  . ARG A 1 66  ? -9.071  -3.725  3.408   1.00 13.90 ? 66  ARG A CA  1 
ATOM   505  C  C   . ARG A 1 66  ? -10.206 -2.745  3.119   1.00 16.43 ? 66  ARG A C   1 
ATOM   506  O  O   . ARG A 1 66  ? -11.176 -2.662  3.883   1.00 14.24 ? 66  ARG A O   1 
ATOM   507  C  CB  . ARG A 1 66  ? -9.399  -5.108  2.811   1.00 15.26 ? 66  ARG A CB  1 
ATOM   508  C  CG  . ARG A 1 66  ? -9.634  -5.125  1.295   1.00 17.17 ? 66  ARG A CG  1 
ATOM   509  C  CD  . ARG A 1 66  ? -9.992  -6.515  0.809   1.00 17.45 ? 66  ARG A CD  1 
ATOM   510  N  NE  . ARG A 1 66  ? -8.948  -7.507  1.086   1.00 16.97 ? 66  ARG A NE  1 
ATOM   511  C  CZ  . ARG A 1 66  ? -9.006  -8.774  0.688   1.00 24.56 ? 66  ARG A CZ  1 
ATOM   512  N  NH1 . ARG A 1 66  ? -10.049 -9.206  -0.012  1.00 17.55 ? 66  ARG A NH1 1 
ATOM   513  N  NH2 . ARG A 1 66  ? -8.020  -9.610  0.983   1.00 19.80 ? 66  ARG A NH2 1 
ATOM   514  N  N   . VAL A 1 67  ? -10.071 -2.003  2.017   1.00 12.26 ? 67  VAL A N   1 
ATOM   515  C  CA  . VAL A 1 67  ? -11.103 -1.111  1.500   1.00 11.94 ? 67  VAL A CA  1 
ATOM   516  C  C   . VAL A 1 67  ? -11.544 -1.661  0.149   1.00 14.19 ? 67  VAL A C   1 
ATOM   517  O  O   . VAL A 1 67  ? -10.743 -1.702  -0.791  1.00 10.17 ? 67  VAL A O   1 
ATOM   518  C  CB  . VAL A 1 67  ? -10.596 0.333   1.342   1.00 10.87 ? 67  VAL A CB  1 
ATOM   519  C  CG1 . VAL A 1 67  ? -11.744 1.251   0.858   1.00 10.32 ? 67  VAL A CG1 1 
ATOM   520  C  CG2 . VAL A 1 67  ? -9.976  0.844   2.649   1.00 13.17 ? 67  VAL A CG2 1 
ATOM   521  N  N   . THR A 1 68  ? -12.809 -2.066  0.038   1.00 9.76  ? 68  THR A N   1 
ATOM   522  C  CA  . THR A 1 68  ? -13.344 -2.592  -1.217  1.00 10.00 ? 68  THR A CA  1 
ATOM   523  C  C   . THR A 1 68  ? -14.240 -1.553  -1.885  1.00 14.06 ? 68  THR A C   1 
ATOM   524  O  O   . THR A 1 68  ? -15.264 -1.138  -1.322  1.00 11.61 ? 68  THR A O   1 
ATOM   525  C  CB  . THR A 1 68  ? -14.109 -3.897  -0.990  1.00 14.03 ? 68  THR A CB  1 
ATOM   526  O  OG1 . THR A 1 68  ? -13.231 -4.861  -0.391  1.00 13.38 ? 68  THR A OG1 1 
ATOM   527  C  CG2 . THR A 1 68  ? -14.607 -4.444  -2.329  1.00 12.19 ? 68  THR A CG2 1 
ATOM   528  N  N   . HIS A 1 69  ? -13.849 -1.143  -3.088  1.00 10.09 ? 69  HIS A N   1 
ATOM   529  C  CA  . HIS A 1 69  ? -14.541 -0.155  -3.897  1.00 11.05 ? 69  HIS A CA  1 
ATOM   530  C  C   . HIS A 1 69  ? -15.794 -0.767  -4.527  1.00 15.77 ? 69  HIS A C   1 
ATOM   531  O  O   . HIS A 1 69  ? -15.898 -1.981  -4.717  1.00 12.64 ? 69  HIS A O   1 
ATOM   532  C  CB  . HIS A 1 69  ? -13.599 0.372   -4.982  1.00 10.35 ? 69  HIS A CB  1 
ATOM   533  C  CG  . HIS A 1 69  ? -14.144 1.534   -5.759  1.00 12.45 ? 69  HIS A CG  1 
ATOM   534  N  ND1 . HIS A 1 69  ? -14.595 1.415   -7.057  1.00 14.46 ? 69  HIS A ND1 1 
ATOM   535  C  CD2 . HIS A 1 69  ? -14.292 2.839   -5.428  1.00 18.27 ? 69  HIS A CD2 1 
ATOM   536  C  CE1 . HIS A 1 69  ? -14.997 2.598   -7.492  1.00 15.28 ? 69  HIS A CE1 1 
ATOM   537  N  NE2 . HIS A 1 69  ? -14.827 3.478   -6.523  1.00 15.89 ? 69  HIS A NE2 1 
ATOM   538  N  N   . SER A 1 70  ? -16.752 0.097   -4.860  1.00 12.33 ? 70  SER A N   1 
ATOM   539  C  CA  . SER A 1 70  ? -17.982 -0.360  -5.502  1.00 13.89 ? 70  SER A CA  1 
ATOM   540  C  C   . SER A 1 70  ? -17.721 -1.153  -6.785  1.00 16.89 ? 70  SER A C   1 
ATOM   541  O  O   . SER A 1 70  ? -18.579 -1.946  -7.201  1.00 17.75 ? 70  SER A O   1 
ATOM   542  C  CB  . SER A 1 70  ? -18.868 0.850   -5.800  1.00 18.40 ? 70  SER A CB  1 
ATOM   543  O  OG  . SER A 1 70  ? -18.186 1.752   -6.653  1.00 20.68 ? 70  SER A OG  1 
ATOM   544  N  N   . SER A 1 71  ? -16.560 -0.964  -7.422  1.00 14.69 ? 71  SER A N   1 
ATOM   545  C  CA  . SER A 1 71  ? -16.198 -1.693  -8.637  1.00 12.56 ? 71  SER A CA  1 
ATOM   546  C  C   . SER A 1 71  ? -15.699 -3.109  -8.372  1.00 13.75 ? 71  SER A C   1 
ATOM   547  O  O   . SER A 1 71  ? -15.489 -3.867  -9.332  1.00 15.10 ? 71  SER A O   1 
ATOM   548  C  CB  . SER A 1 71  ? -15.098 -0.937  -9.381  1.00 14.20 ? 71  SER A CB  1 
ATOM   549  O  OG  . SER A 1 71  ? -13.946 -0.908  -8.538  1.00 13.56 ? 71  SER A OG  1 
ATOM   550  N  N   . GLY A 1 72  ? -15.460 -3.477  -7.120  1.00 12.81 ? 72  GLY A N   1 
ATOM   551  C  CA  . GLY A 1 72  ? -14.840 -4.751  -6.812  1.00 11.36 ? 72  GLY A CA  1 
ATOM   552  C  C   . GLY A 1 72  ? -13.324 -4.745  -6.792  1.00 12.71 ? 72  GLY A C   1 
ATOM   553  O  O   . GLY A 1 72  ? -12.724 -5.763  -6.426  1.00 11.10 ? 72  GLY A O   1 
ATOM   554  N  N   . PHE A 1 73  ? -12.686 -3.653  -7.202  1.00 12.41 ? 73  PHE A N   1 
ATOM   555  C  CA  . PHE A 1 73  ? -11.285 -3.450  -6.855  1.00 10.94 ? 73  PHE A CA  1 
ATOM   556  C  C   . PHE A 1 73  ? -11.167 -3.093  -5.384  1.00 12.27 ? 73  PHE A C   1 
ATOM   557  O  O   . PHE A 1 73  ? -12.068 -2.492  -4.799  1.00 11.57 ? 73  PHE A O   1 
ATOM   558  C  CB  . PHE A 1 73  ? -10.668 -2.334  -7.699  1.00 10.64 ? 73  PHE A CB  1 
ATOM   559  C  CG  . PHE A 1 73  ? -10.390 -2.747  -9.102  1.00 13.66 ? 73  PHE A CG  1 
ATOM   560  C  CD1 . PHE A 1 73  ? -9.234  -3.456  -9.410  1.00 14.24 ? 73  PHE A CD1 1 
ATOM   561  C  CD2 . PHE A 1 73  ? -11.302 -2.474  -10.111 1.00 17.47 ? 73  PHE A CD2 1 
ATOM   562  C  CE1 . PHE A 1 73  ? -8.977  -3.868  -10.715 1.00 16.99 ? 73  PHE A CE1 1 
ATOM   563  C  CE2 . PHE A 1 73  ? -11.049 -2.880  -11.414 1.00 19.31 ? 73  PHE A CE2 1 
ATOM   564  C  CZ  . PHE A 1 73  ? -9.882  -3.580  -11.711 1.00 17.51 ? 73  PHE A CZ  1 
ATOM   565  N  N   . ALA A 1 74  ? -10.025 -3.436  -4.792  1.00 10.72 ? 74  ALA A N   1 
ATOM   566  C  CA  . ALA A 1 74  ? -9.836  -3.217  -3.373  1.00 8.66  ? 74  ALA A CA  1 
ATOM   567  C  C   . ALA A 1 74  ? -8.355  -2.999  -3.120  1.00 7.15  ? 74  ALA A C   1 
ATOM   568  O  O   . ALA A 1 74  ? -7.503  -3.494  -3.866  1.00 11.07 ? 74  ALA A O   1 
ATOM   569  C  CB  . ALA A 1 74  ? -10.340 -4.403  -2.533  1.00 13.31 ? 74  ALA A CB  1 
ATOM   570  N  N   . THR A 1 75  ? -8.056  -2.261  -2.066  1.00 10.03 ? 75  THR A N   1 
ATOM   571  C  CA  . THR A 1 75  ? -6.685  -2.153  -1.598  1.00 9.87  ? 75  THR A CA  1 
ATOM   572  C  C   . THR A 1 75  ? -6.602  -2.741  -0.197  1.00 11.63 ? 75  THR A C   1 
ATOM   573  O  O   . THR A 1 75  ? -7.488  -2.521  0.637   1.00 12.29 ? 75  THR A O   1 
ATOM   574  C  CB  . THR A 1 75  ? -6.189  -0.702  -1.626  1.00 13.92 ? 75  THR A CB  1 
ATOM   575  O  OG1 . THR A 1 75  ? -7.142  0.168   -0.991  1.00 10.93 ? 75  THR A OG1 1 
ATOM   576  C  CG2 . THR A 1 75  ? -5.987  -0.259  -3.078  1.00 10.41 ? 75  THR A CG2 1 
ATOM   577  N  N   . ASN A 1 76  ? -5.540  -3.496  0.047   1.00 9.49  ? 76  ASN A N   1 
ATOM   578  C  CA  . ASN A 1 76  ? -5.313  -4.141  1.328   1.00 10.24 ? 76  ASN A CA  1 
ATOM   579  C  C   . ASN A 1 76  ? -4.090  -3.506  1.969   1.00 10.78 ? 76  ASN A C   1 
ATOM   580  O  O   . ASN A 1 76  ? -3.143  -3.140  1.270   1.00 13.29 ? 76  ASN A O   1 
ATOM   581  C  CB  . ASN A 1 76  ? -5.119  -5.645  1.139   1.00 10.43 ? 76  ASN A CB  1 
ATOM   582  C  CG  . ASN A 1 76  ? -5.389  -6.430  2.404   1.00 18.02 ? 76  ASN A CG  1 
ATOM   583  O  OD1 . ASN A 1 76  ? -6.519  -6.849  2.651   1.00 17.42 ? 76  ASN A OD1 1 
ATOM   584  N  ND2 . ASN A 1 76  ? -4.350  -6.623  3.223   1.00 12.53 ? 76  ASN A ND2 1 
ATOM   585  N  N   . TYR A 1 77  ? -4.138  -3.346  3.297   1.00 11.03 ? 77  TYR A N   1 
ATOM   586  C  CA  . TYR A 1 77  ? -3.114  -2.652  4.074   1.00 9.93  ? 77  TYR A CA  1 
ATOM   587  C  C   . TYR A 1 77  ? -2.691  -3.578  5.204   1.00 10.93 ? 77  TYR A C   1 
ATOM   588  O  O   . TYR A 1 77  ? -3.486  -3.834  6.112   1.00 11.10 ? 77  TYR A O   1 
ATOM   589  C  CB  . TYR A 1 77  ? -3.649  -1.328  4.646   1.00 12.05 ? 77  TYR A CB  1 
ATOM   590  C  CG  . TYR A 1 77  ? -4.267  -0.427  3.592   1.00 12.10 ? 77  TYR A CG  1 
ATOM   591  C  CD1 . TYR A 1 77  ? -5.546  -0.688  3.078   1.00 12.07 ? 77  TYR A CD1 1 
ATOM   592  C  CD2 . TYR A 1 77  ? -3.572  0.671   3.098   1.00 15.20 ? 77  TYR A CD2 1 
ATOM   593  C  CE1 . TYR A 1 77  ? -6.104  0.124   2.093   1.00 13.08 ? 77  TYR A CE1 1 
ATOM   594  C  CE2 . TYR A 1 77  ? -4.127  1.491   2.120   1.00 12.97 ? 77  TYR A CE2 1 
ATOM   595  C  CZ  . TYR A 1 77  ? -5.381  1.207   1.609   1.00 14.79 ? 77  TYR A CZ  1 
ATOM   596  O  OH  . TYR A 1 77  ? -5.928  2.020   0.627   1.00 15.64 ? 77  TYR A OH  1 
ATOM   597  N  N   . TYR A 1 78  ? -1.439  -4.039  5.180   1.00 12.51 ? 78  TYR A N   1 
ATOM   598  C  CA  . TYR A 1 78  ? -0.939  -4.995  6.156   1.00 13.33 ? 78  TYR A CA  1 
ATOM   599  C  C   . TYR A 1 78  ? 0.259   -4.398  6.902   1.00 13.21 ? 78  TYR A C   1 
ATOM   600  O  O   . TYR A 1 78  ? 0.883   -3.436  6.442   1.00 12.98 ? 78  TYR A O   1 
ATOM   601  C  CB  . TYR A 1 78  ? -0.573  -6.340  5.480   1.00 11.31 ? 78  TYR A CB  1 
ATOM   602  C  CG  . TYR A 1 78  ? -0.209  -7.427  6.471   1.00 14.74 ? 78  TYR A CG  1 
ATOM   603  C  CD1 . TYR A 1 78  ? -1.150  -7.916  7.370   1.00 15.82 ? 78  TYR A CD1 1 
ATOM   604  C  CD2 . TYR A 1 78  ? 1.081   -7.938  6.534   1.00 16.77 ? 78  TYR A CD2 1 
ATOM   605  C  CE1 . TYR A 1 78  ? -0.817  -8.904  8.303   1.00 16.51 ? 78  TYR A CE1 1 
ATOM   606  C  CE2 . TYR A 1 78  ? 1.419   -8.924  7.459   1.00 20.92 ? 78  TYR A CE2 1 
ATOM   607  C  CZ  . TYR A 1 78  ? 0.466   -9.396  8.342   1.00 19.05 ? 78  TYR A CZ  1 
ATOM   608  O  OH  . TYR A 1 78  ? 0.805   -10.376 9.269   1.00 18.59 ? 78  TYR A OH  1 
ATOM   609  N  N   . HIS A 1 79  ? 0.534   -4.960  8.092   1.00 12.85 ? 79  HIS A N   1 
ATOM   610  C  CA  . HIS A 1 79  ? 1.491   -4.420  9.077   1.00 13.75 ? 79  HIS A CA  1 
ATOM   611  C  C   . HIS A 1 79  ? 0.945   -3.179  9.788   1.00 14.96 ? 79  HIS A C   1 
ATOM   612  O  O   . HIS A 1 79  ? 1.701   -2.256  10.093  1.00 14.99 ? 79  HIS A O   1 
ATOM   613  C  CB  . HIS A 1 79  ? 2.862   -4.090  8.468   1.00 12.82 ? 79  HIS A CB  1 
ATOM   614  C  CG  . HIS A 1 79  ? 3.498   -5.209  7.708   1.00 16.51 ? 79  HIS A CG  1 
ATOM   615  N  ND1 . HIS A 1 79  ? 3.680   -6.468  8.239   1.00 17.07 ? 79  HIS A ND1 1 
ATOM   616  C  CD2 . HIS A 1 79  ? 4.046   -5.237  6.468   1.00 15.85 ? 79  HIS A CD2 1 
ATOM   617  C  CE1 . HIS A 1 79  ? 4.297   -7.230  7.349   1.00 20.52 ? 79  HIS A CE1 1 
ATOM   618  N  NE2 . HIS A 1 79  ? 4.527   -6.508  6.266   1.00 18.14 ? 79  HIS A NE2 1 
ATOM   619  N  N   . MET A 1 80  ? -0.354  -3.166  10.092  1.00 14.12 ? 80  MET A N   1 
ATOM   620  C  CA  . MET A 1 80  ? -1.026  -1.984  10.617  1.00 11.26 ? 80  MET A CA  1 
ATOM   621  C  C   . MET A 1 80  ? -1.162  -2.038  12.137  1.00 11.79 ? 80  MET A C   1 
ATOM   622  O  O   . MET A 1 80  ? -1.018  -3.087  12.772  1.00 14.19 ? 80  MET A O   1 
ATOM   623  C  CB  . MET A 1 80  ? -2.426  -1.838  9.992   1.00 12.86 ? 80  MET A CB  1 
ATOM   624  C  CG  . MET A 1 80  ? -2.437  -1.706  8.468   1.00 16.46 ? 80  MET A CG  1 
ATOM   625  S  SD  . MET A 1 80  ? -1.653  -0.161  7.972   1.00 16.74 ? 80  MET A SD  1 
ATOM   626  C  CE  . MET A 1 80  ? -2.818  1.066   8.557   1.00 16.70 ? 80  MET A CE  1 
ATOM   627  N  N   . SER A 1 81  ? -1.490  -0.877  12.711  1.00 13.07 ? 81  SER A N   1 
ATOM   628  C  CA  . SER A 1 81  ? -1.867  -0.767  14.115  1.00 16.03 ? 81  SER A CA  1 
ATOM   629  C  C   . SER A 1 81  ? -2.893  0.352   14.257  1.00 15.99 ? 81  SER A C   1 
ATOM   630  O  O   . SER A 1 81  ? -3.144  1.119   13.320  1.00 14.34 ? 81  SER A O   1 
ATOM   631  C  CB  . SER A 1 81  ? -0.647  -0.503  15.004  1.00 17.29 ? 81  SER A CB  1 
ATOM   632  O  OG  . SER A 1 81  ? -0.179  0.827   14.837  1.00 17.83 ? 81  SER A OG  1 
ATOM   633  N  N   . ASN A 1 82  ? -3.497  0.433   15.442  1.00 13.35 ? 82  ASN A N   1 
ATOM   634  C  CA  . ASN A 1 82  ? -4.453  1.500   15.758  1.00 15.27 ? 82  ASN A CA  1 
ATOM   635  C  C   . ASN A 1 82  ? -5.543  1.615   14.698  1.00 13.46 ? 82  ASN A C   1 
ATOM   636  O  O   . ASN A 1 82  ? -5.897  2.718   14.269  1.00 13.49 ? 82  ASN A O   1 
ATOM   637  C  CB  . ASN A 1 82  ? -3.755  2.851   15.917  1.00 17.67 ? 82  ASN A CB  1 
ATOM   638  C  CG  . ASN A 1 82  ? -2.647  2.819   16.946  1.00 30.98 ? 82  ASN A CG  1 
ATOM   639  O  OD1 . ASN A 1 82  ? -1.472  2.650   16.611  1.00 24.22 ? 82  ASN A OD1 1 
ATOM   640  N  ND2 . ASN A 1 82  ? -3.016  2.980   18.211  1.00 30.35 ? 82  ASN A ND2 1 
ATOM   641  N  N   . LEU A 1 83  ? -6.065  0.473   14.257  1.00 12.62 ? 83  LEU A N   1 
ATOM   642  C  CA  . LEU A 1 83  ? -7.069  0.484   13.197  1.00 15.65 ? 83  LEU A CA  1 
ATOM   643  C  C   . LEU A 1 83  ? -8.332  1.189   13.677  1.00 19.26 ? 83  LEU A C   1 
ATOM   644  O  O   . LEU A 1 83  ? -8.735  1.050   14.831  1.00 20.72 ? 83  LEU A O   1 
ATOM   645  C  CB  . LEU A 1 83  ? -7.387  -0.946  12.751  1.00 15.09 ? 83  LEU A CB  1 
ATOM   646  C  CG  . LEU A 1 83  ? -6.303  -1.680  11.946  1.00 16.49 ? 83  LEU A CG  1 
ATOM   647  C  CD1 . LEU A 1 83  ? -6.797  -3.053  11.519  1.00 15.18 ? 83  LEU A CD1 1 
ATOM   648  C  CD2 . LEU A 1 83  ? -5.850  -0.849  10.728  1.00 15.13 ? 83  LEU A CD2 1 
ATOM   649  N  N   . GLN A 1 84  ? -8.961  1.947   12.782  1.00 13.01 ? 84  GLN A N   1 
ATOM   650  C  CA  . GLN A 1 84  ? -10.015 2.885   13.146  1.00 16.18 ? 84  GLN A CA  1 
ATOM   651  C  C   . GLN A 1 84  ? -11.404 2.426   12.727  1.00 14.92 ? 84  GLN A C   1 
ATOM   652  O  O   . GLN A 1 84  ? -12.385 3.102   13.060  1.00 15.78 ? 84  GLN A O   1 
ATOM   653  C  CB  . GLN A 1 84  ? -9.734  4.266   12.532  1.00 13.80 ? 84  GLN A CB  1 
ATOM   654  C  CG  . GLN A 1 84  ? -8.458  4.915   13.057  1.00 16.49 ? 84  GLN A CG  1 
ATOM   655  C  CD  . GLN A 1 84  ? -8.563  5.269   14.523  1.00 18.43 ? 84  GLN A CD  1 
ATOM   656  O  OE1 . GLN A 1 84  ? -9.461  6.012   14.928  1.00 17.26 ? 84  GLN A OE1 1 
ATOM   657  N  NE2 . GLN A 1 84  ? -7.647  4.738   15.331  1.00 17.30 ? 84  GLN A NE2 1 
ATOM   658  N  N   . TYR A 1 85  ? -11.515 1.311   12.012  1.00 13.24 ? 85  TYR A N   1 
ATOM   659  C  CA  . TYR A 1 85  ? -12.777 0.903   11.408  1.00 16.96 ? 85  TYR A CA  1 
ATOM   660  C  C   . TYR A 1 85  ? -12.974 -0.598  11.569  1.00 20.71 ? 85  TYR A C   1 
ATOM   661  O  O   . TYR A 1 85  ? -12.024 -1.360  11.783  1.00 17.62 ? 85  TYR A O   1 
ATOM   662  C  CB  . TYR A 1 85  ? -12.835 1.319   9.926   1.00 18.03 ? 85  TYR A CB  1 
ATOM   663  C  CG  . TYR A 1 85  ? -12.826 2.821   9.825   1.00 16.39 ? 85  TYR A CG  1 
ATOM   664  C  CD1 . TYR A 1 85  ? -13.991 3.547   10.036  1.00 14.25 ? 85  TYR A CD1 1 
ATOM   665  C  CD2 . TYR A 1 85  ? -11.649 3.520   9.597   1.00 12.16 ? 85  TYR A CD2 1 
ATOM   666  C  CE1 . TYR A 1 85  ? -13.990 4.929   10.001  1.00 22.11 ? 85  TYR A CE1 1 
ATOM   667  C  CE2 . TYR A 1 85  ? -11.647 4.903   9.549   1.00 14.25 ? 85  TYR A CE2 1 
ATOM   668  C  CZ  . TYR A 1 85  ? -12.815 5.603   9.755   1.00 18.32 ? 85  TYR A CZ  1 
ATOM   669  O  OH  . TYR A 1 85  ? -12.829 6.984   9.723   1.00 15.07 ? 85  TYR A OH  1 
ATOM   670  N  N   . ASN A 1 86  ? -14.234 -1.005  11.468  1.00 19.74 ? 86  ASN A N   1 
ATOM   671  C  CA  . ASN A 1 86  ? -14.665 -2.388  11.606  1.00 18.77 ? 86  ASN A CA  1 
ATOM   672  C  C   . ASN A 1 86  ? -15.407 -2.824  10.351  1.00 19.74 ? 86  ASN A C   1 
ATOM   673  O  O   . ASN A 1 86  ? -15.765 -1.999  9.507   1.00 17.99 ? 86  ASN A O   1 
ATOM   674  C  CB  . ASN A 1 86  ? -15.562 -2.558  12.838  1.00 22.41 ? 86  ASN A CB  1 
ATOM   675  C  CG  . ASN A 1 86  ? -14.789 -2.473  14.124  1.00 31.29 ? 86  ASN A CG  1 
ATOM   676  O  OD1 . ASN A 1 86  ? -14.080 -3.407  14.486  1.00 31.70 ? 86  ASN A OD1 1 
ATOM   677  N  ND2 . ASN A 1 86  ? -14.923 -1.355  14.829  1.00 37.59 ? 86  ASN A ND2 1 
ATOM   678  N  N   . ASN A 1 87  ? -15.637 -4.138  10.249  1.00 18.25 ? 87  ASN A N   1 
ATOM   679  C  CA  . ASN A 1 87  ? -16.318 -4.726  9.097   1.00 21.91 ? 87  ASN A CA  1 
ATOM   680  C  C   . ASN A 1 87  ? -17.592 -3.963  8.769   1.00 22.40 ? 87  ASN A C   1 
ATOM   681  O  O   . ASN A 1 87  ? -18.380 -3.636  9.660   1.00 23.22 ? 87  ASN A O   1 
ATOM   682  C  CB  . ASN A 1 87  ? -16.666 -6.195  9.371   1.00 24.24 ? 87  ASN A CB  1 
ATOM   683  C  CG  . ASN A 1 87  ? -15.461 -7.106  9.336   1.00 28.38 ? 87  ASN A CG  1 
ATOM   684  O  OD1 . ASN A 1 87  ? -14.487 -6.850  8.634   1.00 22.09 ? 87  ASN A OD1 1 
ATOM   685  N  ND2 . ASN A 1 87  ? -15.531 -8.198  10.090  1.00 29.32 ? 87  ASN A ND2 1 
ATOM   686  N  N   . GLY A 1 88  ? -17.787 -3.670  7.487   1.00 20.29 ? 88  GLY A N   1 
ATOM   687  C  CA  . GLY A 1 88  ? -18.993 -3.009  7.030   1.00 23.28 ? 88  GLY A CA  1 
ATOM   688  C  C   . GLY A 1 88  ? -18.965 -1.497  7.074   1.00 21.10 ? 88  GLY A C   1 
ATOM   689  O  O   . GLY A 1 88  ? -19.839 -0.863  6.467   1.00 21.08 ? 88  GLY A O   1 
ATOM   690  N  N   . ASP A 1 89  ? -18.003 -0.894  7.773   1.00 15.94 ? 89  ASP A N   1 
ATOM   691  C  CA  . ASP A 1 89  ? -17.887 0.560   7.774   1.00 17.02 ? 89  ASP A CA  1 
ATOM   692  C  C   . ASP A 1 89  ? -17.546 1.056   6.372   1.00 21.16 ? 89  ASP A C   1 
ATOM   693  O  O   . ASP A 1 89  ? -16.961 0.333   5.559   1.00 16.47 ? 89  ASP A O   1 
ATOM   694  C  CB  . ASP A 1 89  ? -16.806 1.024   8.760   1.00 17.49 ? 89  ASP A CB  1 
ATOM   695  C  CG  . ASP A 1 89  ? -17.234 0.883   10.217  1.00 31.78 ? 89  ASP A CG  1 
ATOM   696  O  OD1 . ASP A 1 89  ? -18.456 0.740   10.470  1.00 24.13 ? 89  ASP A OD1 1 
ATOM   697  O  OD2 . ASP A 1 89  ? -16.342 0.902   11.106  1.00 22.79 ? 89  ASP A OD2 1 
ATOM   698  N  N   . THR A 1 90  ? -17.932 2.298   6.088   1.00 18.58 ? 90  THR A N   1 
ATOM   699  C  CA  A THR A 1 90  ? -17.611 2.943   4.822   0.34 19.32 ? 90  THR A CA  1 
ATOM   700  C  CA  B THR A 1 90  ? -17.630 2.954   4.823   0.66 19.30 ? 90  THR A CA  1 
ATOM   701  C  C   . THR A 1 90  ? -16.587 4.041   5.058   1.00 21.15 ? 90  THR A C   1 
ATOM   702  O  O   . THR A 1 90  ? -16.661 4.774   6.050   1.00 19.07 ? 90  THR A O   1 
ATOM   703  C  CB  A THR A 1 90  ? -18.848 3.542   4.144   0.34 21.38 ? 90  THR A CB  1 
ATOM   704  C  CB  B THR A 1 90  ? -18.908 3.544   4.205   0.66 21.37 ? 90  THR A CB  1 
ATOM   705  O  OG1 A THR A 1 90  ? -19.487 4.466   5.032   0.34 22.36 ? 90  THR A OG1 1 
ATOM   706  O  OG1 B THR A 1 90  ? -19.763 2.476   3.762   0.66 25.71 ? 90  THR A OG1 1 
ATOM   707  C  CG2 A THR A 1 90  ? -19.829 2.446   3.739   0.34 25.57 ? 90  THR A CG2 1 
ATOM   708  C  CG2 B THR A 1 90  ? -18.593 4.444   3.026   0.66 17.06 ? 90  THR A CG2 1 
ATOM   709  N  N   . VAL A 1 91  ? -15.604 4.132   4.159   1.00 13.91 ? 91  VAL A N   1 
ATOM   710  C  CA  . VAL A 1 91  ? -14.620 5.204   4.225   1.00 15.71 ? 91  VAL A CA  1 
ATOM   711  C  C   . VAL A 1 91  ? -14.570 5.907   2.876   1.00 17.68 ? 91  VAL A C   1 
ATOM   712  O  O   . VAL A 1 91  ? -15.042 5.395   1.859   1.00 13.38 ? 91  VAL A O   1 
ATOM   713  C  CB  . VAL A 1 91  ? -13.214 4.709   4.630   1.00 16.42 ? 91  VAL A CB  1 
ATOM   714  C  CG1 . VAL A 1 91  ? -13.242 4.133   6.045   1.00 18.47 ? 91  VAL A CG1 1 
ATOM   715  C  CG2 . VAL A 1 91  ? -12.701 3.671   3.634   1.00 14.26 ? 91  VAL A CG2 1 
ATOM   716  N  N   . GLN A 1 92  ? -13.997 7.099   2.894   1.00 15.53 ? 92  GLN A N   1 
ATOM   717  C  CA  . GLN A 1 92  ? -13.762 7.956   1.751   1.00 16.25 ? 92  GLN A CA  1 
ATOM   718  C  C   . GLN A 1 92  ? -12.285 7.962   1.408   1.00 17.97 ? 92  GLN A C   1 
ATOM   719  O  O   . GLN A 1 92  ? -11.439 7.630   2.253   1.00 14.02 ? 92  GLN A O   1 
ATOM   720  C  CB  . GLN A 1 92  ? -14.213 9.393   2.059   1.00 16.36 ? 92  GLN A CB  1 
ATOM   721  C  CG  . GLN A 1 92  ? -15.638 9.508   2.543   1.00 23.57 ? 92  GLN A CG  1 
ATOM   722  C  CD  . GLN A 1 92  ? -16.621 9.078   1.493   1.00 32.48 ? 92  GLN A CD  1 
ATOM   723  O  OE1 . GLN A 1 92  ? -16.534 9.505   0.342   1.00 43.43 ? 92  GLN A OE1 1 
ATOM   724  N  NE2 . GLN A 1 92  ? -17.573 8.227   1.877   1.00 33.81 ? 92  GLN A NE2 1 
ATOM   725  N  N   . PRO A 1 93  ? -11.930 8.343   0.180   1.00 16.25 ? 93  PRO A N   1 
ATOM   726  C  CA  . PRO A 1 93  ? -10.519 8.582   -0.136  1.00 16.02 ? 93  PRO A CA  1 
ATOM   727  C  C   . PRO A 1 93  ? -9.916  9.521   0.894   1.00 18.29 ? 93  PRO A C   1 
ATOM   728  O  O   . PRO A 1 93  ? -10.507 10.545  1.236   1.00 18.22 ? 93  PRO A O   1 
ATOM   729  C  CB  . PRO A 1 93  ? -10.574 9.232   -1.523  1.00 14.25 ? 93  PRO A CB  1 
ATOM   730  C  CG  . PRO A 1 93  ? -11.880 8.786   -2.091  1.00 16.12 ? 93  PRO A CG  1 
ATOM   731  C  CD  . PRO A 1 93  ? -12.814 8.738   -0.932  1.00 15.47 ? 93  PRO A CD  1 
ATOM   732  N  N   . GLY A 1 94  ? -8.749  9.152   1.414   1.00 13.47 ? 94  GLY A N   1 
ATOM   733  C  CA  . GLY A 1 94  ? -8.057  9.977   2.378   1.00 14.28 ? 94  GLY A CA  1 
ATOM   734  C  C   . GLY A 1 94  ? -8.328  9.646   3.834   1.00 16.17 ? 94  GLY A C   1 
ATOM   735  O  O   . GLY A 1 94  ? -7.565  10.088  4.700   1.00 14.77 ? 94  GLY A O   1 
ATOM   736  N  N   . THR A 1 95  ? -9.369  8.869   4.130   1.00 12.47 ? 95  THR A N   1 
ATOM   737  C  CA  . THR A 1 95  ? -9.700  8.552   5.517   1.00 15.10 ? 95  THR A CA  1 
ATOM   738  C  C   . THR A 1 95  ? -8.527  7.876   6.222   1.00 14.03 ? 95  THR A C   1 
ATOM   739  O  O   . THR A 1 95  ? -7.913  6.952   5.681   1.00 13.74 ? 95  THR A O   1 
ATOM   740  C  CB  . THR A 1 95  ? -10.924 7.635   5.553   1.00 20.41 ? 95  THR A CB  1 
ATOM   741  O  OG1 . THR A 1 95  ? -12.044 8.310   4.967   1.00 15.37 ? 95  THR A OG1 1 
ATOM   742  C  CG2 . THR A 1 95  ? -11.258 7.249   6.978   1.00 19.85 ? 95  THR A CG2 1 
ATOM   743  N  N   . LEU A 1 96  ? -8.216  8.339   7.433   1.00 12.53 ? 96  LEU A N   1 
ATOM   744  C  CA  . LEU A 1 96  ? -7.160  7.726   8.246   1.00 14.06 ? 96  LEU A CA  1 
ATOM   745  C  C   . LEU A 1 96  ? -7.591  6.333   8.702   1.00 16.13 ? 96  LEU A C   1 
ATOM   746  O  O   . LEU A 1 96  ? -8.487  6.205   9.540   1.00 15.71 ? 96  LEU A O   1 
ATOM   747  C  CB  . LEU A 1 96  ? -6.854  8.610   9.455   1.00 11.11 ? 96  LEU A CB  1 
ATOM   748  C  CG  . LEU A 1 96  ? -6.380  10.019  9.109   1.00 16.79 ? 96  LEU A CG  1 
ATOM   749  C  CD1 . LEU A 1 96  ? -6.067  10.806  10.381  1.00 21.87 ? 96  LEU A CD1 1 
ATOM   750  C  CD2 . LEU A 1 96  ? -5.155  9.964   8.191   1.00 21.15 ? 96  LEU A CD2 1 
ATOM   751  N  N   . LEU A 1 97  ? -6.934  5.283   8.184   1.00 11.50 ? 97  LEU A N   1 
ATOM   752  C  CA  . LEU A 1 97  ? -7.321  3.909   8.507   1.00 12.43 ? 97  LEU A CA  1 
ATOM   753  C  C   . LEU A 1 97  ? -6.686  3.410   9.800   1.00 13.11 ? 97  LEU A C   1 
ATOM   754  O  O   . LEU A 1 97  ? -7.243  2.528   10.468  1.00 13.34 ? 97  LEU A O   1 
ATOM   755  C  CB  . LEU A 1 97  ? -6.919  2.970   7.355   1.00 12.94 ? 97  LEU A CB  1 
ATOM   756  C  CG  . LEU A 1 97  ? -7.643  3.212   6.024   1.00 12.59 ? 97  LEU A CG  1 
ATOM   757  C  CD1 . LEU A 1 97  ? -7.065  2.334   4.896   1.00 15.25 ? 97  LEU A CD1 1 
ATOM   758  C  CD2 . LEU A 1 97  ? -9.153  2.962   6.193   1.00 13.58 ? 97  LEU A CD2 1 
ATOM   759  N  N   . GLY A 1 98  ? -5.527  3.939   10.143  1.00 14.87 ? 98  GLY A N   1 
ATOM   760  C  CA  . GLY A 1 98  ? -4.686  3.385   11.182  1.00 11.64 ? 98  GLY A CA  1 
ATOM   761  C  C   . GLY A 1 98  ? -3.268  3.854   10.927  1.00 13.61 ? 98  GLY A C   1 
ATOM   762  O  O   . GLY A 1 98  ? -3.005  4.631   10.011  1.00 16.85 ? 98  GLY A O   1 
ATOM   763  N  N   . ARG A 1 99  ? -2.358  3.385   11.770  1.00 11.80 ? 99  ARG A N   1 
ATOM   764  C  CA  . ARG A 1 99  ? -0.931  3.606   11.544  1.00 13.27 ? 99  ARG A CA  1 
ATOM   765  C  C   . ARG A 1 99  ? -0.314  2.324   11.007  1.00 13.07 ? 99  ARG A C   1 
ATOM   766  O  O   . ARG A 1 99  ? -0.847  1.236   11.219  1.00 15.99 ? 99  ARG A O   1 
ATOM   767  C  CB  . ARG A 1 99  ? -0.214  4.015   12.841  1.00 18.57 ? 99  ARG A CB  1 
ATOM   768  C  CG  . ARG A 1 99  ? -0.642  5.355   13.399  1.00 18.55 ? 99  ARG A CG  1 
ATOM   769  C  CD  . ARG A 1 99  ? -0.079  5.603   14.804  1.00 19.82 ? 99  ARG A CD  1 
ATOM   770  N  NE  . ARG A 1 99  ? 1.381   5.525   14.859  1.00 25.38 ? 99  ARG A NE  1 
ATOM   771  C  CZ  . ARG A 1 99  ? 2.094   5.611   15.986  1.00 39.72 ? 99  ARG A CZ  1 
ATOM   772  N  NH1 . ARG A 1 99  ? 1.485   5.785   17.157  1.00 33.00 ? 99  ARG A NH1 1 
ATOM   773  N  NH2 . ARG A 1 99  ? 3.419   5.534   15.945  1.00 37.19 ? 99  ARG A NH2 1 
ATOM   774  N  N   . TYR A 1 100 ? 0.819   2.434   10.309  1.00 13.83 ? 100 TYR A N   1 
ATOM   775  C  CA  . TYR A 1 100 ? 1.579   1.206   10.144  1.00 14.19 ? 100 TYR A CA  1 
ATOM   776  C  C   . TYR A 1 100 ? 2.396   1.015   11.409  1.00 16.47 ? 100 TYR A C   1 
ATOM   777  O  O   . TYR A 1 100 ? 2.799   1.985   12.052  1.00 13.88 ? 100 TYR A O   1 
ATOM   778  C  CB  . TYR A 1 100 ? 2.435   1.153   8.867   1.00 10.36 ? 100 TYR A CB  1 
ATOM   779  C  CG  . TYR A 1 100 ? 3.543   2.153   8.591   1.00 12.82 ? 100 TYR A CG  1 
ATOM   780  C  CD1 . TYR A 1 100 ? 4.766   2.100   9.261   1.00 11.27 ? 100 TYR A CD1 1 
ATOM   781  C  CD2 . TYR A 1 100 ? 3.406   3.073   7.555   1.00 13.73 ? 100 TYR A CD2 1 
ATOM   782  C  CE1 . TYR A 1 100 ? 5.791   2.998   8.956   1.00 10.03 ? 100 TYR A CE1 1 
ATOM   783  C  CE2 . TYR A 1 100 ? 4.419   3.958   7.237   1.00 11.79 ? 100 TYR A CE2 1 
ATOM   784  C  CZ  . TYR A 1 100 ? 5.608   3.913   7.934   1.00 10.60 ? 100 TYR A CZ  1 
ATOM   785  O  OH  . TYR A 1 100 ? 6.604   4.806   7.607   1.00 14.17 ? 100 TYR A OH  1 
ATOM   786  N  N   . ALA A 1 101 ? 2.545   -0.245  11.804  1.00 15.30 ? 101 ALA A N   1 
ATOM   787  C  CA  . ALA A 1 101 ? 2.964   -0.578  13.156  1.00 18.04 ? 101 ALA A CA  1 
ATOM   788  C  C   . ALA A 1 101 ? 4.406   -0.164  13.407  1.00 15.98 ? 101 ALA A C   1 
ATOM   789  O  O   . ALA A 1 101 ? 5.282   -0.375  12.567  1.00 17.37 ? 101 ALA A O   1 
ATOM   790  C  CB  . ALA A 1 101 ? 2.812   -2.076  13.391  1.00 13.55 ? 101 ALA A CB  1 
ATOM   791  N  N   . ASN A 1 102 ? 4.647   0.427   14.575  1.00 16.64 ? 102 ASN A N   1 
ATOM   792  C  CA  . ASN A 1 102 ? 6.000   0.738   15.018  1.00 13.91 ? 102 ASN A CA  1 
ATOM   793  C  C   . ASN A 1 102 ? 6.563   -0.333  15.948  1.00 20.97 ? 102 ASN A C   1 
ATOM   794  O  O   . ASN A 1 102 ? 7.657   -0.154  16.496  1.00 22.44 ? 102 ASN A O   1 
ATOM   795  C  CB  . ASN A 1 102 ? 6.035   2.121   15.681  1.00 15.84 ? 102 ASN A CB  1 
ATOM   796  C  CG  . ASN A 1 102 ? 5.595   2.102   17.151  1.00 20.52 ? 102 ASN A CG  1 
ATOM   797  O  OD1 . ASN A 1 102 ? 4.928   1.176   17.613  1.00 19.84 ? 102 ASN A OD1 1 
ATOM   798  N  ND2 . ASN A 1 102 ? 5.972   3.140   17.881  1.00 24.76 ? 102 ASN A ND2 1 
ATOM   799  N  N   . SER A 1 103 ? 5.857   -1.449  16.128  1.00 19.90 ? 103 SER A N   1 
ATOM   800  C  CA  . SER A 1 103 ? 6.379   -2.561  16.908  1.00 28.21 ? 103 SER A CA  1 
ATOM   801  C  C   . SER A 1 103 ? 6.355   -3.833  16.071  1.00 27.86 ? 103 SER A C   1 
ATOM   802  O  O   . SER A 1 103 ? 5.424   -4.071  15.295  1.00 18.40 ? 103 SER A O   1 
ATOM   803  C  CB  . SER A 1 103 ? 5.602   -2.744  18.223  1.00 27.63 ? 103 SER A CB  1 
ATOM   804  O  OG  . SER A 1 103 ? 4.403   -3.459  18.025  1.00 30.16 ? 103 SER A OG  1 
ATOM   805  N  N   . TYR A 1 104 ? 7.398   -4.644  16.231  1.00 17.79 ? 104 TYR A N   1 
ATOM   806  C  CA  . TYR A 1 104 ? 7.608   -5.794  15.361  1.00 19.09 ? 104 TYR A CA  1 
ATOM   807  C  C   . TYR A 1 104 ? 6.488   -6.821  15.507  1.00 21.31 ? 104 TYR A C   1 
ATOM   808  O  O   . TYR A 1 104 ? 5.973   -7.340  14.505  1.00 23.11 ? 104 TYR A O   1 
ATOM   809  C  CB  . TYR A 1 104 ? 8.974   -6.414  15.678  1.00 19.53 ? 104 TYR A CB  1 
ATOM   810  C  CG  . TYR A 1 104 ? 9.338   -7.627  14.862  1.00 26.00 ? 104 TYR A CG  1 
ATOM   811  C  CD1 . TYR A 1 104 ? 9.909   -7.498  13.602  1.00 23.45 ? 104 TYR A CD1 1 
ATOM   812  C  CD2 . TYR A 1 104 ? 9.129   -8.909  15.362  1.00 24.36 ? 104 TYR A CD2 1 
ATOM   813  C  CE1 . TYR A 1 104 ? 10.254  -8.616  12.862  1.00 27.77 ? 104 TYR A CE1 1 
ATOM   814  C  CE2 . TYR A 1 104 ? 9.465   -10.028 14.629  1.00 26.13 ? 104 TYR A CE2 1 
ATOM   815  C  CZ  . TYR A 1 104 ? 10.035  -9.876  13.388  1.00 26.08 ? 104 TYR A CZ  1 
ATOM   816  O  OH  . TYR A 1 104 ? 10.364  -10.993 12.657  1.00 34.86 ? 104 TYR A OH  1 
ATOM   817  N  N   . ASN A 1 105 ? 6.095   -7.124  16.751  1.00 20.10 ? 105 ASN A N   1 
ATOM   818  C  CA  . ASN A 1 105 ? 5.059   -8.133  16.970  1.00 24.73 ? 105 ASN A CA  1 
ATOM   819  C  C   . ASN A 1 105 ? 3.717   -7.694  16.400  1.00 17.44 ? 105 ASN A C   1 
ATOM   820  O  O   . ASN A 1 105 ? 2.988   -8.508  15.825  1.00 21.65 ? 105 ASN A O   1 
ATOM   821  C  CB  . ASN A 1 105 ? 4.922   -8.445  18.460  1.00 21.06 ? 105 ASN A CB  1 
ATOM   822  C  CG  . ASN A 1 105 ? 6.059   -9.305  18.974  1.00 29.26 ? 105 ASN A CG  1 
ATOM   823  O  OD1 . ASN A 1 105 ? 6.745   -9.970  18.196  1.00 31.80 ? 105 ASN A OD1 1 
ATOM   824  N  ND2 . ASN A 1 105 ? 6.263   -9.298  20.287  1.00 37.87 ? 105 ASN A ND2 1 
ATOM   825  N  N   . GLN A 1 106 ? 3.366   -6.419  16.564  1.00 19.60 ? 106 GLN A N   1 
ATOM   826  C  CA  . GLN A 1 106 ? 2.113   -5.927  15.996  1.00 19.27 ? 106 GLN A CA  1 
ATOM   827  C  C   . GLN A 1 106 ? 2.148   -5.947  14.473  1.00 23.47 ? 106 GLN A C   1 
ATOM   828  O  O   . GLN A 1 106 ? 1.138   -6.256  13.828  1.00 18.29 ? 106 GLN A O   1 
ATOM   829  C  CB  . GLN A 1 106 ? 1.827   -4.516  16.495  1.00 17.47 ? 106 GLN A CB  1 
ATOM   830  C  CG  . GLN A 1 106 ? 0.587   -3.877  15.865  1.00 20.79 ? 106 GLN A CG  1 
ATOM   831  C  CD  . GLN A 1 106 ? -0.674  -4.606  16.240  1.00 24.43 ? 106 GLN A CD  1 
ATOM   832  O  OE1 . GLN A 1 106 ? -0.751  -5.208  17.308  1.00 19.36 ? 106 GLN A OE1 1 
ATOM   833  N  NE2 . GLN A 1 106 ? -1.669  -4.572  15.362  1.00 18.19 ? 106 GLN A NE2 1 
ATOM   834  N  N   . ALA A 1 107 ? 3.297   -5.599  13.884  1.00 17.02 ? 107 ALA A N   1 
ATOM   835  C  CA  . ALA A 1 107 ? 3.421   -5.596  12.430  1.00 19.40 ? 107 ALA A CA  1 
ATOM   836  C  C   . ALA A 1 107 ? 3.183   -6.976  11.837  1.00 22.81 ? 107 ALA A C   1 
ATOM   837  O  O   . ALA A 1 107 ? 2.697   -7.094  10.706  1.00 18.70 ? 107 ALA A O   1 
ATOM   838  C  CB  . ALA A 1 107 ? 4.808   -5.098  12.018  1.00 17.16 ? 107 ALA A CB  1 
ATOM   839  N  N   . LEU A 1 108 ? 3.530   -8.028  12.571  1.00 17.61 ? 108 LEU A N   1 
ATOM   840  C  CA  . LEU A 1 108 ? 3.445   -9.390  12.067  1.00 18.78 ? 108 LEU A CA  1 
ATOM   841  C  C   . LEU A 1 108 ? 2.365   -10.188 12.794  1.00 23.57 ? 108 LEU A C   1 
ATOM   842  O  O   . LEU A 1 108 ? 2.511   -11.386 13.028  1.00 22.92 ? 108 LEU A O   1 
ATOM   843  C  CB  . LEU A 1 108 ? 4.805   -10.075 12.174  1.00 22.54 ? 108 LEU A CB  1 
ATOM   844  C  CG  . LEU A 1 108 ? 5.901   -9.343  11.392  1.00 20.62 ? 108 LEU A CG  1 
ATOM   845  C  CD1 . LEU A 1 108 ? 7.228   -10.069 11.505  1.00 23.84 ? 108 LEU A CD1 1 
ATOM   846  C  CD2 . LEU A 1 108 ? 5.496   -9.195  9.929   1.00 23.38 ? 108 LEU A CD2 1 
ATOM   847  N  N   . CYS A 1 109 ? 1.255   -9.532  13.143  1.00 26.72 ? 109 CYS A N   1 
ATOM   848  C  CA  . CYS A 1 109 ? 0.220   -10.199 13.923  1.00 23.43 ? 109 CYS A CA  1 
ATOM   849  C  C   . CYS A 1 109 ? -0.424  -11.362 13.174  1.00 24.27 ? 109 CYS A C   1 
ATOM   850  O  O   . CYS A 1 109 ? -1.036  -12.226 13.809  1.00 34.95 ? 109 CYS A O   1 
ATOM   851  C  CB  . CYS A 1 109 ? -0.837  -9.178  14.376  1.00 26.82 ? 109 CYS A CB  1 
ATOM   852  S  SG  . CYS A 1 109 ? -2.236  -8.875  13.249  1.00 43.83 ? 109 CYS A SG  1 
ATOM   853  N  N   . GLU A 1 110 ? -0.305  -11.418 11.845  1.00 22.41 ? 110 GLU A N   1 
ATOM   854  C  CA  . GLU A 1 110 ? -0.775  -12.567 11.075  1.00 26.33 ? 110 GLU A CA  1 
ATOM   855  C  C   . GLU A 1 110 ? 0.366   -13.284 10.363  1.00 22.26 ? 110 GLU A C   1 
ATOM   856  O  O   . GLU A 1 110 ? 0.128   -14.027 9.408   1.00 25.55 ? 110 GLU A O   1 
ATOM   857  C  CB  . GLU A 1 110 ? -1.839  -12.161 10.051  1.00 22.18 ? 110 GLU A CB  1 
ATOM   858  C  CG  . GLU A 1 110 ? -3.169  -11.761 10.639  1.00 22.45 ? 110 GLU A CG  1 
ATOM   859  C  CD  . GLU A 1 110 ? -4.229  -11.609 9.557   1.00 32.23 ? 110 GLU A CD  1 
ATOM   860  O  OE1 . GLU A 1 110 ? -4.482  -12.588 8.826   1.00 39.53 ? 110 GLU A OE1 1 
ATOM   861  O  OE2 . GLU A 1 110 ? -4.793  -10.505 9.423   1.00 26.98 ? 110 GLU A OE2 1 
ATOM   862  N  N   . GLY A 1 111 ? 1.596   -13.081 10.798  1.00 22.69 ? 111 GLY A N   1 
ATOM   863  C  CA  . GLY A 1 111 ? 2.725   -13.720 10.154  1.00 23.69 ? 111 GLY A CA  1 
ATOM   864  C  C   . GLY A 1 111 ? 3.411   -12.791 9.179   1.00 32.15 ? 111 GLY A C   1 
ATOM   865  O  O   . GLY A 1 111 ? 3.096   -11.602 9.062   1.00 25.21 ? 111 GLY A O   1 
ATOM   866  N  N   . GLY A 1 112 ? 4.373   -13.359 8.463   1.00 31.95 ? 112 GLY A N   1 
ATOM   867  C  CA  . GLY A 1 112 ? 5.163   -12.620 7.501   1.00 28.13 ? 112 GLY A CA  1 
ATOM   868  C  C   . GLY A 1 112 ? 6.535   -12.266 8.046   1.00 26.10 ? 112 GLY A C   1 
ATOM   869  O  O   . GLY A 1 112 ? 6.970   -12.727 9.105   1.00 29.66 ? 112 GLY A O   1 
ATOM   870  N  N   . GLN A 1 113 ? 7.229   -11.425 7.293   1.00 32.87 ? 113 GLN A N   1 
ATOM   871  C  CA  . GLN A 1 113 ? 8.532   -10.929 7.705   1.00 31.32 ? 113 GLN A CA  1 
ATOM   872  C  C   . GLN A 1 113 ? 8.610   -9.434  7.446   1.00 22.31 ? 113 GLN A C   1 
ATOM   873  O  O   . GLN A 1 113 ? 7.917   -8.906  6.570   1.00 25.33 ? 113 GLN A O   1 
ATOM   874  C  CB  . GLN A 1 113 ? 9.676   -11.648 6.973   1.00 41.50 ? 113 GLN A CB  1 
ATOM   875  C  CG  . GLN A 1 113 ? 9.393   -11.966 5.512   1.00 46.21 ? 113 GLN A CG  1 
ATOM   876  C  CD  . GLN A 1 113 ? 10.570  -12.650 4.828   1.00 60.86 ? 113 GLN A CD  1 
ATOM   877  O  OE1 . GLN A 1 113 ? 11.287  -12.029 4.042   1.00 61.10 ? 113 GLN A OE1 1 
ATOM   878  N  NE2 . GLN A 1 113 ? 10.779  -13.929 5.134   1.00 53.56 ? 113 GLN A NE2 1 
ATOM   879  N  N   . SER A 1 114 ? 9.464   -8.757  8.214   1.00 18.46 ? 114 SER A N   1 
ATOM   880  C  CA  . SER A 1 114 ? 9.649   -7.319  8.050   1.00 15.38 ? 114 SER A CA  1 
ATOM   881  C  C   . SER A 1 114 ? 11.017  -6.890  8.571   1.00 16.42 ? 114 SER A C   1 
ATOM   882  O  O   . SER A 1 114 ? 11.431  -7.291  9.662   1.00 18.63 ? 114 SER A O   1 
ATOM   883  C  CB  . SER A 1 114 ? 8.564   -6.529  8.781   1.00 17.81 ? 114 SER A CB  1 
ATOM   884  O  OG  . SER A 1 114 ? 8.844   -5.142  8.729   1.00 16.15 ? 114 SER A OG  1 
ATOM   885  N  N   . SER A 1 115 ? 11.684  -6.035  7.800   1.00 16.16 ? 115 SER A N   1 
ATOM   886  C  CA  . SER A 1 115 ? 12.950  -5.423  8.189   1.00 16.30 ? 115 SER A CA  1 
ATOM   887  C  C   . SER A 1 115 ? 12.781  -4.089  8.910   1.00 16.66 ? 115 SER A C   1 
ATOM   888  O  O   . SER A 1 115 ? 13.776  -3.530  9.392   1.00 16.11 ? 115 SER A O   1 
ATOM   889  C  CB  . SER A 1 115 ? 13.833  -5.220  6.947   1.00 15.45 ? 115 SER A CB  1 
ATOM   890  O  OG  . SER A 1 115 ? 14.092  -6.455  6.298   1.00 19.36 ? 115 SER A OG  1 
ATOM   891  N  N   . GLY A 1 116 ? 11.562  -3.564  8.995   1.00 14.64 ? 116 GLY A N   1 
ATOM   892  C  CA  . GLY A 1 116 ? 11.321  -2.289  9.631   1.00 10.76 ? 116 GLY A CA  1 
ATOM   893  C  C   . GLY A 1 116 ? 9.918   -1.802  9.332   1.00 13.28 ? 116 GLY A C   1 
ATOM   894  O  O   . GLY A 1 116 ? 9.227   -2.333  8.457   1.00 16.69 ? 116 GLY A O   1 
ATOM   895  N  N   . PRO A 1 117 ? 9.467   -0.784  10.061  1.00 13.79 ? 117 PRO A N   1 
ATOM   896  C  CA  . PRO A 1 117 ? 8.083   -0.302  9.890   1.00 13.65 ? 117 PRO A CA  1 
ATOM   897  C  C   . PRO A 1 117 ? 7.790   0.125   8.455   1.00 12.83 ? 117 PRO A C   1 
ATOM   898  O  O   . PRO A 1 117 ? 8.579   0.839   7.819   1.00 11.01 ? 117 PRO A O   1 
ATOM   899  C  CB  . PRO A 1 117 ? 8.002   0.887   10.855  1.00 14.53 ? 117 PRO A CB  1 
ATOM   900  C  CG  . PRO A 1 117 ? 9.069   0.622   11.884  1.00 18.29 ? 117 PRO A CG  1 
ATOM   901  C  CD  . PRO A 1 117 ? 10.174  -0.098  11.154  1.00 16.48 ? 117 PRO A CD  1 
ATOM   902  N  N   . HIS A 1 118 ? 6.635   -0.319  7.953   1.00 12.28 ? 118 HIS A N   1 
ATOM   903  C  CA  . HIS A 1 118 ? 6.113   0.060   6.648   1.00 10.96 ? 118 HIS A CA  1 
ATOM   904  C  C   . HIS A 1 118 ? 4.701   -0.501  6.553   1.00 11.74 ? 118 HIS A C   1 
ATOM   905  O  O   . HIS A 1 118 ? 4.301   -1.350  7.350   1.00 10.95 ? 118 HIS A O   1 
ATOM   906  C  CB  . HIS A 1 118 ? 6.979   -0.479  5.509   1.00 11.10 ? 118 HIS A CB  1 
ATOM   907  C  CG  . HIS A 1 118 ? 6.935   -1.972  5.378   1.00 13.49 ? 118 HIS A CG  1 
ATOM   908  N  ND1 . HIS A 1 118 ? 7.695   -2.812  6.167   1.00 14.09 ? 118 HIS A ND1 1 
ATOM   909  C  CD2 . HIS A 1 118 ? 6.233   -2.775  4.545   1.00 15.24 ? 118 HIS A CD2 1 
ATOM   910  C  CE1 . HIS A 1 118 ? 7.461   -4.067  5.824   1.00 13.56 ? 118 HIS A CE1 1 
ATOM   911  N  NE2 . HIS A 1 118 ? 6.576   -4.072  4.843   1.00 14.19 ? 118 HIS A NE2 1 
ATOM   912  N  N   . VAL A 1 119 ? 3.951   -0.040  5.559   1.00 10.05 ? 119 VAL A N   1 
ATOM   913  C  CA  . VAL A 1 119 ? 2.685   -0.688  5.206   1.00 10.14 ? 119 VAL A CA  1 
ATOM   914  C  C   . VAL A 1 119 ? 2.898   -1.505  3.938   1.00 11.77 ? 119 VAL A C   1 
ATOM   915  O  O   . VAL A 1 119 ? 3.526   -1.036  2.982   1.00 11.40 ? 119 VAL A O   1 
ATOM   916  C  CB  . VAL A 1 119 ? 1.546   0.335   5.031   1.00 11.06 ? 119 VAL A CB  1 
ATOM   917  C  CG1 . VAL A 1 119 ? 1.904   1.407   4.000   1.00 11.50 ? 119 VAL A CG1 1 
ATOM   918  C  CG2 . VAL A 1 119 ? 0.247   -0.385  4.622   1.00 9.61  ? 119 VAL A CG2 1 
ATOM   919  N  N   . HIS A 1 120 ? 2.437   -2.754  3.964   1.00 9.21  ? 120 HIS A N   1 
ATOM   920  C  CA  . HIS A 1 120 ? 2.401   -3.630  2.803   1.00 11.64 ? 120 HIS A CA  1 
ATOM   921  C  C   . HIS A 1 120 ? 1.065   -3.377  2.120   1.00 11.28 ? 120 HIS A C   1 
ATOM   922  O  O   . HIS A 1 120 ? 0.016   -3.725  2.665   1.00 11.70 ? 120 HIS A O   1 
ATOM   923  C  CB  . HIS A 1 120 ? 2.558   -5.086  3.259   1.00 11.10 ? 120 HIS A CB  1 
ATOM   924  C  CG  . HIS A 1 120 ? 2.311   -6.116  2.196   1.00 11.29 ? 120 HIS A CG  1 
ATOM   925  N  ND1 . HIS A 1 120 ? 3.280   -6.509  1.299   1.00 10.94 ? 120 HIS A ND1 1 
ATOM   926  C  CD2 . HIS A 1 120 ? 1.226   -6.882  1.936   1.00 12.94 ? 120 HIS A CD2 1 
ATOM   927  C  CE1 . HIS A 1 120 ? 2.795   -7.459  0.517   1.00 17.27 ? 120 HIS A CE1 1 
ATOM   928  N  NE2 . HIS A 1 120 ? 1.548   -7.703  0.882   1.00 12.28 ? 120 HIS A NE2 1 
ATOM   929  N  N   . PHE A 1 121 ? 1.107   -2.755  0.947   1.00 9.89  ? 121 PHE A N   1 
ATOM   930  C  CA  . PHE A 1 121 ? -0.071  -2.268  0.226   1.00 8.80  ? 121 PHE A CA  1 
ATOM   931  C  C   . PHE A 1 121 ? -0.336  -3.160  -0.984  1.00 10.97 ? 121 PHE A C   1 
ATOM   932  O  O   . PHE A 1 121 ? 0.559   -3.350  -1.806  1.00 13.16 ? 121 PHE A O   1 
ATOM   933  C  CB  . PHE A 1 121 ? 0.192   -0.819  -0.196  1.00 10.30 ? 121 PHE A CB  1 
ATOM   934  C  CG  . PHE A 1 121 ? -0.862  -0.202  -1.078  1.00 14.60 ? 121 PHE A CG  1 
ATOM   935  C  CD1 . PHE A 1 121 ? -1.981  0.406   -0.530  1.00 15.55 ? 121 PHE A CD1 1 
ATOM   936  C  CD2 . PHE A 1 121 ? -0.681  -0.152  -2.454  1.00 10.57 ? 121 PHE A CD2 1 
ATOM   937  C  CE1 . PHE A 1 121 ? -2.936  1.012   -1.346  1.00 15.88 ? 121 PHE A CE1 1 
ATOM   938  C  CE2 . PHE A 1 121 ? -1.632  0.445   -3.276  1.00 13.06 ? 121 PHE A CE2 1 
ATOM   939  C  CZ  . PHE A 1 121 ? -2.754  1.030   -2.718  1.00 14.45 ? 121 PHE A CZ  1 
ATOM   940  N  N   . THR A 1 122 ? -1.569  -3.672  -1.122  1.00 10.90 ? 122 THR A N   1 
ATOM   941  C  CA  . THR A 1 122 ? -1.885  -4.678  -2.139  1.00 11.61 ? 122 THR A CA  1 
ATOM   942  C  C   . THR A 1 122 ? -3.142  -4.286  -2.907  1.00 9.85  ? 122 THR A C   1 
ATOM   943  O  O   . THR A 1 122 ? -4.126  -3.859  -2.300  1.00 11.79 ? 122 THR A O   1 
ATOM   944  C  CB  . THR A 1 122 ? -2.110  -6.072  -1.506  1.00 12.32 ? 122 THR A CB  1 
ATOM   945  O  OG1 . THR A 1 122 ? -0.963  -6.447  -0.730  1.00 13.47 ? 122 THR A OG1 1 
ATOM   946  C  CG2 . THR A 1 122 ? -2.434  -7.168  -2.584  1.00 11.75 ? 122 THR A CG2 1 
ATOM   947  N  N   . LEU A 1 123 ? -3.109  -4.460  -4.232  1.00 8.38  ? 123 LEU A N   1 
ATOM   948  C  CA  . LEU A 1 123 ? -4.274  -4.260  -5.094  1.00 10.10 ? 123 LEU A CA  1 
ATOM   949  C  C   . LEU A 1 123 ? -4.954  -5.597  -5.374  1.00 10.59 ? 123 LEU A C   1 
ATOM   950  O  O   . LEU A 1 123 ? -4.290  -6.574  -5.748  1.00 11.19 ? 123 LEU A O   1 
ATOM   951  C  CB  . LEU A 1 123 ? -3.876  -3.604  -6.420  1.00 10.27 ? 123 LEU A CB  1 
ATOM   952  C  CG  . LEU A 1 123 ? -5.026  -3.348  -7.411  1.00 10.09 ? 123 LEU A CG  1 
ATOM   953  C  CD1 . LEU A 1 123 ? -5.998  -2.291  -6.860  1.00 9.84  ? 123 LEU A CD1 1 
ATOM   954  C  CD2 . LEU A 1 123 ? -4.502  -2.926  -8.797  1.00 12.92 ? 123 LEU A CD2 1 
ATOM   955  N  N   . LEU A 1 124 ? -6.280  -5.625  -5.240  1.00 10.49 ? 124 LEU A N   1 
ATOM   956  C  CA  . LEU A 1 124 ? -7.050  -6.827  -5.476  1.00 10.76 ? 124 LEU A CA  1 
ATOM   957  C  C   . LEU A 1 124 ? -8.208  -6.504  -6.407  1.00 10.33 ? 124 LEU A C   1 
ATOM   958  O  O   . LEU A 1 124 ? -8.636  -5.354  -6.520  1.00 12.07 ? 124 LEU A O   1 
ATOM   959  C  CB  . LEU A 1 124 ? -7.599  -7.416  -4.165  1.00 10.23 ? 124 LEU A CB  1 
ATOM   960  C  CG  . LEU A 1 124 ? -6.588  -7.775  -3.080  1.00 13.35 ? 124 LEU A CG  1 
ATOM   961  C  CD1 . LEU A 1 124 ? -6.483  -6.653  -2.088  1.00 18.25 ? 124 LEU A CD1 1 
ATOM   962  C  CD2 . LEU A 1 124 ? -7.001  -9.065  -2.386  1.00 18.92 ? 124 LEU A CD2 1 
ATOM   963  N  N   . GLN A 1 125 ? -8.700  -7.538  -7.080  1.00 12.13 ? 125 GLN A N   1 
ATOM   964  C  CA  . GLN A 1 125 ? -9.977  -7.455  -7.778  1.00 12.31 ? 125 GLN A CA  1 
ATOM   965  C  C   . GLN A 1 125 ? -10.747 -8.731  -7.477  1.00 10.90 ? 125 GLN A C   1 
ATOM   966  O  O   . GLN A 1 125 ? -10.168 -9.818  -7.486  1.00 15.01 ? 125 GLN A O   1 
ATOM   967  C  CB  . GLN A 1 125 ? -9.813  -7.284  -9.303  1.00 12.03 ? 125 GLN A CB  1 
ATOM   968  C  CG  . GLN A 1 125 ? -11.176 -6.892  -9.962  1.00 14.41 ? 125 GLN A CG  1 
ATOM   969  C  CD  . GLN A 1 125 ? -11.200 -7.002  -11.473 1.00 28.44 ? 125 GLN A CD  1 
ATOM   970  O  OE1 . GLN A 1 125 ? -10.171 -7.205  -12.111 1.00 23.68 ? 125 GLN A OE1 1 
ATOM   971  N  NE2 . GLN A 1 125 ? -12.391 -6.873  -12.053 1.00 23.96 ? 125 GLN A NE2 1 
ATOM   972  N  N   . ASN A 1 126 ? -12.045 -8.605  -7.207  1.00 13.78 ? 126 ASN A N   1 
ATOM   973  C  CA  . ASN A 1 126 ? -12.844 -9.779  -6.830  1.00 13.81 ? 126 ASN A CA  1 
ATOM   974  C  C   . ASN A 1 126 ? -12.201 -10.535 -5.669  1.00 19.25 ? 126 ASN A C   1 
ATOM   975  O  O   . ASN A 1 126 ? -12.256 -11.765 -5.617  1.00 18.15 ? 126 ASN A O   1 
ATOM   976  C  CB  . ASN A 1 126 ? -13.028 -10.748 -8.004  1.00 10.54 ? 126 ASN A CB  1 
ATOM   977  C  CG  . ASN A 1 126 ? -13.492 -10.075 -9.275  1.00 17.26 ? 126 ASN A CG  1 
ATOM   978  O  OD1 . ASN A 1 126 ? -12.908 -10.269 -10.347 1.00 18.31 ? 126 ASN A OD1 1 
ATOM   979  N  ND2 . ASN A 1 126 ? -14.561 -9.323  -9.178  1.00 9.56  ? 126 ASN A ND2 1 
ATOM   980  N  N   . GLY A 1 127 ? -11.533 -9.819  -4.763  1.00 15.44 ? 127 GLY A N   1 
ATOM   981  C  CA  . GLY A 1 127 ? -10.903 -10.447 -3.615  1.00 17.03 ? 127 GLY A CA  1 
ATOM   982  C  C   . GLY A 1 127 ? -9.627  -11.206 -3.908  1.00 19.69 ? 127 GLY A C   1 
ATOM   983  O  O   . GLY A 1 127 ? -9.096  -11.867 -3.004  1.00 21.26 ? 127 GLY A O   1 
ATOM   984  N  N   . GLN A 1 128 ? -9.116  -11.136 -5.133  1.00 15.47 ? 128 GLN A N   1 
ATOM   985  C  CA  . GLN A 1 128 ? -7.893  -11.819 -5.536  1.00 17.46 ? 128 GLN A CA  1 
ATOM   986  C  C   . GLN A 1 128 ? -6.831  -10.788 -5.875  1.00 16.50 ? 128 GLN A C   1 
ATOM   987  O  O   . GLN A 1 128 ? -7.125  -9.782  -6.518  1.00 13.96 ? 128 GLN A O   1 
ATOM   988  C  CB  . GLN A 1 128 ? -8.140  -12.706 -6.762  1.00 19.88 ? 128 GLN A CB  1 
ATOM   989  C  CG  . GLN A 1 128 ? -9.165  -13.805 -6.538  1.00 25.88 ? 128 GLN A CG  1 
ATOM   990  C  CD  . GLN A 1 128 ? -8.681  -14.808 -5.512  1.00 35.97 ? 128 GLN A CD  1 
ATOM   991  O  OE1 . GLN A 1 128 ? -7.670  -15.481 -5.717  1.00 45.51 ? 128 GLN A OE1 1 
ATOM   992  N  NE2 . GLN A 1 128 ? -9.400  -14.915 -4.398  1.00 43.46 ? 128 GLN A NE2 1 
ATOM   993  N  N   . GLN A 1 129 ? -5.584  -11.043 -5.486  1.00 18.56 ? 129 GLN A N   1 
ATOM   994  C  CA  . GLN A 1 129 ? -4.558  -10.067 -5.810  1.00 15.09 ? 129 GLN A CA  1 
ATOM   995  C  C   . GLN A 1 129 ? -4.356  -10.010 -7.322  1.00 17.34 ? 129 GLN A C   1 
ATOM   996  O  O   . GLN A 1 129 ? -4.502  -11.011 -8.033  1.00 17.53 ? 129 GLN A O   1 
ATOM   997  C  CB  . GLN A 1 129 ? -3.245  -10.391 -5.075  1.00 19.83 ? 129 GLN A CB  1 
ATOM   998  C  CG  . GLN A 1 129 ? -2.538  -11.609 -5.590  1.00 15.05 ? 129 GLN A CG  1 
ATOM   999  C  CD  . GLN A 1 129 ? -1.267  -11.903 -4.810  1.00 26.89 ? 129 GLN A CD  1 
ATOM   1000 O  OE1 . GLN A 1 129 ? -0.414  -11.025 -4.616  1.00 16.48 ? 129 GLN A OE1 1 
ATOM   1001 N  NE2 . GLN A 1 129 ? -1.131  -13.148 -4.358  1.00 21.22 ? 129 GLN A NE2 1 
ATOM   1002 N  N   . VAL A 1 130 ? -4.054  -8.811  -7.823  1.00 15.23 ? 130 VAL A N   1 
ATOM   1003 C  CA  . VAL A 1 130 ? -3.870  -8.584  -9.248  1.00 14.76 ? 130 VAL A CA  1 
ATOM   1004 C  C   . VAL A 1 130 ? -2.604  -7.764  -9.456  1.00 14.41 ? 130 VAL A C   1 
ATOM   1005 O  O   . VAL A 1 130 ? -2.150  -7.042  -8.566  1.00 14.91 ? 130 VAL A O   1 
ATOM   1006 C  CB  . VAL A 1 130 ? -5.083  -7.877  -9.892  1.00 20.06 ? 130 VAL A CB  1 
ATOM   1007 C  CG1 . VAL A 1 130 ? -6.292  -8.791  -9.891  1.00 20.10 ? 130 VAL A CG1 1 
ATOM   1008 C  CG2 . VAL A 1 130 ? -5.396  -6.596  -9.142  1.00 17.82 ? 130 VAL A CG2 1 
ATOM   1009 N  N   . SER A 1 131 ? -2.041  -7.871  -10.655 1.00 11.49 ? 131 SER A N   1 
ATOM   1010 C  CA  . SER A 1 131 ? -0.773  -7.211  -10.936 1.00 16.43 ? 131 SER A CA  1 
ATOM   1011 C  C   . SER A 1 131 ? -0.942  -5.700  -10.899 1.00 15.06 ? 131 SER A C   1 
ATOM   1012 O  O   . SER A 1 131 ? -1.973  -5.165  -11.316 1.00 12.90 ? 131 SER A O   1 
ATOM   1013 C  CB  . SER A 1 131 ? -0.237  -7.639  -12.299 1.00 17.55 ? 131 SER A CB  1 
ATOM   1014 O  OG  . SER A 1 131 ? 0.895   -6.865  -12.661 1.00 19.62 ? 131 SER A OG  1 
ATOM   1015 N  N   . LEU A 1 132 ? 0.079   -5.010  -10.381 1.00 11.51 ? 132 LEU A N   1 
ATOM   1016 C  CA  . LEU A 1 132 ? 0.116   -3.553  -10.422 1.00 9.24  ? 132 LEU A CA  1 
ATOM   1017 C  C   . LEU A 1 132 ? 0.583   -3.014  -11.762 1.00 12.88 ? 132 LEU A C   1 
ATOM   1018 O  O   . LEU A 1 132 ? 0.533   -1.795  -11.970 1.00 14.78 ? 132 LEU A O   1 
ATOM   1019 C  CB  . LEU A 1 132 ? 1.034   -3.005  -9.321  1.00 10.35 ? 132 LEU A CB  1 
ATOM   1020 C  CG  . LEU A 1 132 ? 0.552   -3.148  -7.874  1.00 11.66 ? 132 LEU A CG  1 
ATOM   1021 C  CD1 . LEU A 1 132 ? 1.684   -2.733  -6.926  1.00 11.04 ? 132 LEU A CD1 1 
ATOM   1022 C  CD2 . LEU A 1 132 ? -0.690  -2.313  -7.630  1.00 11.13 ? 132 LEU A CD2 1 
ATOM   1023 N  N   . HIS A 1 133 ? 1.029   -3.875  -12.672 1.00 10.69 ? 133 HIS A N   1 
ATOM   1024 C  CA  . HIS A 1 133 ? 1.641   -3.390  -13.897 1.00 11.98 ? 133 HIS A CA  1 
ATOM   1025 C  C   . HIS A 1 133 ? 0.633   -2.629  -14.747 1.00 12.60 ? 133 HIS A C   1 
ATOM   1026 O  O   . HIS A 1 133 ? -0.480  -3.105  -14.990 1.00 13.21 ? 133 HIS A O   1 
ATOM   1027 C  CB  . HIS A 1 133 ? 2.228   -4.541  -14.704 1.00 11.86 ? 133 HIS A CB  1 
ATOM   1028 C  CG  . HIS A 1 133 ? 3.080   -4.078  -15.840 1.00 16.48 ? 133 HIS A CG  1 
ATOM   1029 N  ND1 . HIS A 1 133 ? 4.247   -3.373  -15.644 1.00 15.02 ? 133 HIS A ND1 1 
ATOM   1030 C  CD2 . HIS A 1 133 ? 2.933   -4.201  -17.179 1.00 19.28 ? 133 HIS A CD2 1 
ATOM   1031 C  CE1 . HIS A 1 133 ? 4.785   -3.082  -16.814 1.00 19.41 ? 133 HIS A CE1 1 
ATOM   1032 N  NE2 . HIS A 1 133 ? 4.006   -3.574  -17.761 1.00 16.99 ? 133 HIS A NE2 1 
ATOM   1033 N  N   . ASN A 1 134 ? 1.031   -1.443  -15.193 1.00 12.15 ? 134 ASN A N   1 
ATOM   1034 C  CA  . ASN A 1 134 ? 0.193   -0.549  -15.986 1.00 13.14 ? 134 ASN A CA  1 
ATOM   1035 C  C   . ASN A 1 134 ? -1.043  -0.067  -15.241 1.00 16.67 ? 134 ASN A C   1 
ATOM   1036 O  O   . ASN A 1 134 ? -1.951  0.497   -15.859 1.00 18.64 ? 134 ASN A O   1 
ATOM   1037 C  CB  . ASN A 1 134 ? -0.202  -1.198  -17.319 1.00 14.95 ? 134 ASN A CB  1 
ATOM   1038 C  CG  . ASN A 1 134 ? 0.972   -1.292  -18.283 1.00 18.69 ? 134 ASN A CG  1 
ATOM   1039 O  OD1 . ASN A 1 134 ? 1.916   -0.514  -18.190 1.00 18.03 ? 134 ASN A OD1 1 
ATOM   1040 N  ND2 . ASN A 1 134 ? 0.909   -2.234  -19.220 1.00 20.34 ? 134 ASN A ND2 1 
ATOM   1041 N  N   . ARG A 1 135 ? -1.110  -0.266  -13.930 1.00 12.37 ? 135 ARG A N   1 
ATOM   1042 C  CA  . ARG A 1 135 ? -2.149  0.379   -13.141 1.00 12.09 ? 135 ARG A CA  1 
ATOM   1043 C  C   . ARG A 1 135 ? -1.659  1.774   -12.744 1.00 12.38 ? 135 ARG A C   1 
ATOM   1044 O  O   . ARG A 1 135 ? -0.479  2.096   -12.882 1.00 14.85 ? 135 ARG A O   1 
ATOM   1045 C  CB  . ARG A 1 135 ? -2.492  -0.455  -11.902 1.00 12.40 ? 135 ARG A CB  1 
ATOM   1046 C  CG  . ARG A 1 135 ? -2.977  -1.871  -12.191 1.00 16.94 ? 135 ARG A CG  1 
ATOM   1047 C  CD  . ARG A 1 135 ? -4.406  -1.868  -12.638 1.00 25.26 ? 135 ARG A CD  1 
ATOM   1048 N  NE  . ARG A 1 135 ? -4.872  -3.209  -12.968 1.00 33.00 ? 135 ARG A NE  1 
ATOM   1049 C  CZ  . ARG A 1 135 ? -6.083  -3.470  -13.447 1.00 30.06 ? 135 ARG A CZ  1 
ATOM   1050 N  NH1 . ARG A 1 135 ? -6.946  -2.476  -13.645 1.00 31.41 ? 135 ARG A NH1 1 
ATOM   1051 N  NH2 . ARG A 1 135 ? -6.431  -4.721  -13.728 1.00 37.99 ? 135 ARG A NH2 1 
ATOM   1052 N  N   . TYR A 1 136 ? -2.574  2.606   -12.249 1.00 10.84 ? 136 TYR A N   1 
ATOM   1053 C  CA  . TYR A 1 136 ? -2.273  4.000   -11.952 1.00 8.85  ? 136 TYR A CA  1 
ATOM   1054 C  C   . TYR A 1 136 ? -2.566  4.319   -10.495 1.00 12.00 ? 136 TYR A C   1 
ATOM   1055 O  O   . TYR A 1 136 ? -3.529  3.809   -9.916  1.00 12.46 ? 136 TYR A O   1 
ATOM   1056 C  CB  . TYR A 1 136 ? -3.066  4.942   -12.857 1.00 10.58 ? 136 TYR A CB  1 
ATOM   1057 C  CG  . TYR A 1 136 ? -2.500  4.975   -14.247 1.00 13.55 ? 136 TYR A CG  1 
ATOM   1058 C  CD1 . TYR A 1 136 ? -2.802  3.979   -15.163 1.00 14.58 ? 136 TYR A CD1 1 
ATOM   1059 C  CD2 . TYR A 1 136 ? -1.648  5.995   -14.640 1.00 11.22 ? 136 TYR A CD2 1 
ATOM   1060 C  CE1 . TYR A 1 136 ? -2.273  4.003   -16.450 1.00 18.76 ? 136 TYR A CE1 1 
ATOM   1061 C  CE2 . TYR A 1 136 ? -1.116  6.030   -15.929 1.00 15.72 ? 136 TYR A CE2 1 
ATOM   1062 C  CZ  . TYR A 1 136 ? -1.430  5.028   -16.821 1.00 18.77 ? 136 TYR A CZ  1 
ATOM   1063 O  OH  . TYR A 1 136 ? -0.891  5.056   -18.099 1.00 19.97 ? 136 TYR A OH  1 
ATOM   1064 N  N   . ILE A 1 137 ? -1.731  5.175   -9.906  1.00 13.73 ? 137 ILE A N   1 
ATOM   1065 C  CA  . ILE A 1 137 ? -1.982  5.673   -8.558  1.00 11.16 ? 137 ILE A CA  1 
ATOM   1066 C  C   . ILE A 1 137 ? -1.499  7.122   -8.510  1.00 11.85 ? 137 ILE A C   1 
ATOM   1067 O  O   . ILE A 1 137 ? -0.357  7.419   -8.883  1.00 11.10 ? 137 ILE A O   1 
ATOM   1068 C  CB  . ILE A 1 137 ? -1.315  4.755   -7.501  1.00 11.28 ? 137 ILE A CB  1 
ATOM   1069 C  CG1 . ILE A 1 137 ? -1.732  5.157   -6.074  1.00 12.45 ? 137 ILE A CG1 1 
ATOM   1070 C  CG2 . ILE A 1 137 ? 0.208   4.691   -7.671  1.00 12.10 ? 137 ILE A CG2 1 
ATOM   1071 C  CD1 . ILE A 1 137 ? -1.375  4.111   -5.004  1.00 13.60 ? 137 ILE A CD1 1 
ATOM   1072 N  N   . SER A 1 138 ? -2.389  8.050   -8.132  1.00 11.38 ? 138 SER A N   1 
ATOM   1073 C  CA  . SER A 1 138 ? -2.081  9.488   -8.166  1.00 12.79 ? 138 SER A CA  1 
ATOM   1074 C  C   . SER A 1 138 ? -1.527  9.899   -9.532  1.00 11.62 ? 138 SER A C   1 
ATOM   1075 O  O   . SER A 1 138 ? -0.626  10.733  -9.638  1.00 12.18 ? 138 SER A O   1 
ATOM   1076 C  CB  . SER A 1 138 ? -1.114  9.876   -7.041  1.00 11.77 ? 138 SER A CB  1 
ATOM   1077 O  OG  . SER A 1 138 ? -1.758  9.813   -5.779  1.00 12.05 ? 138 SER A OG  1 
ATOM   1078 N  N   . ASN A 1 139 ? -2.082  9.306   -10.588 1.00 11.11 ? 139 ASN A N   1 
ATOM   1079 C  CA  . ASN A 1 139 ? -1.734  9.538   -11.989 1.00 8.88  ? 139 ASN A CA  1 
ATOM   1080 C  C   . ASN A 1 139 ? -0.360  8.994   -12.372 1.00 10.51 ? 139 ASN A C   1 
ATOM   1081 O  O   . ASN A 1 139 ? 0.025   9.132   -13.534 1.00 11.63 ? 139 ASN A O   1 
ATOM   1082 C  CB  . ASN A 1 139 ? -1.802  11.025  -12.380 1.00 11.18 ? 139 ASN A CB  1 
ATOM   1083 C  CG  . ASN A 1 139 ? -3.176  11.631  -12.147 1.00 14.39 ? 139 ASN A CG  1 
ATOM   1084 O  OD1 . ASN A 1 139 ? -4.184  10.928  -12.084 1.00 18.32 ? 139 ASN A OD1 1 
ATOM   1085 N  ND2 . ASN A 1 139 ? -3.217  12.949  -12.024 1.00 16.20 ? 139 ASN A ND2 1 
ATOM   1086 N  N   . TYR A 1 140 ? 0.402   8.398   -11.446 1.00 10.30 ? 140 TYR A N   1 
ATOM   1087 C  CA  . TYR A 1 140 ? 1.594   7.647   -11.841 1.00 8.45  ? 140 TYR A CA  1 
ATOM   1088 C  C   . TYR A 1 140 ? 1.193   6.331   -12.490 1.00 12.15 ? 140 TYR A C   1 
ATOM   1089 O  O   . TYR A 1 140 ? 0.369   5.597   -11.944 1.00 12.46 ? 140 TYR A O   1 
ATOM   1090 C  CB  . TYR A 1 140 ? 2.458   7.293   -10.638 1.00 7.86  ? 140 TYR A CB  1 
ATOM   1091 C  CG  . TYR A 1 140 ? 3.174   8.431   -9.970  1.00 11.13 ? 140 TYR A CG  1 
ATOM   1092 C  CD1 . TYR A 1 140 ? 4.439   8.821   -10.396 1.00 11.79 ? 140 TYR A CD1 1 
ATOM   1093 C  CD2 . TYR A 1 140 ? 2.618   9.067   -8.871  1.00 12.33 ? 140 TYR A CD2 1 
ATOM   1094 C  CE1 . TYR A 1 140 ? 5.120   9.843   -9.762  1.00 12.83 ? 140 TYR A CE1 1 
ATOM   1095 C  CE2 . TYR A 1 140 ? 3.291   10.099  -8.229  1.00 10.39 ? 140 TYR A CE2 1 
ATOM   1096 C  CZ  . TYR A 1 140 ? 4.537   10.479  -8.681  1.00 12.38 ? 140 TYR A CZ  1 
ATOM   1097 O  OH  . TYR A 1 140 ? 5.199   11.500  -8.050  1.00 13.80 ? 140 TYR A OH  1 
ATOM   1098 N  N   . ARG A 1 141 ? 1.835   5.979   -13.601 1.00 12.05 ? 141 ARG A N   1 
ATOM   1099 C  CA  . ARG A 1 141 ? 1.747   4.606   -14.083 1.00 12.66 ? 141 ARG A CA  1 
ATOM   1100 C  C   . ARG A 1 141 ? 2.773   3.772   -13.334 1.00 12.02 ? 141 ARG A C   1 
ATOM   1101 O  O   . ARG A 1 141 ? 3.926   4.187   -13.200 1.00 11.82 ? 141 ARG A O   1 
ATOM   1102 C  CB  . ARG A 1 141 ? 2.014   4.524   -15.586 1.00 15.58 ? 141 ARG A CB  1 
ATOM   1103 C  CG  . ARG A 1 141 ? 1.876   3.102   -16.156 1.00 15.21 ? 141 ARG A CG  1 
ATOM   1104 C  CD  . ARG A 1 141 ? 2.185   3.056   -17.648 1.00 13.88 ? 141 ARG A CD  1 
ATOM   1105 N  NE  . ARG A 1 141 ? 3.603   3.283   -17.886 1.00 15.57 ? 141 ARG A NE  1 
ATOM   1106 C  CZ  . ARG A 1 141 ? 4.539   2.337   -17.826 1.00 20.50 ? 141 ARG A CZ  1 
ATOM   1107 N  NH1 . ARG A 1 141 ? 4.220   1.072   -17.546 1.00 16.37 ? 141 ARG A NH1 1 
ATOM   1108 N  NH2 . ARG A 1 141 ? 5.801   2.660   -18.055 1.00 21.83 ? 141 ARG A NH2 1 
ATOM   1109 N  N   . ILE A 1 142 ? 2.358   2.610   -12.835 1.00 11.13 ? 142 ILE A N   1 
ATOM   1110 C  CA  . ILE A 1 142 ? 3.269   1.691   -12.157 1.00 10.42 ? 142 ILE A CA  1 
ATOM   1111 C  C   . ILE A 1 142 ? 3.838   0.725   -13.187 1.00 12.45 ? 142 ILE A C   1 
ATOM   1112 O  O   . ILE A 1 142 ? 3.090   0.067   -13.920 1.00 12.89 ? 142 ILE A O   1 
ATOM   1113 C  CB  . ILE A 1 142 ? 2.553   0.921   -11.033 1.00 10.22 ? 142 ILE A CB  1 
ATOM   1114 C  CG1 . ILE A 1 142 ? 1.951   1.894   -10.012 1.00 10.22 ? 142 ILE A CG1 1 
ATOM   1115 C  CG2 . ILE A 1 142 ? 3.527   -0.075  -10.361 1.00 10.23 ? 142 ILE A CG2 1 
ATOM   1116 C  CD1 . ILE A 1 142 ? 0.962   1.224   -9.050  1.00 12.73 ? 142 ILE A CD1 1 
ATOM   1117 N  N   . ASP A 1 143 ? 5.156   0.638   -13.252 1.00 10.93 ? 143 ASP A N   1 
ATOM   1118 C  CA  . ASP A 1 143 ? 5.818   -0.323  -14.126 1.00 11.34 ? 143 ASP A CA  1 
ATOM   1119 C  C   . ASP A 1 143 ? 6.517   -1.334  -13.231 1.00 11.99 ? 143 ASP A C   1 
ATOM   1120 O  O   . ASP A 1 143 ? 7.462   -0.980  -12.526 1.00 12.65 ? 143 ASP A O   1 
ATOM   1121 C  CB  . ASP A 1 143 ? 6.815   0.368   -15.055 1.00 12.92 ? 143 ASP A CB  1 
ATOM   1122 C  CG  . ASP A 1 143 ? 7.261   -0.536  -16.182 1.00 18.32 ? 143 ASP A CG  1 
ATOM   1123 O  OD1 . ASP A 1 143 ? 7.927   -1.555  -15.897 1.00 16.06 ? 143 ASP A OD1 1 
ATOM   1124 O  OD2 . ASP A 1 143 ? 6.927   -0.244  -17.346 1.00 17.84 ? 143 ASP A OD2 1 
ATOM   1125 N  N   . VAL A 1 144 ? 6.076   -2.590  -13.260 1.00 14.81 ? 144 VAL A N   1 
ATOM   1126 C  CA  . VAL A 1 144 ? 6.669   -3.578  -12.356 1.00 14.42 ? 144 VAL A CA  1 
ATOM   1127 C  C   . VAL A 1 144 ? 7.998   -4.080  -12.921 1.00 18.73 ? 144 VAL A C   1 
ATOM   1128 O  O   . VAL A 1 144 ? 8.280   -3.990  -14.119 1.00 16.52 ? 144 VAL A O   1 
ATOM   1129 C  CB  . VAL A 1 144 ? 5.708   -4.744  -12.069 1.00 13.88 ? 144 VAL A CB  1 
ATOM   1130 C  CG1 . VAL A 1 144 ? 4.372   -4.223  -11.519 1.00 12.12 ? 144 VAL A CG1 1 
ATOM   1131 C  CG2 . VAL A 1 144 ? 5.521   -5.646  -13.313 1.00 14.87 ? 144 VAL A CG2 1 
ATOM   1132 N  N   . GLY A 1 145 ? 8.832   -4.615  -12.032 1.00 17.26 ? 145 GLY A N   1 
ATOM   1133 C  CA  . GLY A 1 145 ? 10.132  -5.133  -12.403 1.00 15.54 ? 145 GLY A CA  1 
ATOM   1134 C  C   . GLY A 1 145 ? 10.060  -6.580  -12.841 1.00 19.65 ? 145 GLY A C   1 
ATOM   1135 O  O   . GLY A 1 145 ? 8.993   -7.114  -13.153 1.00 17.99 ? 145 GLY A O   1 
ATOM   1136 N  N   . ASN A 1 146 ? 11.222  -7.231  -12.851 1.00 20.55 ? 146 ASN A N   1 
ATOM   1137 C  CA  . ASN A 1 146 ? 11.340  -8.575  -13.407 1.00 23.48 ? 146 ASN A CA  1 
ATOM   1138 C  C   . ASN A 1 146 ? 11.437  -9.664  -12.349 1.00 24.66 ? 146 ASN A C   1 
ATOM   1139 O  O   . ASN A 1 146 ? 11.601  -10.840 -12.696 1.00 22.10 ? 146 ASN A O   1 
ATOM   1140 C  CB  . ASN A 1 146 ? 12.548  -8.640  -14.346 1.00 23.54 ? 146 ASN A CB  1 
ATOM   1141 C  CG  . ASN A 1 146 ? 12.387  -7.737  -15.556 1.00 30.23 ? 146 ASN A CG  1 
ATOM   1142 O  OD1 . ASN A 1 146 ? 11.264  -7.431  -15.976 1.00 38.74 ? 146 ASN A OD1 1 
ATOM   1143 N  ND2 . ASN A 1 146 ? 13.505  -7.300  -16.120 1.00 35.98 ? 146 ASN A ND2 1 
ATOM   1144 N  N   . SER A 1 147 ? 11.341  -9.308  -11.075 1.00 18.35 ? 147 SER A N   1 
ATOM   1145 C  CA  . SER A 1 147 ? 11.323  -10.279 -9.988  1.00 18.45 ? 147 SER A CA  1 
ATOM   1146 C  C   . SER A 1 147 ? 10.680  -9.603  -8.788  1.00 21.18 ? 147 SER A C   1 
ATOM   1147 O  O   . SER A 1 147 ? 10.525  -8.380  -8.760  1.00 19.18 ? 147 SER A O   1 
ATOM   1148 C  CB  . SER A 1 147 ? 12.733  -10.769 -9.648  1.00 21.94 ? 147 SER A CB  1 
ATOM   1149 O  OG  . SER A 1 147 ? 13.530  -9.681  -9.225  1.00 23.72 ? 147 SER A OG  1 
ATOM   1150 N  N   . ASN A 1 148 ? 10.302  -10.409 -7.795  1.00 16.21 ? 148 ASN A N   1 
ATOM   1151 C  CA  . ASN A 1 148 ? 9.776   -9.840  -6.559  1.00 19.25 ? 148 ASN A CA  1 
ATOM   1152 C  C   . ASN A 1 148 ? 10.762  -8.851  -5.950  1.00 20.96 ? 148 ASN A C   1 
ATOM   1153 O  O   . ASN A 1 148 ? 11.938  -9.170  -5.750  1.00 16.48 ? 148 ASN A O   1 
ATOM   1154 C  CB  . ASN A 1 148 ? 9.458   -10.939 -5.560  1.00 17.55 ? 148 ASN A CB  1 
ATOM   1155 C  CG  . ASN A 1 148 ? 8.150   -11.612 -5.860  1.00 24.67 ? 148 ASN A CG  1 
ATOM   1156 O  OD1 . ASN A 1 148 ? 7.092   -11.157 -5.418  1.00 21.15 ? 148 ASN A OD1 1 
ATOM   1157 N  ND2 . ASN A 1 148 ? 8.205   -12.704 -6.619  1.00 19.35 ? 148 ASN A ND2 1 
ATOM   1158 N  N   . TYR A 1 149 ? 10.269  -7.642  -5.672  1.00 15.20 ? 149 TYR A N   1 
ATOM   1159 C  CA  . TYR A 1 149 ? 10.978  -6.548  -5.015  1.00 13.75 ? 149 TYR A CA  1 
ATOM   1160 C  C   . TYR A 1 149 ? 12.030  -5.899  -5.901  1.00 17.06 ? 149 TYR A C   1 
ATOM   1161 O  O   . TYR A 1 149 ? 12.815  -5.072  -5.411  1.00 17.32 ? 149 TYR A O   1 
ATOM   1162 C  CB  . TYR A 1 149 ? 11.647  -6.994  -3.711  1.00 14.70 ? 149 TYR A CB  1 
ATOM   1163 C  CG  . TYR A 1 149 ? 10.715  -7.529  -2.651  1.00 16.33 ? 149 TYR A CG  1 
ATOM   1164 C  CD1 . TYR A 1 149 ? 9.951   -6.664  -1.865  1.00 13.38 ? 149 TYR A CD1 1 
ATOM   1165 C  CD2 . TYR A 1 149 ? 10.621  -8.897  -2.412  1.00 15.83 ? 149 TYR A CD2 1 
ATOM   1166 C  CE1 . TYR A 1 149 ? 9.112   -7.156  -0.874  1.00 17.14 ? 149 TYR A CE1 1 
ATOM   1167 C  CE2 . TYR A 1 149 ? 9.780   -9.395  -1.427  1.00 19.28 ? 149 TYR A CE2 1 
ATOM   1168 C  CZ  . TYR A 1 149 ? 9.031   -8.525  -0.664  1.00 18.98 ? 149 TYR A CZ  1 
ATOM   1169 O  OH  . TYR A 1 149 ? 8.198   -9.034  0.309   1.00 17.45 ? 149 TYR A OH  1 
ATOM   1170 N  N   . ASP A 1 150 ? 12.082  -6.253  -7.181  1.00 15.64 ? 150 ASP A N   1 
ATOM   1171 C  CA  . ASP A 1 150 ? 13.062  -5.671  -8.090  1.00 21.20 ? 150 ASP A CA  1 
ATOM   1172 C  C   . ASP A 1 150 ? 12.995  -4.148  -8.049  1.00 23.61 ? 150 ASP A C   1 
ATOM   1173 O  O   . ASP A 1 150 ? 11.944  -3.554  -8.307  1.00 18.14 ? 150 ASP A O   1 
ATOM   1174 C  CB  . ASP A 1 150 ? 12.797  -6.197  -9.504  1.00 17.85 ? 150 ASP A CB  1 
ATOM   1175 C  CG  . ASP A 1 150 ? 13.809  -5.707  -10.527 1.00 19.16 ? 150 ASP A CG  1 
ATOM   1176 O  OD1 . ASP A 1 150 ? 14.827  -5.092  -10.148 1.00 23.22 ? 150 ASP A OD1 1 
ATOM   1177 O  OD2 . ASP A 1 150 ? 13.576  -5.961  -11.730 1.00 22.19 ? 150 ASP A OD2 1 
ATOM   1178 N  N   . SER A 1 151 ? 14.115  -3.520  -7.687  1.00 15.35 ? 151 SER A N   1 
ATOM   1179 C  CA  . SER A 1 151 ? 14.209  -2.067  -7.584  1.00 18.26 ? 151 SER A CA  1 
ATOM   1180 C  C   . SER A 1 151 ? 15.089  -1.440  -8.662  1.00 18.59 ? 151 SER A C   1 
ATOM   1181 O  O   . SER A 1 151 ? 15.326  -0.227  -8.621  1.00 19.87 ? 151 SER A O   1 
ATOM   1182 C  CB  . SER A 1 151 ? 14.735  -1.673  -6.195  1.00 21.09 ? 151 SER A CB  1 
ATOM   1183 O  OG  . SER A 1 151 ? 16.110  -2.006  -6.068  1.00 22.09 ? 151 SER A OG  1 
ATOM   1184 N  N   . ASN A 1 152 ? 15.603  -2.228  -9.604  1.00 19.33 ? 152 ASN A N   1 
ATOM   1185 C  CA  . ASN A 1 152 ? 16.321  -1.669  -10.748 1.00 13.91 ? 152 ASN A CA  1 
ATOM   1186 C  C   . ASN A 1 152 ? 15.417  -0.672  -11.459 1.00 15.02 ? 152 ASN A C   1 
ATOM   1187 O  O   . ASN A 1 152 ? 14.321  -1.027  -11.903 1.00 19.59 ? 152 ASN A O   1 
ATOM   1188 C  CB  . ASN A 1 152 ? 16.743  -2.794  -11.698 1.00 18.22 ? 152 ASN A CB  1 
ATOM   1189 C  CG  . ASN A 1 152 ? 17.597  -2.306  -12.857 1.00 23.86 ? 152 ASN A CG  1 
ATOM   1190 O  OD1 . ASN A 1 152 ? 17.496  -1.160  -13.294 1.00 32.39 ? 152 ASN A OD1 1 
ATOM   1191 N  ND2 . ASN A 1 152 ? 18.457  -3.185  -13.359 1.00 30.21 ? 152 ASN A ND2 1 
ATOM   1192 N  N   . CYS A 1 153 ? 15.865  0.582   -11.555 1.00 19.04 ? 153 CYS A N   1 
ATOM   1193 C  CA  . CYS A 1 153 ? 14.984  1.612   -12.091 1.00 17.43 ? 153 CYS A CA  1 
ATOM   1194 C  C   . CYS A 1 153 ? 14.799  1.531   -13.602 1.00 28.88 ? 153 CYS A C   1 
ATOM   1195 O  O   . CYS A 1 153 ? 13.989  2.286   -14.148 1.00 22.04 ? 153 CYS A O   1 
ATOM   1196 C  CB  . CYS A 1 153 ? 15.485  3.002   -11.716 1.00 22.98 ? 153 CYS A CB  1 
ATOM   1197 S  SG  . CYS A 1 153 ? 14.145  4.223   -11.797 1.00 28.71 ? 153 CYS A SG  1 
ATOM   1198 N  N   . ASN A 1 154 ? 15.517  0.650   -14.296 1.00 23.34 ? 154 ASN A N   1 
ATOM   1199 C  CA  . ASN A 1 154 ? 15.155  0.371   -15.680 1.00 21.99 ? 154 ASN A CA  1 
ATOM   1200 C  C   . ASN A 1 154 ? 13.988  -0.596  -15.783 1.00 22.87 ? 154 ASN A C   1 
ATOM   1201 O  O   . ASN A 1 154 ? 13.315  -0.623  -16.820 1.00 26.28 ? 154 ASN A O   1 
ATOM   1202 C  CB  . ASN A 1 154 ? 16.359  -0.183  -16.445 1.00 21.80 ? 154 ASN A CB  1 
ATOM   1203 C  CG  . ASN A 1 154 ? 17.453  0.839   -16.602 1.00 40.03 ? 154 ASN A CG  1 
ATOM   1204 O  OD1 . ASN A 1 154 ? 18.591  0.627   -16.174 1.00 52.69 ? 154 ASN A OD1 1 
ATOM   1205 N  ND2 . ASN A 1 154 ? 17.113  1.972   -17.206 1.00 38.15 ? 154 ASN A ND2 1 
ATOM   1206 N  N   . ASN A 1 155 ? 13.729  -1.373  -14.731 1.00 15.88 ? 155 ASN A N   1 
ATOM   1207 C  CA  . ASN A 1 155 ? 12.652  -2.358  -14.704 1.00 14.93 ? 155 ASN A CA  1 
ATOM   1208 C  C   . ASN A 1 155 ? 11.444  -1.905  -13.896 1.00 18.24 ? 155 ASN A C   1 
ATOM   1209 O  O   . ASN A 1 155 ? 10.301  -2.145  -14.307 1.00 17.83 ? 155 ASN A O   1 
ATOM   1210 C  CB  . ASN A 1 155 ? 13.151  -3.681  -14.110 1.00 14.01 ? 155 ASN A CB  1 
ATOM   1211 C  CG  . ASN A 1 155 ? 14.424  -4.177  -14.764 1.00 25.43 ? 155 ASN A CG  1 
ATOM   1212 O  OD1 . ASN A 1 155 ? 14.779  -3.736  -15.848 1.00 20.13 ? 155 ASN A OD1 1 
ATOM   1213 N  ND2 . ASN A 1 155 ? 15.114  -5.098  -14.103 1.00 20.93 ? 155 ASN A ND2 1 
ATOM   1214 N  N   . PHE A 1 156 ? 11.669  -1.310  -12.725 1.00 15.01 ? 156 PHE A N   1 
ATOM   1215 C  CA  . PHE A 1 156 ? 10.586  -0.898  -11.840 1.00 13.56 ? 156 PHE A CA  1 
ATOM   1216 C  C   . PHE A 1 156 ? 10.628  0.609   -11.660 1.00 16.10 ? 156 PHE A C   1 
ATOM   1217 O  O   . PHE A 1 156 ? 11.686  1.161   -11.327 1.00 14.44 ? 156 PHE A O   1 
ATOM   1218 C  CB  . PHE A 1 156 ? 10.681  -1.558  -10.463 1.00 13.67 ? 156 PHE A CB  1 
ATOM   1219 C  CG  . PHE A 1 156 ? 9.703   -0.976  -9.477  1.00 10.56 ? 156 PHE A CG  1 
ATOM   1220 C  CD1 . PHE A 1 156 ? 8.365   -1.364  -9.515  1.00 11.52 ? 156 PHE A CD1 1 
ATOM   1221 C  CD2 . PHE A 1 156 ? 10.094  0.010   -8.577  1.00 12.82 ? 156 PHE A CD2 1 
ATOM   1222 C  CE1 . PHE A 1 156 ? 7.442   -0.802  -8.637  1.00 14.19 ? 156 PHE A CE1 1 
ATOM   1223 C  CE2 . PHE A 1 156 ? 9.176   0.578   -7.695  1.00 13.17 ? 156 PHE A CE2 1 
ATOM   1224 C  CZ  . PHE A 1 156 ? 7.849   0.172   -7.733  1.00 10.68 ? 156 PHE A CZ  1 
ATOM   1225 N  N   . TYR A 1 157 ? 9.474   1.264   -11.825 1.00 12.24 ? 157 TYR A N   1 
ATOM   1226 C  CA  . TYR A 1 157 ? 9.389   2.697   -11.555 1.00 12.46 ? 157 TYR A CA  1 
ATOM   1227 C  C   . TYR A 1 157 ? 7.932   3.145   -11.559 1.00 13.87 ? 157 TYR A C   1 
ATOM   1228 O  O   . TYR A 1 157 ? 7.029   2.412   -11.975 1.00 10.54 ? 157 TYR A O   1 
ATOM   1229 C  CB  . TYR A 1 157 ? 10.187  3.511   -12.576 1.00 13.94 ? 157 TYR A CB  1 
ATOM   1230 C  CG  . TYR A 1 157 ? 9.832   3.186   -14.010 1.00 13.79 ? 157 TYR A CG  1 
ATOM   1231 C  CD1 . TYR A 1 157 ? 8.807   3.857   -14.665 1.00 19.12 ? 157 TYR A CD1 1 
ATOM   1232 C  CD2 . TYR A 1 157 ? 10.527  2.208   -14.709 1.00 18.44 ? 157 TYR A CD2 1 
ATOM   1233 C  CE1 . TYR A 1 157 ? 8.467   3.560   -15.991 1.00 16.25 ? 157 TYR A CE1 1 
ATOM   1234 C  CE2 . TYR A 1 157 ? 10.204  1.900   -16.038 1.00 17.24 ? 157 TYR A CE2 1 
ATOM   1235 C  CZ  . TYR A 1 157 ? 9.180   2.585   -16.670 1.00 17.84 ? 157 TYR A CZ  1 
ATOM   1236 O  OH  . TYR A 1 157 ? 8.861   2.283   -17.970 1.00 21.08 ? 157 TYR A OH  1 
ATOM   1237 N  N   . PHE A 1 158 ? 7.725   4.362   -11.057 1.00 9.75  ? 158 PHE A N   1 
ATOM   1238 C  CA  . PHE A 1 158 ? 6.489   5.114   -11.196 1.00 11.76 ? 158 PHE A CA  1 
ATOM   1239 C  C   . PHE A 1 158 ? 6.723   6.212   -12.228 1.00 13.39 ? 158 PHE A C   1 
ATOM   1240 O  O   . PHE A 1 158 ? 7.733   6.915   -12.159 1.00 14.17 ? 158 PHE A O   1 
ATOM   1241 C  CB  . PHE A 1 158 ? 6.084   5.751   -9.867  1.00 10.52 ? 158 PHE A CB  1 
ATOM   1242 C  CG  . PHE A 1 158 ? 5.930   4.782   -8.739  1.00 11.24 ? 158 PHE A CG  1 
ATOM   1243 C  CD1 . PHE A 1 158 ? 7.030   4.366   -8.002  1.00 12.31 ? 158 PHE A CD1 1 
ATOM   1244 C  CD2 . PHE A 1 158 ? 4.672   4.301   -8.389  1.00 13.05 ? 158 PHE A CD2 1 
ATOM   1245 C  CE1 . PHE A 1 158 ? 6.884   3.476   -6.945  1.00 11.43 ? 158 PHE A CE1 1 
ATOM   1246 C  CE2 . PHE A 1 158 ? 4.523   3.410   -7.332  1.00 15.89 ? 158 PHE A CE2 1 
ATOM   1247 C  CZ  . PHE A 1 158 ? 5.627   3.010   -6.601  1.00 13.19 ? 158 PHE A CZ  1 
ATOM   1248 N  N   . GLU A 1 159 ? 5.794   6.384   -13.165 1.00 11.41 ? 159 GLU A N   1 
ATOM   1249 C  CA  . GLU A 1 159 ? 5.993   7.351   -14.242 1.00 11.37 ? 159 GLU A CA  1 
ATOM   1250 C  C   . GLU A 1 159 ? 4.841   8.353   -14.269 1.00 12.00 ? 159 GLU A C   1 
ATOM   1251 O  O   . GLU A 1 159 ? 3.674   7.962   -14.340 1.00 12.47 ? 159 GLU A O   1 
ATOM   1252 C  CB  . GLU A 1 159 ? 6.115   6.632   -15.588 1.00 16.99 ? 159 GLU A CB  1 
ATOM   1253 C  CG  . GLU A 1 159 ? 6.656   7.505   -16.696 1.00 20.49 ? 159 GLU A CG  1 
ATOM   1254 C  CD  . GLU A 1 159 ? 6.330   6.958   -18.070 1.00 34.44 ? 159 GLU A CD  1 
ATOM   1255 O  OE1 . GLU A 1 159 ? 6.796   5.848   -18.405 1.00 30.17 ? 159 GLU A OE1 1 
ATOM   1256 O  OE2 . GLU A 1 159 ? 5.594   7.637   -18.815 1.00 38.69 ? 159 GLU A OE2 1 
ATOM   1257 N  N   . ARG A 1 160 ? 5.172   9.641   -14.206 1.00 11.15 ? 160 ARG A N   1 
ATOM   1258 C  CA  . ARG A 1 160 ? 4.186   10.709  -14.312 1.00 11.93 ? 160 ARG A CA  1 
ATOM   1259 C  C   . ARG A 1 160 ? 4.831   11.879  -15.047 1.00 13.97 ? 160 ARG A C   1 
ATOM   1260 O  O   . ARG A 1 160 ? 6.005   12.177  -14.835 1.00 11.86 ? 160 ARG A O   1 
ATOM   1261 C  CB  . ARG A 1 160 ? 3.689   11.140  -12.917 1.00 16.75 ? 160 ARG A CB  1 
ATOM   1262 C  CG  . ARG A 1 160 ? 2.465   12.055  -12.917 1.00 13.78 ? 160 ARG A CG  1 
ATOM   1263 C  CD  . ARG A 1 160 ? 1.835   12.178  -11.507 1.00 10.06 ? 160 ARG A CD  1 
ATOM   1264 N  NE  . ARG A 1 160 ? 2.679   12.956  -10.600 1.00 13.10 ? 160 ARG A NE  1 
ATOM   1265 C  CZ  . ARG A 1 160 ? 2.364   13.238  -9.335  1.00 17.08 ? 160 ARG A CZ  1 
ATOM   1266 N  NH1 . ARG A 1 160 ? 1.223   12.800  -8.819  1.00 9.98  ? 160 ARG A NH1 1 
ATOM   1267 N  NH2 . ARG A 1 160 ? 3.192   13.960  -8.584  1.00 16.64 ? 160 ARG A NH2 1 
ATOM   1268 N  N   . ASN A 1 161 ? 4.078   12.510  -15.947 1.00 14.79 ? 161 ASN A N   1 
ATOM   1269 C  CA  . ASN A 1 161 ? 4.608   13.602  -16.763 1.00 17.83 ? 161 ASN A CA  1 
ATOM   1270 C  C   . ASN A 1 161 ? 5.846   13.180  -17.550 1.00 17.64 ? 161 ASN A C   1 
ATOM   1271 O  O   . ASN A 1 161 ? 6.728   13.995  -17.822 1.00 22.09 ? 161 ASN A O   1 
ATOM   1272 C  CB  . ASN A 1 161 ? 4.909   14.829  -15.902 1.00 18.99 ? 161 ASN A CB  1 
ATOM   1273 C  CG  . ASN A 1 161 ? 3.653   15.426  -15.299 1.00 22.36 ? 161 ASN A CG  1 
ATOM   1274 O  OD1 . ASN A 1 161 ? 2.630   15.547  -15.973 1.00 18.59 ? 161 ASN A OD1 1 
ATOM   1275 N  ND2 . ASN A 1 161 ? 3.719   15.788  -14.023 1.00 24.78 ? 161 ASN A ND2 1 
ATOM   1276 N  N   . GLY A 1 162 ? 5.917   11.907  -17.933 1.00 15.70 ? 162 GLY A N   1 
ATOM   1277 C  CA  . GLY A 1 162 ? 7.061   11.404  -18.667 1.00 22.39 ? 162 GLY A CA  1 
ATOM   1278 C  C   . GLY A 1 162 ? 8.335   11.275  -17.865 1.00 23.12 ? 162 GLY A C   1 
ATOM   1279 O  O   . GLY A 1 162 ? 9.395   11.027  -18.450 1.00 25.80 ? 162 GLY A O   1 
ATOM   1280 N  N   . ARG A 1 163 ? 8.272   11.430  -16.543 1.00 14.41 ? 163 ARG A N   1 
ATOM   1281 C  CA  . ARG A 1 163 ? 9.448   11.324  -15.684 1.00 16.81 ? 163 ARG A CA  1 
ATOM   1282 C  C   . ARG A 1 163 ? 9.288   10.153  -14.718 1.00 19.96 ? 163 ARG A C   1 
ATOM   1283 O  O   . ARG A 1 163 ? 8.184   9.872   -14.246 1.00 14.56 ? 163 ARG A O   1 
ATOM   1284 C  CB  . ARG A 1 163 ? 9.671   12.632  -14.926 1.00 18.53 ? 163 ARG A CB  1 
ATOM   1285 C  CG  . ARG A 1 163 ? 9.978   13.829  -15.855 1.00 27.50 ? 163 ARG A CG  1 
ATOM   1286 C  CD  . ARG A 1 163 ? 11.477  13.943  -16.217 1.00 36.67 ? 163 ARG A CD  1 
ATOM   1287 N  NE  . ARG A 1 163 ? 12.035  12.746  -16.858 1.00 43.12 ? 163 ARG A NE  1 
ATOM   1288 C  CZ  . ARG A 1 163 ? 12.190  12.594  -18.173 1.00 38.14 ? 163 ARG A CZ  1 
ATOM   1289 N  NH1 . ARG A 1 163 ? 11.834  13.567  -19.007 1.00 36.22 ? 163 ARG A NH1 1 
ATOM   1290 N  NH2 . ARG A 1 163 ? 12.706  11.468  -18.656 1.00 40.28 ? 163 ARG A NH2 1 
ATOM   1291 N  N   . ARG A 1 164 ? 10.391  9.467   -14.422 1.00 16.26 ? 164 ARG A N   1 
ATOM   1292 C  CA  . ARG A 1 164 ? 10.344  8.275   -13.586 1.00 15.53 ? 164 ARG A CA  1 
ATOM   1293 C  C   . ARG A 1 164 ? 10.755  8.608   -12.164 1.00 17.14 ? 164 ARG A C   1 
ATOM   1294 O  O   . ARG A 1 164 ? 11.687  9.385   -11.942 1.00 19.18 ? 164 ARG A O   1 
ATOM   1295 C  CB  . ARG A 1 164 ? 11.262  7.169   -14.112 1.00 16.98 ? 164 ARG A CB  1 
ATOM   1296 C  CG  . ARG A 1 164 ? 10.927  6.693   -15.496 1.00 25.41 ? 164 ARG A CG  1 
ATOM   1297 C  CD  . ARG A 1 164 ? 11.800  5.509   -15.880 1.00 19.96 ? 164 ARG A CD  1 
ATOM   1298 N  NE  . ARG A 1 164 ? 11.558  5.121   -17.262 1.00 30.01 ? 164 ARG A NE  1 
ATOM   1299 C  CZ  . ARG A 1 164 ? 12.214  4.156   -17.893 1.00 30.80 ? 164 ARG A CZ  1 
ATOM   1300 N  NH1 . ARG A 1 164 ? 13.163  3.472   -17.263 1.00 31.31 ? 164 ARG A NH1 1 
ATOM   1301 N  NH2 . ARG A 1 164 ? 11.922  3.879   -19.153 1.00 32.99 ? 164 ARG A NH2 1 
ATOM   1302 N  N   . THR A 1 165 ? 10.058  8.010   -11.209 1.00 11.73 ? 165 THR A N   1 
ATOM   1303 C  CA  . THR A 1 165 ? 10.496  7.972   -9.821  1.00 15.63 ? 165 THR A CA  1 
ATOM   1304 C  C   . THR A 1 165 ? 10.822  6.529   -9.475  1.00 18.93 ? 165 THR A C   1 
ATOM   1305 O  O   . THR A 1 165 ? 9.992   5.642   -9.687  1.00 12.20 ? 165 THR A O   1 
ATOM   1306 C  CB  . THR A 1 165 ? 9.411   8.529   -8.891  1.00 16.81 ? 165 THR A CB  1 
ATOM   1307 O  OG1 . THR A 1 165 ? 9.169   9.903   -9.216  1.00 14.74 ? 165 THR A OG1 1 
ATOM   1308 C  CG2 . THR A 1 165 ? 9.831   8.432   -7.423  1.00 13.10 ? 165 THR A CG2 1 
ATOM   1309 N  N   . CYS A 1 166 ? 12.033  6.285   -8.982  1.00 12.75 ? 166 CYS A N   1 
ATOM   1310 C  CA  . CYS A 1 166 ? 12.451  4.921   -8.703  1.00 14.26 ? 166 CYS A CA  1 
ATOM   1311 C  C   . CYS A 1 166 ? 12.078  4.516   -7.281  1.00 15.25 ? 166 CYS A C   1 
ATOM   1312 O  O   . CYS A 1 166 ? 11.692  5.340   -6.442  1.00 15.58 ? 166 CYS A O   1 
ATOM   1313 C  CB  . CYS A 1 166 ? 13.957  4.761   -8.891  1.00 25.68 ? 166 CYS A CB  1 
ATOM   1314 S  SG  . CYS A 1 166 ? 14.632  5.560   -10.356 1.00 25.62 ? 166 CYS A SG  1 
ATOM   1315 N  N   . ALA A 1 167 ? 12.231  3.224   -7.010  1.00 14.23 ? 167 ALA A N   1 
ATOM   1316 C  CA  . ALA A 1 167 ? 12.133  2.750   -5.643  1.00 11.37 ? 167 ALA A CA  1 
ATOM   1317 C  C   . ALA A 1 167 ? 13.136  3.483   -4.767  1.00 16.10 ? 167 ALA A C   1 
ATOM   1318 O  O   . ALA A 1 167 ? 14.222  3.876   -5.213  1.00 17.01 ? 167 ALA A O   1 
ATOM   1319 C  CB  . ALA A 1 167 ? 12.399  1.247   -5.573  1.00 17.63 ? 167 ALA A CB  1 
ATOM   1320 N  N   . TRP A 1 168 ? 12.755  3.675   -3.510  1.00 13.61 ? 168 TRP A N   1 
ATOM   1321 C  CA  . TRP A 1 168 ? 13.631  4.262   -2.498  1.00 14.15 ? 168 TRP A CA  1 
ATOM   1322 C  C   . TRP A 1 168 ? 14.035  5.691   -2.844  1.00 18.13 ? 168 TRP A C   1 
ATOM   1323 O  O   . TRP A 1 168 ? 15.093  6.164   -2.425  1.00 19.98 ? 168 TRP A O   1 
ATOM   1324 C  CB  . TRP A 1 168 ? 14.870  3.381   -2.259  1.00 15.05 ? 168 TRP A CB  1 
ATOM   1325 C  CG  . TRP A 1 168 ? 14.461  1.966   -2.097  1.00 14.82 ? 168 TRP A CG  1 
ATOM   1326 C  CD1 . TRP A 1 168 ? 14.853  0.894   -2.849  1.00 14.63 ? 168 TRP A CD1 1 
ATOM   1327 C  CD2 . TRP A 1 168 ? 13.493  1.474   -1.171  1.00 11.72 ? 168 TRP A CD2 1 
ATOM   1328 N  NE1 . TRP A 1 168 ? 14.196  -0.235  -2.431  1.00 15.52 ? 168 TRP A NE1 1 
ATOM   1329 C  CE2 . TRP A 1 168 ? 13.358  0.095   -1.400  1.00 12.37 ? 168 TRP A CE2 1 
ATOM   1330 C  CE3 . TRP A 1 168 ? 12.722  2.074   -0.169  1.00 13.07 ? 168 TRP A CE3 1 
ATOM   1331 C  CZ2 . TRP A 1 168 ? 12.514  -0.701  -0.647  1.00 15.88 ? 168 TRP A CZ2 1 
ATOM   1332 C  CZ3 . TRP A 1 168 ? 11.870  1.290   0.566   1.00 15.50 ? 168 TRP A CZ3 1 
ATOM   1333 C  CH2 . TRP A 1 168 ? 11.769  -0.083  0.323   1.00 16.41 ? 168 TRP A CH2 1 
ATOM   1334 N  N   . ARG A 1 169 ? 13.188  6.408   -3.557  1.00 14.75 ? 169 ARG A N   1 
ATOM   1335 C  CA  . ARG A 1 169 ? 13.367  7.832   -3.828  1.00 13.55 ? 169 ARG A CA  1 
ATOM   1336 C  C   . ARG A 1 169 ? 12.068  8.580   -3.467  1.00 13.54 ? 169 ARG A C   1 
ATOM   1337 O  O   . ARG A 1 169 ? 11.046  8.002   -3.544  1.00 18.04 ? 169 ARG A O   1 
ATOM   1338 C  CB  . ARG A 1 169 ? 13.706  8.112   -5.277  1.00 20.99 ? 169 ARG A CB  1 
ATOM   1339 C  CG  . ARG A 1 169 ? 14.848  7.300   -5.795  1.00 31.62 ? 169 ARG A CG  1 
ATOM   1340 C  CD  . ARG A 1 169 ? 15.716  8.147   -6.663  1.00 38.45 ? 169 ARG A CD  1 
ATOM   1341 N  NE  . ARG A 1 169 ? 15.416  8.013   -8.063  1.00 50.03 ? 169 ARG A NE  1 
ATOM   1342 C  CZ  . ARG A 1 169 ? 16.281  8.350   -9.026  1.00 38.71 ? 169 ARG A CZ  1 
ATOM   1343 N  NH1 . ARG A 1 169 ? 15.974  8.200   -10.315 1.00 50.60 ? 169 ARG A NH1 1 
ATOM   1344 N  NH2 . ARG A 1 169 ? 17.465  8.873   -8.725  1.00 46.38 ? 169 ARG A NH2 1 
ATOM   1345 N  N   . PRO A 1 170 ? 12.137  9.856   -3.086  1.00 15.46 ? 170 PRO A N   1 
ATOM   1346 C  CA  . PRO A 1 170 ? 10.920  10.582  -2.709  1.00 13.61 ? 170 PRO A CA  1 
ATOM   1347 C  C   . PRO A 1 170 ? 9.843   10.472  -3.775  1.00 15.36 ? 170 PRO A C   1 
ATOM   1348 O  O   . PRO A 1 170 ? 10.029  10.881  -4.926  1.00 15.60 ? 170 PRO A O   1 
ATOM   1349 C  CB  . PRO A 1 170 ? 11.412  12.026  -2.551  1.00 14.50 ? 170 PRO A CB  1 
ATOM   1350 C  CG  . PRO A 1 170 ? 12.858  11.878  -2.184  1.00 19.58 ? 170 PRO A CG  1 
ATOM   1351 C  CD  . PRO A 1 170 ? 13.343  10.698  -2.960  1.00 18.83 ? 170 PRO A CD  1 
ATOM   1352 N  N   . LEU A 1 171 ? 8.718   9.898   -3.386  1.00 11.28 ? 171 LEU A N   1 
ATOM   1353 C  CA  . LEU A 1 171 ? 7.565   9.719   -4.263  1.00 9.55  ? 171 LEU A CA  1 
ATOM   1354 C  C   . LEU A 1 171 ? 6.494   10.715  -3.829  1.00 13.38 ? 171 LEU A C   1 
ATOM   1355 O  O   . LEU A 1 171 ? 5.786   10.480  -2.847  1.00 12.36 ? 171 LEU A O   1 
ATOM   1356 C  CB  . LEU A 1 171 ? 7.065   8.276   -4.184  1.00 7.50  ? 171 LEU A CB  1 
ATOM   1357 C  CG  . LEU A 1 171 ? 5.874   7.909   -5.084  1.00 11.17 ? 171 LEU A CG  1 
ATOM   1358 C  CD1 . LEU A 1 171 ? 6.222   8.092   -6.555  1.00 10.90 ? 171 LEU A CD1 1 
ATOM   1359 C  CD2 . LEU A 1 171 ? 5.427   6.471   -4.796  1.00 9.91  ? 171 LEU A CD2 1 
ATOM   1360 N  N   . TYR A 1 172 ? 6.381   11.828  -4.563  1.00 15.33 ? 172 TYR A N   1 
ATOM   1361 C  CA  . TYR A 1 172 ? 5.466   12.901  -4.196  1.00 15.49 ? 172 TYR A CA  1 
ATOM   1362 C  C   . TYR A 1 172 ? 4.062   12.606  -4.684  1.00 13.36 ? 172 TYR A C   1 
ATOM   1363 O  O   . TYR A 1 172 ? 3.865   12.235  -5.845  1.00 16.43 ? 172 TYR A O   1 
ATOM   1364 C  CB  . TYR A 1 172 ? 5.917   14.234  -4.797  1.00 14.14 ? 172 TYR A CB  1 
ATOM   1365 C  CG  . TYR A 1 172 ? 7.045   14.879  -4.058  1.00 17.06 ? 172 TYR A CG  1 
ATOM   1366 C  CD1 . TYR A 1 172 ? 8.366   14.572  -4.364  1.00 20.54 ? 172 TYR A CD1 1 
ATOM   1367 C  CD2 . TYR A 1 172 ? 6.798   15.798  -3.048  1.00 19.41 ? 172 TYR A CD2 1 
ATOM   1368 C  CE1 . TYR A 1 172 ? 9.409   15.166  -3.683  1.00 22.59 ? 172 TYR A CE1 1 
ATOM   1369 C  CE2 . TYR A 1 172 ? 7.834   16.385  -2.357  1.00 17.00 ? 172 TYR A CE2 1 
ATOM   1370 C  CZ  . TYR A 1 172 ? 9.132   16.073  -2.683  1.00 27.05 ? 172 TYR A CZ  1 
ATOM   1371 O  OH  . TYR A 1 172 ? 10.159  16.668  -1.992  1.00 25.71 ? 172 TYR A OH  1 
ATOM   1372 N  N   . ARG A 1 173 ? 3.082   12.819  -3.819  1.00 10.76 ? 173 ARG A N   1 
ATOM   1373 C  CA  . ARG A 1 173 ? 1.725   12.816  -4.318  1.00 15.13 ? 173 ARG A CA  1 
ATOM   1374 C  C   . ARG A 1 173 ? 1.462   14.162  -4.985  1.00 20.40 ? 173 ARG A C   1 
ATOM   1375 O  O   . ARG A 1 173 ? 1.155   14.184  -6.178  1.00 25.68 ? 173 ARG A O   1 
ATOM   1376 C  CB  . ARG A 1 173 ? 0.713   12.549  -3.223  1.00 12.21 ? 173 ARG A CB  1 
ATOM   1377 C  CG  . ARG A 1 173 ? -0.712  12.522  -3.802  1.00 15.34 ? 173 ARG A CG  1 
ATOM   1378 C  CD  . ARG A 1 173 ? -1.742  12.178  -2.759  1.00 14.45 ? 173 ARG A CD  1 
ATOM   1379 N  NE  . ARG A 1 173 ? -3.105  12.383  -3.248  1.00 13.88 ? 173 ARG A NE  1 
ATOM   1380 C  CZ  . ARG A 1 173 ? -4.168  12.393  -2.453  1.00 16.03 ? 173 ARG A CZ  1 
ATOM   1381 N  NH1 . ARG A 1 173 ? -3.997  12.227  -1.150  1.00 13.33 ? 173 ARG A NH1 1 
ATOM   1382 N  NH2 . ARG A 1 173 ? -5.390  12.584  -2.955  1.00 15.31 ? 173 ARG A NH2 1 
HETATM 1383 ZN ZN  . ZN  B 2 .   ? 5.276   -6.125  1.059   1.00 14.95 ? 201 ZN  A ZN  1 
HETATM 1384 C  C1  . GOL C 3 .   ? 6.685   -6.954  3.326   1.00 25.11 ? 202 GOL A C1  1 
HETATM 1385 O  O1  . GOL C 3 .   ? 5.901   -6.090  4.096   1.00 24.15 ? 202 GOL A O1  1 
HETATM 1386 C  C2  . GOL C 3 .   ? 5.778   -7.947  2.644   1.00 32.99 ? 202 GOL A C2  1 
HETATM 1387 O  O2  . GOL C 3 .   ? 6.213   -8.114  1.315   1.00 22.46 ? 202 GOL A O2  1 
HETATM 1388 C  C3  . GOL C 3 .   ? 5.779   -9.254  3.430   1.00 46.57 ? 202 GOL A C3  1 
HETATM 1389 O  O3  . GOL C 3 .   ? 4.938   -9.133  4.564   1.00 38.44 ? 202 GOL A O3  1 
HETATM 1390 O  O   . HOH D 4 .   ? 9.788   -3.925  2.431   1.00 30.63 ? 301 HOH A O   1 
HETATM 1391 O  O   . HOH D 4 .   ? -0.806  9.189   5.396   1.00 17.02 ? 302 HOH A O   1 
HETATM 1392 O  O   . HOH D 4 .   ? -1.289  3.101   -19.664 1.00 28.61 ? 303 HOH A O   1 
HETATM 1393 O  O   . HOH D 4 .   ? 8.176   10.680  -11.444 1.00 18.59 ? 304 HOH A O   1 
HETATM 1394 O  O   . HOH D 4 .   ? 10.034  5.639   -3.936  1.00 13.90 ? 305 HOH A O   1 
HETATM 1395 O  O   . HOH D 4 .   ? 17.002  -6.504  -10.351 1.00 35.01 ? 306 HOH A O   1 
HETATM 1396 O  O   . HOH D 4 .   ? 10.948  1.779   8.397   1.00 28.31 ? 307 HOH A O   1 
HETATM 1397 O  O   . HOH D 4 .   ? 8.694   4.523   9.168   1.00 17.01 ? 308 HOH A O   1 
HETATM 1398 O  O   . HOH D 4 .   ? -5.493  13.139  1.531   1.00 27.43 ? 309 HOH A O   1 
HETATM 1399 O  O   . HOH D 4 .   ? -5.457  -2.282  15.214  1.00 16.69 ? 310 HOH A O   1 
HETATM 1400 O  O   . HOH D 4 .   ? -1.820  -5.394  -15.024 1.00 28.78 ? 311 HOH A O   1 
HETATM 1401 O  O   . HOH D 4 .   ? -10.198 6.354   17.454  1.00 21.25 ? 312 HOH A O   1 
HETATM 1402 O  O   . HOH D 4 .   ? 3.702   5.835   -19.288 1.00 38.82 ? 313 HOH A O   1 
HETATM 1403 O  O   . HOH D 4 .   ? 7.124   -2.233  -19.104 1.00 29.55 ? 314 HOH A O   1 
HETATM 1404 O  O   . HOH D 4 .   ? 9.948   0.101   -19.098 1.00 32.69 ? 315 HOH A O   1 
HETATM 1405 O  O   . HOH D 4 .   ? 10.696  -4.790  -15.927 1.00 18.32 ? 316 HOH A O   1 
HETATM 1406 O  O   . HOH D 4 .   ? -0.975  -16.277 -7.731  1.00 39.11 ? 317 HOH A O   1 
HETATM 1407 O  O   . HOH D 4 .   ? 6.392   -4.001  8.868   1.00 14.20 ? 318 HOH A O   1 
HETATM 1408 O  O   . HOH D 4 .   ? 2.636   9.803   14.024  1.00 35.10 ? 319 HOH A O   1 
HETATM 1409 O  O   . HOH D 4 .   ? -16.521 7.626   -1.611  1.00 43.83 ? 320 HOH A O   1 
HETATM 1410 O  O   . HOH D 4 .   ? 4.958   -1.769  10.264  1.00 13.70 ? 321 HOH A O   1 
HETATM 1411 O  O   . HOH D 4 .   ? 12.066  12.088  -6.251  1.00 28.16 ? 322 HOH A O   1 
HETATM 1412 O  O   . HOH D 4 .   ? -21.735 0.274   4.882   1.00 39.11 ? 323 HOH A O   1 
HETATM 1413 O  O   . HOH D 4 .   ? -7.444  1.214   17.222  1.00 31.84 ? 324 HOH A O   1 
HETATM 1414 O  O   . HOH D 4 .   ? 13.292  1.539   -9.046  1.00 13.77 ? 325 HOH A O   1 
HETATM 1415 O  O   . HOH D 4 .   ? -3.830  -5.773  -13.219 1.00 29.83 ? 326 HOH A O   1 
HETATM 1416 O  O   . HOH D 4 .   ? -3.707  11.710  -6.004  1.00 24.34 ? 327 HOH A O   1 
HETATM 1417 O  O   . HOH D 4 .   ? 5.966   10.058  10.981  1.00 21.87 ? 328 HOH A O   1 
HETATM 1418 O  O   . HOH D 4 .   ? 13.292  -11.540 -5.845  1.00 39.64 ? 329 HOH A O   1 
HETATM 1419 O  O   . HOH D 4 .   ? -6.132  -9.254  15.665  1.00 28.67 ? 330 HOH A O   1 
HETATM 1420 O  O   . HOH D 4 .   ? -4.404  9.471   0.332   1.00 15.65 ? 331 HOH A O   1 
HETATM 1421 O  O   . HOH D 4 .   ? -11.065 7.562   13.344  1.00 14.13 ? 332 HOH A O   1 
HETATM 1422 O  O   . HOH D 4 .   ? -0.659  14.640  6.083   1.00 45.76 ? 333 HOH A O   1 
HETATM 1423 O  O   . HOH D 4 .   ? -5.836  5.265   -10.282 1.00 15.95 ? 334 HOH A O   1 
HETATM 1424 O  O   . HOH D 4 .   ? 8.855   -11.384 -13.899 1.00 37.09 ? 335 HOH A O   1 
HETATM 1425 O  O   . HOH D 4 .   ? -10.400 7.820   10.721  1.00 15.45 ? 336 HOH A O   1 
HETATM 1426 O  O   . HOH D 4 .   ? 12.585  -3.207  -3.382  1.00 14.69 ? 337 HOH A O   1 
HETATM 1427 O  O   . HOH D 4 .   ? 4.132   9.726   -17.739 1.00 17.06 ? 338 HOH A O   1 
HETATM 1428 O  O   . HOH D 4 .   ? 10.883  -10.704 9.952   1.00 25.49 ? 339 HOH A O   1 
HETATM 1429 O  O   . HOH D 4 .   ? 10.171  8.913   14.994  1.00 35.52 ? 340 HOH A O   1 
HETATM 1430 O  O   . HOH D 4 .   ? 13.140  0.775   -19.206 1.00 36.94 ? 341 HOH A O   1 
HETATM 1431 O  O   . HOH D 4 .   ? -15.397 6.156   -6.956  1.00 39.11 ? 342 HOH A O   1 
HETATM 1432 O  O   . HOH D 4 .   ? 12.364  -7.450  4.366   1.00 28.80 ? 343 HOH A O   1 
HETATM 1433 O  O   . HOH D 4 .   ? -11.300 -7.087  -4.319  1.00 16.83 ? 344 HOH A O   1 
HETATM 1434 O  O   . HOH D 4 .   ? -4.439  -13.793 -8.071  1.00 32.56 ? 345 HOH A O   1 
HETATM 1435 O  O   . HOH D 4 .   ? 8.084   -2.802  -1.949  1.00 13.90 ? 346 HOH A O   1 
HETATM 1436 O  O   . HOH D 4 .   ? 9.385   18.410  0.037   1.00 31.91 ? 347 HOH A O   1 
HETATM 1437 O  O   . HOH D 4 .   ? 7.547   -8.934  -14.687 1.00 36.35 ? 348 HOH A O   1 
HETATM 1438 O  O   . HOH D 4 .   ? -2.842  -6.918  18.425  1.00 42.25 ? 349 HOH A O   1 
HETATM 1439 O  O   . HOH D 4 .   ? 2.207   1.503   16.109  1.00 22.92 ? 350 HOH A O   1 
HETATM 1440 O  O   . HOH D 4 .   ? -10.246 7.511   -5.097  1.00 29.56 ? 351 HOH A O   1 
HETATM 1441 O  O   . HOH D 4 .   ? -6.826  9.007   -1.126  1.00 16.96 ? 352 HOH A O   1 
HETATM 1442 O  O   . HOH D 4 .   ? 12.827  10.308  -15.727 1.00 21.41 ? 353 HOH A O   1 
HETATM 1443 O  O   . HOH D 4 .   ? 14.364  -1.364  11.071  1.00 24.49 ? 354 HOH A O   1 
HETATM 1444 O  O   . HOH D 4 .   ? 13.141  -13.579 6.610   1.00 46.26 ? 355 HOH A O   1 
HETATM 1445 O  O   . HOH D 4 .   ? -1.862  -5.869  1.864   1.00 13.45 ? 356 HOH A O   1 
HETATM 1446 O  O   . HOH D 4 .   ? -12.410 -7.270  -1.589  1.00 16.32 ? 357 HOH A O   1 
HETATM 1447 O  O   . HOH D 4 .   ? 4.538   -3.320  -20.518 1.00 41.02 ? 358 HOH A O   1 
HETATM 1448 O  O   . HOH D 4 .   ? -7.921  11.552  -7.236  1.00 31.89 ? 359 HOH A O   1 
HETATM 1449 O  O   . HOH D 4 .   ? 16.704  3.155   -6.382  1.00 40.28 ? 360 HOH A O   1 
HETATM 1450 O  O   . HOH D 4 .   ? -16.587 1.658   13.832  1.00 38.90 ? 361 HOH A O   1 
HETATM 1451 O  O   . HOH D 4 .   ? 5.323   19.804  -2.246  1.00 35.87 ? 362 HOH A O   1 
HETATM 1452 O  O   . HOH D 4 .   ? 2.337   -15.787 -5.648  1.00 36.97 ? 363 HOH A O   1 
HETATM 1453 O  O   . HOH D 4 .   ? -4.189  15.296  0.402   1.00 27.35 ? 364 HOH A O   1 
HETATM 1454 O  O   . HOH D 4 .   ? -1.859  18.643  1.318   1.00 35.04 ? 365 HOH A O   1 
HETATM 1455 O  O   . HOH D 4 .   ? 1.422   18.132  -15.915 1.00 15.31 ? 366 HOH A O   1 
HETATM 1456 O  O   . HOH D 4 .   ? 12.866  15.851  -2.406  1.00 43.41 ? 367 HOH A O   1 
HETATM 1457 O  O   . HOH D 4 .   ? 3.146   -17.700 -8.966  1.00 35.02 ? 368 HOH A O   1 
HETATM 1458 O  O   . HOH D 4 .   ? -12.819 -7.693  12.558  1.00 27.40 ? 369 HOH A O   1 
HETATM 1459 O  O   . HOH D 4 .   ? 10.270  -2.316  -17.352 1.00 19.25 ? 370 HOH A O   1 
HETATM 1460 O  O   . HOH D 4 .   ? 8.542   4.320   21.331  1.00 42.04 ? 371 HOH A O   1 
HETATM 1461 O  O   . HOH D 4 .   ? -17.437 5.481   0.275   1.00 38.67 ? 372 HOH A O   1 
HETATM 1462 O  O   . HOH D 4 .   ? -6.307  -12.845 6.621   1.00 38.45 ? 373 HOH A O   1 
HETATM 1463 O  O   . HOH D 4 .   ? 10.708  -13.257 -7.927  1.00 26.42 ? 374 HOH A O   1 
HETATM 1464 O  O   . HOH D 4 .   ? -12.402 12.462  0.228   1.00 33.03 ? 375 HOH A O   1 
HETATM 1465 O  O   . HOH D 4 .   ? -7.358  11.771  -1.019  1.00 21.26 ? 376 HOH A O   1 
HETATM 1466 O  O   . HOH D 4 .   ? 8.386   -14.248 -9.772  1.00 33.12 ? 377 HOH A O   1 
HETATM 1467 O  O   . HOH D 4 .   ? 8.451   11.585  4.472   1.00 33.93 ? 378 HOH A O   1 
HETATM 1468 O  O   . HOH D 4 .   ? -14.402 -6.456  -10.021 1.00 18.31 ? 379 HOH A O   1 
HETATM 1469 O  O   . HOH D 4 .   ? 9.323   -4.878  -9.190  1.00 17.75 ? 380 HOH A O   1 
HETATM 1470 O  O   . HOH D 4 .   ? 8.814   0.670   2.442   1.00 13.31 ? 381 HOH A O   1 
HETATM 1471 O  O   . HOH D 4 .   ? -1.647  9.519   -15.875 1.00 13.71 ? 382 HOH A O   1 
HETATM 1472 O  O   . HOH D 4 .   ? 10.286  10.891  8.277   1.00 36.63 ? 383 HOH A O   1 
HETATM 1473 O  O   . HOH D 4 .   ? 2.854   -9.023  -12.237 1.00 17.72 ? 384 HOH A O   1 
HETATM 1474 O  O   . HOH D 4 .   ? -3.016  -9.797  -12.602 1.00 20.04 ? 385 HOH A O   1 
HETATM 1475 O  O   . HOH D 4 .   ? -11.163 12.203  3.535   1.00 37.24 ? 386 HOH A O   1 
HETATM 1476 O  O   . HOH D 4 .   ? -18.645 1.411   -9.511  1.00 34.41 ? 387 HOH A O   1 
HETATM 1477 O  O   . HOH D 4 .   ? -14.673 -5.606  12.579  1.00 27.48 ? 388 HOH A O   1 
HETATM 1478 O  O   . HOH D 4 .   ? -5.108  -13.349 -3.754  1.00 24.07 ? 389 HOH A O   1 
HETATM 1479 O  O   . HOH D 4 .   ? -13.363 5.811   13.579  1.00 28.57 ? 390 HOH A O   1 
HETATM 1480 O  O   . HOH D 4 .   ? 1.570   8.933   -16.143 1.00 17.17 ? 391 HOH A O   1 
HETATM 1481 O  O   . HOH D 4 .   ? 7.953   15.608  -19.948 1.00 47.83 ? 392 HOH A O   1 
HETATM 1482 O  O   . HOH D 4 .   ? 7.961   11.840  -7.041  1.00 17.76 ? 393 HOH A O   1 
HETATM 1483 O  O   . HOH D 4 .   ? -5.381  1.913   -12.777 1.00 20.06 ? 394 HOH A O   1 
HETATM 1484 O  O   . HOH D 4 .   ? 7.547   -6.223  19.147  1.00 29.93 ? 395 HOH A O   1 
HETATM 1485 O  O   . HOH D 4 .   ? -20.359 -3.316  -9.111  1.00 18.36 ? 396 HOH A O   1 
HETATM 1486 O  O   . HOH D 4 .   ? 17.735  0.453   -6.211  1.00 34.05 ? 397 HOH A O   1 
HETATM 1487 O  O   . HOH D 4 .   ? 13.248  -6.242  11.739  1.00 27.31 ? 398 HOH A O   1 
HETATM 1488 O  O   . HOH D 4 .   ? -10.168 -11.326 -10.028 1.00 24.13 ? 399 HOH A O   1 
HETATM 1489 O  O   . HOH D 4 .   ? -12.245 5.602   -7.001  1.00 28.96 ? 400 HOH A O   1 
HETATM 1490 O  O   . HOH D 4 .   ? -13.307 6.278   -4.391  1.00 16.83 ? 401 HOH A O   1 
HETATM 1491 O  O   . HOH D 4 .   ? 10.769  -5.287  5.091   1.00 27.38 ? 402 HOH A O   1 
HETATM 1492 O  O   . HOH D 4 .   ? 14.637  4.946   14.582  1.00 42.83 ? 403 HOH A O   1 
HETATM 1493 O  O   . HOH D 4 .   ? 0.627   10.743  9.998   1.00 25.60 ? 404 HOH A O   1 
HETATM 1494 O  O   . HOH D 4 .   ? 5.164   14.342  -11.411 1.00 30.02 ? 405 HOH A O   1 
HETATM 1495 O  O   . HOH D 4 .   ? 19.682  -2.307  -15.910 1.00 42.60 ? 406 HOH A O   1 
HETATM 1496 O  O   . HOH D 4 .   ? 2.811   -1.173  16.990  1.00 25.98 ? 407 HOH A O   1 
HETATM 1497 O  O   . HOH D 4 .   ? -5.432  9.558   -8.796  1.00 25.35 ? 408 HOH A O   1 
HETATM 1498 O  O   . HOH D 4 .   ? 5.863   15.285  -8.679  1.00 36.75 ? 409 HOH A O   1 
HETATM 1499 O  O   . HOH D 4 .   ? 5.279   11.892  6.343   1.00 37.83 ? 410 HOH A O   1 
HETATM 1500 O  O   . HOH D 4 .   ? 7.913   -4.249  -17.192 1.00 18.90 ? 411 HOH A O   1 
HETATM 1501 O  O   . HOH D 4 .   ? -17.119 2.703   -3.440  1.00 18.17 ? 412 HOH A O   1 
HETATM 1502 O  O   . HOH D 4 .   ? 13.340  11.195  -21.569 1.00 36.36 ? 413 HOH A O   1 
HETATM 1503 O  O   . HOH D 4 .   ? 11.718  11.485  -9.141  1.00 39.83 ? 414 HOH A O   1 
HETATM 1504 O  O   . HOH D 4 .   ? 11.855  4.658   7.901   1.00 33.43 ? 415 HOH A O   1 
HETATM 1505 O  O   . HOH D 4 .   ? 9.405   -3.932  18.360  1.00 24.38 ? 416 HOH A O   1 
HETATM 1506 O  O   . HOH D 4 .   ? -10.745 -5.576  -14.577 1.00 29.49 ? 417 HOH A O   1 
HETATM 1507 O  O   . HOH D 4 .   ? 1.249   7.158   -18.350 1.00 29.41 ? 418 HOH A O   1 
HETATM 1508 O  O   . HOH D 4 .   ? -6.366  13.218  -5.747  1.00 44.54 ? 419 HOH A O   1 
HETATM 1509 O  O   . HOH D 4 .   ? -1.123  6.884   18.228  1.00 44.92 ? 420 HOH A O   1 
HETATM 1510 O  O   . HOH D 4 .   ? 17.925  5.201   -2.904  1.00 32.74 ? 421 HOH A O   1 
HETATM 1511 O  O   . HOH D 4 .   ? 9.672   -15.876 -6.287  1.00 35.62 ? 422 HOH A O   1 
HETATM 1512 O  O   . HOH D 4 .   ? -7.332  5.855   18.136  1.00 28.05 ? 423 HOH A O   1 
HETATM 1513 O  O   . HOH D 4 .   ? -13.104 -13.694 -3.423  1.00 30.97 ? 424 HOH A O   1 
HETATM 1514 O  O   . HOH D 4 .   ? -2.996  -14.566 13.964  1.00 33.14 ? 425 HOH A O   1 
HETATM 1515 O  O   . HOH D 4 .   ? -19.622 3.703   8.233   1.00 30.74 ? 426 HOH A O   1 
HETATM 1516 O  O   . HOH D 4 .   ? -2.643  -15.204 -6.070  1.00 46.17 ? 427 HOH A O   1 
HETATM 1517 O  O   . HOH D 4 .   ? 6.883   15.010  2.793   1.00 22.38 ? 428 HOH A O   1 
HETATM 1518 O  O   . HOH D 4 .   ? -1.454  -14.431 -0.811  1.00 32.80 ? 429 HOH A O   1 
HETATM 1519 O  O   . HOH D 4 .   ? -5.783  -9.661  3.702   1.00 37.05 ? 430 HOH A O   1 
HETATM 1520 O  O   . HOH D 4 .   ? 12.693  -3.959  -18.115 1.00 38.83 ? 431 HOH A O   1 
HETATM 1521 O  O   . HOH D 4 .   ? 5.281   -16.230 7.773   1.00 44.85 ? 432 HOH A O   1 
HETATM 1522 O  O   . HOH D 4 .   ? 2.563   11.917  5.844   1.00 31.57 ? 433 HOH A O   1 
HETATM 1523 O  O   . HOH D 4 .   ? 1.462   -14.602 -3.307  1.00 22.93 ? 434 HOH A O   1 
HETATM 1524 O  O   . HOH D 4 .   ? 0.118   12.229  4.952   1.00 26.77 ? 435 HOH A O   1 
HETATM 1525 O  O   . HOH D 4 .   ? 18.714  1.186   -10.422 1.00 30.67 ? 436 HOH A O   1 
HETATM 1526 O  O   . HOH D 4 .   ? 14.640  -1.097  13.831  1.00 26.58 ? 437 HOH A O   1 
HETATM 1527 O  O   . HOH D 4 .   ? -3.246  -1.782  17.653  1.00 29.85 ? 438 HOH A O   1 
HETATM 1528 O  O   . HOH D 4 .   ? -16.892 -7.116  4.803   1.00 34.34 ? 439 HOH A O   1 
HETATM 1529 O  O   . HOH D 4 .   ? 2.448   17.083  -5.854  1.00 37.81 ? 440 HOH A O   1 
HETATM 1530 O  O   . HOH D 4 .   ? -5.124  0.651   -15.513 1.00 33.88 ? 441 HOH A O   1 
HETATM 1531 O  O   . HOH D 4 .   ? -6.184  3.410   18.268  1.00 36.69 ? 442 HOH A O   1 
HETATM 1532 O  O   . HOH D 4 .   ? -4.209  -12.231 -10.983 1.00 39.53 ? 443 HOH A O   1 
HETATM 1533 O  O   . HOH D 4 .   ? 7.133   13.375  -12.048 1.00 34.91 ? 444 HOH A O   1 
HETATM 1534 O  O   . HOH D 4 .   ? -7.153  4.150   -12.402 1.00 29.20 ? 445 HOH A O   1 
HETATM 1535 O  O   . HOH D 4 .   ? -9.487  12.173  -3.594  1.00 40.29 ? 446 HOH A O   1 
HETATM 1536 O  O   . HOH D 4 .   ? -19.704 -6.434  7.093   1.00 38.34 ? 447 HOH A O   1 
HETATM 1537 O  O   . HOH D 4 .   ? -6.616  11.657  -9.735  1.00 47.55 ? 448 HOH A O   1 
HETATM 1538 O  O   . HOH D 4 .   ? 15.068  6.242   8.314   1.00 39.50 ? 449 HOH A O   1 
HETATM 1539 O  O   . HOH D 4 .   ? 7.173   17.587  1.543   1.00 34.50 ? 450 HOH A O   1 
HETATM 1540 O  O   . HOH D 4 .   ? -17.335 -4.883  -12.178 1.00 34.33 ? 451 HOH A O   1 
HETATM 1541 O  O   . HOH D 4 .   ? -1.839  12.205  7.679   1.00 30.94 ? 452 HOH A O   1 
HETATM 1542 O  O   . HOH D 4 .   ? -0.692  -16.128 -2.323  1.00 36.63 ? 453 HOH A O   1 
HETATM 1543 O  O   . HOH D 4 .   ? -2.853  1.585   -19.307 1.00 33.51 ? 454 HOH A O   1 
HETATM 1544 O  O   . HOH D 4 .   ? 6.314   -5.600  21.288  1.00 48.43 ? 455 HOH A O   1 
HETATM 1545 O  O   . HOH D 4 .   ? 8.743   20.141  -1.178  1.00 42.88 ? 456 HOH A O   1 
HETATM 1546 O  O   . HOH D 4 .   ? 5.627   -5.891  -20.623 1.00 44.94 ? 457 HOH A O   1 
HETATM 1547 O  O   . HOH D 4 .   ? 5.363   17.327  -10.660 1.00 55.04 ? 458 HOH A O   1 
HETATM 1548 O  O   . HOH D 4 .   ? 9.455   13.866  -8.119  1.00 47.49 ? 459 HOH A O   1 
HETATM 1549 O  O   . HOH D 4 .   ? -4.910  -8.563  -13.863 1.00 43.24 ? 460 HOH A O   1 
HETATM 1550 O  O   . HOH D 4 .   ? -6.890  -12.353 4.534   1.00 32.49 ? 461 HOH A O   1 
HETATM 1551 O  O   . HOH D 4 .   ? 3.492   11.392  11.262  1.00 43.00 ? 462 HOH A O   1 
HETATM 1552 O  O   . HOH D 4 .   ? 1.331   -11.720 -13.355 1.00 38.05 ? 463 HOH A O   1 
HETATM 1553 O  O   . HOH D 4 .   ? -1.173  -10.575 -14.414 1.00 36.68 ? 464 HOH A O   1 
HETATM 1554 O  O   . HOH D 4 .   ? -12.070 13.005  -2.359  1.00 44.80 ? 465 HOH A O   1 
HETATM 1555 O  O   . HOH D 4 .   ? -9.595  2.365   19.187  1.00 47.98 ? 466 HOH A O   1 
HETATM 1556 O  O   . HOH D 4 .   ? 13.326  14.401  -5.141  1.00 39.92 ? 467 HOH A O   1 
HETATM 1557 O  O   . HOH D 4 .   ? 14.913  15.001  -3.442  1.00 48.31 ? 468 HOH A O   1 
# 
